data_6DXW
#
_entry.id   6DXW
#
_cell.length_a   87.909
_cell.length_b   140.011
_cell.length_c   90.123
_cell.angle_alpha   90.00
_cell.angle_beta   115.20
_cell.angle_gamma   90.00
#
_symmetry.space_group_name_H-M   'P 1 21 1'
#
loop_
_entity.id
_entity.type
_entity.pdbx_description
1 polymer 'N-acylethanolamine-hydrolyzing acid amidase'
2 branched 2-acetamido-2-deoxy-beta-D-glucopyranose-(1-4)-2-acetamido-2-deoxy-beta-D-glucopyranose
3 branched alpha-L-fucopyranose-(1-6)-2-acetamido-2-deoxy-beta-D-glucopyranose
4 branched 2-acetamido-2-deoxy-beta-D-glucopyranose-(1-4)-[alpha-L-fucopyranose-(1-6)]2-acetamido-2-deoxy-beta-D-glucopyranose
5 non-polymer 2-acetamido-2-deoxy-beta-D-glucopyranose
6 non-polymer 'CHLORIDE ION'
7 water water
#
_entity_poly.entity_id   1
_entity_poly.type   'polypeptide(L)'
_entity_poly.pdbx_seq_one_letter_code
;DRHHHHHHKLSPPAAPRFNVSLDSVPELRWLPVLRHYDLDLVRAAMAQVIGDRVPKWVHVLIGKVVLELERFLPQPFTGE
IRGMCDFMNLSLADALLVNLAYESSVFATSIVAQDSRGHIYHGRNLDYPFGNVLRKLTVDVQFLKNGQIAFTGTTFIGYV
GLWTGQSPHKFTVSGDERDKGWWWENAIAALFRRHIPVSWLIRATLSESENFEAAVGKLAKTPLIADVYYIVGGTSPREG
VVITRNRDGPADIWPLDPLNGAWFRVETNYDHWKPAPKEDDRRTSAIKALNATGQANLSLEALFQILSVVPVYNNFTIYT
TVMSAGSPDKYMTRIRNPSRK
;
_entity_poly.pdbx_strand_id   A,B,C,D
#
loop_
_chem_comp.id
_chem_comp.type
_chem_comp.name
_chem_comp.formula
CL non-polymer 'CHLORIDE ION' 'Cl -1'
FUC L-saccharide, alpha linking alpha-L-fucopyranose 'C6 H12 O5'
NAG D-saccharide, beta linking 2-acetamido-2-deoxy-beta-D-glucopyranose 'C8 H15 N O6'
#
# COMPACT_ATOMS: atom_id res chain seq x y z
N SER A 11 -3.79 -7.33 38.45
CA SER A 11 -4.28 -6.62 37.27
C SER A 11 -3.32 -5.48 36.90
N PRO A 12 -3.17 -5.19 35.61
CA PRO A 12 -2.24 -4.14 35.20
C PRO A 12 -2.66 -2.78 35.70
N PRO A 13 -1.74 -1.98 36.25
CA PRO A 13 -2.08 -0.65 36.73
C PRO A 13 -2.25 0.34 35.59
N ALA A 14 -3.13 1.32 35.83
CA ALA A 14 -3.30 2.40 34.86
C ALA A 14 -2.07 3.30 34.85
N ALA A 15 -1.75 3.83 33.68
CA ALA A 15 -0.61 4.72 33.56
C ALA A 15 -0.90 6.02 34.32
N PRO A 16 0.13 6.65 34.87
CA PRO A 16 -0.10 7.95 35.50
C PRO A 16 -0.66 8.93 34.49
N ARG A 17 -1.56 9.80 34.94
CA ARG A 17 -2.21 10.76 34.08
C ARG A 17 -1.75 12.15 34.47
N PHE A 18 -1.40 12.94 33.48
CA PHE A 18 -0.95 14.31 33.68
C PHE A 18 -1.59 15.19 32.63
N ASN A 19 -1.58 16.49 32.92
CA ASN A 19 -2.04 17.52 32.02
C ASN A 19 -0.83 18.28 31.49
N VAL A 20 -0.93 18.72 30.25
CA VAL A 20 0.05 19.59 29.65
C VAL A 20 -0.73 20.69 28.99
N SER A 21 -0.40 21.93 29.32
CA SER A 21 -1.10 23.07 28.77
C SER A 21 -0.42 23.58 27.51
N LEU A 22 -1.17 23.67 26.42
CA LEU A 22 -0.64 24.22 25.20
C LEU A 22 -0.65 25.73 25.19
N ASP A 23 -1.21 26.35 26.23
CA ASP A 23 -1.17 27.79 26.37
C ASP A 23 0.18 28.24 26.91
N SER A 24 0.91 27.35 27.58
CA SER A 24 2.30 27.62 27.93
C SER A 24 3.17 27.40 26.70
N VAL A 25 4.26 28.15 26.62
CA VAL A 25 5.11 28.07 25.42
C VAL A 25 5.74 26.68 25.37
N PRO A 26 6.16 26.22 24.20
CA PRO A 26 6.72 24.86 24.12
C PRO A 26 7.87 24.60 25.07
N GLU A 27 8.74 25.58 25.30
CA GLU A 27 9.92 25.33 26.11
C GLU A 27 9.57 25.06 27.58
N LEU A 28 8.38 25.44 28.04
CA LEU A 28 8.03 25.27 29.45
C LEU A 28 6.85 24.33 29.70
N ARG A 29 6.17 23.87 28.64
CA ARG A 29 4.96 23.08 28.80
C ARG A 29 5.14 21.86 29.67
N TRP A 30 6.24 21.15 29.48
CA TRP A 30 6.44 19.86 30.13
C TRP A 30 7.06 19.97 31.50
N LEU A 31 7.52 21.15 31.89
CA LEU A 31 8.24 21.27 33.15
C LEU A 31 7.38 20.81 34.32
N PRO A 32 6.12 21.26 34.46
CA PRO A 32 5.30 20.77 35.58
C PRO A 32 5.21 19.26 35.65
N VAL A 33 5.24 18.57 34.51
CA VAL A 33 5.20 17.12 34.50
C VAL A 33 6.53 16.53 34.93
N LEU A 34 7.63 17.09 34.43
CA LEU A 34 8.95 16.54 34.71
C LEU A 34 9.24 16.56 36.19
N ARG A 35 8.72 17.57 36.91
CA ARG A 35 9.01 17.72 38.34
C ARG A 35 8.48 16.58 39.18
N HIS A 36 7.59 15.75 38.62
CA HIS A 36 7.09 14.57 39.33
C HIS A 36 8.03 13.37 39.20
N TYR A 37 9.16 13.51 38.52
CA TYR A 37 10.02 12.37 38.23
C TYR A 37 11.44 12.61 38.72
N ASP A 38 12.11 11.52 39.07
CA ASP A 38 13.52 11.54 39.45
C ASP A 38 14.33 11.71 38.17
N LEU A 39 14.82 12.93 37.93
CA LEU A 39 15.55 13.20 36.69
C LEU A 39 16.85 12.42 36.60
N ASP A 40 17.38 11.93 37.73
CA ASP A 40 18.52 11.03 37.66
C ASP A 40 18.14 9.76 36.91
N LEU A 41 16.94 9.23 37.20
CA LEU A 41 16.44 8.06 36.48
C LEU A 41 16.22 8.38 34.99
N VAL A 42 15.60 9.53 34.71
CA VAL A 42 15.31 9.89 33.33
C VAL A 42 16.61 10.06 32.54
N ARG A 43 17.58 10.79 33.12
CA ARG A 43 18.85 10.98 32.44
C ARG A 43 19.55 9.64 32.23
N ALA A 44 19.60 8.81 33.26
CA ALA A 44 20.19 7.48 33.12
C ALA A 44 19.54 6.70 32.00
N ALA A 45 18.20 6.80 31.88
CA ALA A 45 17.50 6.07 30.84
C ALA A 45 17.79 6.67 29.46
N MET A 46 17.78 8.00 29.36
CA MET A 46 18.09 8.64 28.09
C MET A 46 19.54 8.36 27.69
N ALA A 47 20.47 8.44 28.65
CA ALA A 47 21.87 8.15 28.35
C ALA A 47 22.04 6.73 27.85
N GLN A 48 21.27 5.79 28.40
CA GLN A 48 21.37 4.40 27.98
C GLN A 48 20.88 4.21 26.55
N VAL A 49 19.80 4.88 26.19
CA VAL A 49 19.23 4.69 24.85
C VAL A 49 20.17 5.20 23.78
N ILE A 50 20.79 6.36 24.01
CA ILE A 50 21.75 6.87 23.03
C ILE A 50 22.85 5.84 22.80
N GLY A 51 23.42 5.32 23.89
CA GLY A 51 24.49 4.35 23.77
C GLY A 51 24.02 3.04 23.16
N ASP A 52 22.74 2.71 23.34
CA ASP A 52 22.20 1.43 22.90
C ASP A 52 21.59 1.49 21.49
N ARG A 53 20.90 2.58 21.14
CA ARG A 53 20.08 2.60 19.94
C ARG A 53 20.58 3.52 18.83
N VAL A 54 21.43 4.48 19.13
CA VAL A 54 21.89 5.45 18.13
C VAL A 54 23.23 4.96 17.61
N PRO A 55 23.39 4.78 16.29
CA PRO A 55 24.70 4.36 15.78
C PRO A 55 25.75 5.42 16.08
N LYS A 56 27.00 4.97 16.17
CA LYS A 56 28.06 5.89 16.54
C LYS A 56 28.19 7.02 15.53
N TRP A 57 28.08 6.71 14.24
CA TRP A 57 28.26 7.74 13.23
C TRP A 57 27.13 8.76 13.28
N VAL A 58 25.92 8.33 13.62
CA VAL A 58 24.82 9.28 13.80
C VAL A 58 25.10 10.20 14.99
N HIS A 59 25.52 9.62 16.11
CA HIS A 59 25.79 10.43 17.30
C HIS A 59 26.84 11.49 17.00
N VAL A 60 27.92 11.12 16.31
CA VAL A 60 28.95 12.09 15.94
C VAL A 60 28.36 13.16 15.03
N LEU A 61 27.63 12.75 13.99
CA LEU A 61 27.13 13.68 12.99
C LEU A 61 26.17 14.69 13.61
N ILE A 62 25.12 14.19 14.27
CA ILE A 62 24.11 15.10 14.80
C ILE A 62 24.72 16.02 15.85
N GLY A 63 25.65 15.51 16.66
CA GLY A 63 26.30 16.36 17.64
C GLY A 63 26.90 17.61 17.05
N LYS A 64 27.38 17.53 15.80
CA LYS A 64 28.03 18.67 15.17
C LYS A 64 27.07 19.54 14.36
N VAL A 65 26.02 18.97 13.79
CA VAL A 65 25.16 19.68 12.84
C VAL A 65 23.78 19.96 13.43
N VAL A 66 23.58 19.69 14.72
CA VAL A 66 22.25 19.81 15.31
C VAL A 66 21.69 21.21 15.08
N LEU A 67 22.53 22.24 15.20
CA LEU A 67 22.04 23.60 15.04
C LEU A 67 21.61 23.89 13.60
N GLU A 68 22.34 23.35 12.62
CA GLU A 68 21.91 23.46 11.24
C GLU A 68 20.65 22.65 10.97
N LEU A 69 20.51 21.50 11.64
CA LEU A 69 19.33 20.68 11.48
C LEU A 69 18.11 21.33 12.12
N GLU A 70 18.31 22.05 13.23
CA GLU A 70 17.19 22.67 13.93
C GLU A 70 16.36 23.56 13.02
N ARG A 71 17.00 24.23 12.06
CA ARG A 71 16.26 25.11 11.15
C ARG A 71 15.16 24.35 10.42
N PHE A 72 15.39 23.08 10.10
CA PHE A 72 14.48 22.31 9.28
C PHE A 72 13.47 21.52 10.09
N LEU A 73 13.54 21.61 11.38
CA LEU A 73 12.61 20.87 12.21
C LEU A 73 11.42 21.74 12.56
N PRO A 74 10.29 21.11 12.82
CA PRO A 74 9.07 21.87 13.08
C PRO A 74 8.87 22.20 14.54
N GLN A 75 8.08 23.23 14.72
CA GLN A 75 7.56 23.64 15.99
C GLN A 75 6.18 22.98 16.18
N PRO A 76 5.79 22.76 17.43
CA PRO A 76 6.53 23.11 18.66
C PRO A 76 7.48 22.01 19.17
N PHE A 77 7.77 21.02 18.33
CA PHE A 77 8.53 19.86 18.79
C PHE A 77 9.95 20.25 19.21
N THR A 78 10.63 21.09 18.44
CA THR A 78 11.98 21.49 18.82
C THR A 78 11.98 22.25 20.13
N GLY A 79 11.06 23.21 20.28
CA GLY A 79 11.00 23.99 21.49
C GLY A 79 10.74 23.13 22.72
N GLU A 80 9.83 22.16 22.59
CA GLU A 80 9.58 21.27 23.73
C GLU A 80 10.82 20.46 24.05
N ILE A 81 11.53 19.97 23.03
CA ILE A 81 12.78 19.26 23.27
C ILE A 81 13.81 20.20 23.91
N ARG A 82 13.92 21.42 23.39
CA ARG A 82 14.84 22.39 23.98
C ARG A 82 14.49 22.64 25.44
N GLY A 83 13.20 22.72 25.77
CA GLY A 83 12.81 22.92 27.15
C GLY A 83 13.25 21.77 28.05
N MET A 84 13.13 20.54 27.56
CA MET A 84 13.62 19.39 28.31
C MET A 84 15.13 19.32 28.35
N CYS A 85 15.82 19.92 27.37
CA CYS A 85 17.27 20.01 27.43
C CYS A 85 17.72 20.77 28.67
N ASP A 86 17.25 22.00 28.80
CA ASP A 86 17.71 22.88 29.86
C ASP A 86 17.38 22.31 31.23
N PHE A 87 16.14 21.85 31.41
CA PHE A 87 15.72 21.38 32.71
C PHE A 87 16.45 20.11 33.15
N MET A 88 17.10 19.41 32.22
CA MET A 88 17.79 18.17 32.54
C MET A 88 19.29 18.23 32.30
N ASN A 89 19.82 19.39 31.92
CA ASN A 89 21.26 19.53 31.65
C ASN A 89 21.73 18.48 30.66
N LEU A 90 21.00 18.36 29.55
CA LEU A 90 21.38 17.50 28.45
C LEU A 90 21.55 18.32 27.18
N SER A 91 22.47 17.86 26.32
CA SER A 91 22.71 18.54 25.06
C SER A 91 21.48 18.44 24.16
N LEU A 92 21.30 19.46 23.32
CA LEU A 92 20.18 19.43 22.37
C LEU A 92 20.30 18.26 21.42
N ALA A 93 21.52 17.94 20.98
CA ALA A 93 21.70 16.82 20.07
C ALA A 93 21.24 15.52 20.70
N ASP A 94 21.60 15.29 21.96
CA ASP A 94 21.23 14.05 22.63
C ASP A 94 19.73 13.96 22.86
N ALA A 95 19.11 15.06 23.29
CA ALA A 95 17.66 15.08 23.49
C ALA A 95 16.92 14.82 22.18
N LEU A 96 17.43 15.36 21.07
CA LEU A 96 16.83 15.08 19.78
C LEU A 96 17.01 13.61 19.38
N LEU A 97 18.20 13.06 19.64
CA LEU A 97 18.48 11.69 19.23
C LEU A 97 17.60 10.69 19.98
N VAL A 98 17.39 10.87 21.28
CA VAL A 98 16.51 9.95 22.00
C VAL A 98 15.11 10.01 21.43
N ASN A 99 14.64 11.22 21.09
CA ASN A 99 13.31 11.38 20.51
C ASN A 99 13.21 10.78 19.13
N LEU A 100 14.33 10.58 18.44
CA LEU A 100 14.31 9.88 17.16
C LEU A 100 14.56 8.40 17.33
N ALA A 101 15.27 8.00 18.39
CA ALA A 101 15.58 6.59 18.58
C ALA A 101 14.32 5.78 18.82
N TYR A 102 13.31 6.35 19.47
CA TYR A 102 12.08 5.63 19.77
C TYR A 102 11.12 5.63 18.59
N GLU A 103 11.52 6.21 17.45
CA GLU A 103 10.75 6.12 16.22
C GLU A 103 10.96 4.78 15.51
N SER A 104 11.93 3.98 15.95
CA SER A 104 12.24 2.71 15.33
C SER A 104 12.46 1.68 16.41
N SER A 105 12.48 0.41 16.01
CA SER A 105 12.63 -0.71 16.93
C SER A 105 11.48 -0.79 17.91
N VAL A 106 10.33 -0.21 17.57
CA VAL A 106 9.13 -0.29 18.38
C VAL A 106 8.15 -1.18 17.64
N PHE A 107 7.75 -2.27 18.27
CA PHE A 107 6.81 -3.21 17.70
C PHE A 107 5.43 -2.94 18.27
N ALA A 108 4.41 -3.42 17.58
CA ALA A 108 3.05 -3.06 17.97
C ALA A 108 2.03 -4.01 17.37
N THR A 109 0.87 -4.05 18.02
CA THR A 109 -0.34 -4.62 17.46
C THR A 109 -1.42 -3.56 17.61
N SER A 110 -2.09 -3.22 16.52
CA SER A 110 -3.18 -2.26 16.53
C SER A 110 -4.43 -2.89 15.94
N ILE A 111 -5.58 -2.61 16.56
CA ILE A 111 -6.86 -3.17 16.15
C ILE A 111 -7.89 -2.05 16.11
N VAL A 112 -8.59 -1.93 14.99
CA VAL A 112 -9.75 -1.07 14.87
C VAL A 112 -10.93 -1.94 14.46
N ALA A 113 -12.06 -1.80 15.16
CA ALA A 113 -13.17 -2.72 14.96
C ALA A 113 -14.48 -2.00 15.17
N GLN A 114 -15.55 -2.59 14.62
CA GLN A 114 -16.89 -2.03 14.64
C GLN A 114 -17.84 -3.09 15.21
N ASP A 115 -18.63 -2.71 16.21
CA ASP A 115 -19.54 -3.66 16.84
C ASP A 115 -20.87 -3.72 16.06
N SER A 116 -21.80 -4.51 16.58
CA SER A 116 -23.05 -4.73 15.86
C SER A 116 -23.88 -3.46 15.70
N ARG A 117 -23.67 -2.46 16.54
CA ARG A 117 -24.38 -1.19 16.43
C ARG A 117 -23.66 -0.17 15.56
N GLY A 118 -22.51 -0.52 15.02
CA GLY A 118 -21.74 0.42 14.22
C GLY A 118 -20.82 1.32 15.00
N HIS A 119 -20.65 1.11 16.30
CA HIS A 119 -19.72 1.89 17.10
C HIS A 119 -18.30 1.39 16.91
N ILE A 120 -17.35 2.32 16.96
CA ILE A 120 -15.95 2.06 16.64
C ILE A 120 -15.14 1.88 17.92
N TYR A 121 -14.33 0.82 17.94
CA TYR A 121 -13.44 0.54 19.06
C TYR A 121 -12.01 0.44 18.53
N HIS A 122 -11.05 0.80 19.39
CA HIS A 122 -9.67 0.92 18.96
C HIS A 122 -8.75 0.51 20.11
N GLY A 123 -7.85 -0.43 19.84
CA GLY A 123 -6.92 -0.89 20.85
C GLY A 123 -5.56 -1.19 20.23
N ARG A 124 -4.53 -1.08 21.07
CA ARG A 124 -3.18 -1.31 20.58
C ARG A 124 -2.26 -1.74 21.72
N ASN A 125 -1.26 -2.54 21.37
CA ASN A 125 -0.12 -2.84 22.23
C ASN A 125 1.10 -2.16 21.66
N LEU A 126 2.00 -1.75 22.55
CA LEU A 126 3.30 -1.21 22.18
C LEU A 126 4.38 -2.04 22.85
N ASP A 127 5.33 -2.53 22.05
CA ASP A 127 6.37 -3.43 22.52
C ASP A 127 7.73 -2.80 22.22
N TYR A 128 8.66 -2.96 23.15
CA TYR A 128 10.03 -2.48 23.01
C TYR A 128 10.99 -3.61 23.38
N PRO A 129 11.79 -4.12 22.43
CA PRO A 129 12.52 -5.38 22.69
C PRO A 129 13.89 -5.21 23.32
N PHE A 130 14.08 -4.17 24.14
CA PHE A 130 15.36 -3.98 24.80
C PHE A 130 15.13 -3.67 26.27
N GLY A 131 16.16 -3.91 27.08
CA GLY A 131 16.10 -3.51 28.48
C GLY A 131 15.78 -2.04 28.54
N ASN A 132 14.82 -1.66 29.38
CA ASN A 132 14.30 -0.31 29.34
C ASN A 132 13.59 0.02 30.64
N VAL A 133 13.36 1.31 30.84
CA VAL A 133 12.53 1.80 31.93
C VAL A 133 11.30 2.51 31.39
N LEU A 134 10.89 2.16 30.16
CA LEU A 134 9.75 2.82 29.55
C LEU A 134 8.49 2.56 30.34
N ARG A 135 8.37 1.38 30.95
CA ARG A 135 7.18 1.07 31.74
C ARG A 135 7.02 2.04 32.90
N LYS A 136 8.13 2.49 33.48
CA LYS A 136 8.09 3.47 34.57
C LYS A 136 7.88 4.89 34.07
N LEU A 137 8.10 5.15 32.79
CA LEU A 137 7.99 6.50 32.25
C LEU A 137 6.77 6.70 31.35
N THR A 138 5.93 5.68 31.20
CA THR A 138 4.73 5.81 30.38
C THR A 138 3.68 6.62 31.11
N VAL A 139 3.05 7.54 30.37
CA VAL A 139 2.03 8.44 30.92
C VAL A 139 0.93 8.68 29.90
N ASP A 140 -0.28 8.86 30.41
CA ASP A 140 -1.39 9.40 29.63
C ASP A 140 -1.43 10.90 29.85
N VAL A 141 -1.38 11.68 28.77
CA VAL A 141 -1.29 13.12 28.84
C VAL A 141 -2.51 13.73 28.16
N GLN A 142 -3.16 14.66 28.85
CA GLN A 142 -4.24 15.46 28.27
C GLN A 142 -3.65 16.83 27.92
N PHE A 143 -3.70 17.17 26.64
CA PHE A 143 -3.17 18.44 26.17
C PHE A 143 -4.31 19.45 26.15
N LEU A 144 -4.15 20.53 26.90
CA LEU A 144 -5.22 21.49 27.12
C LEU A 144 -5.01 22.76 26.30
N LYS A 145 -6.12 23.27 25.78
CA LYS A 145 -6.18 24.59 25.14
C LYS A 145 -7.27 25.35 25.87
N ASN A 146 -6.89 26.44 26.52
CA ASN A 146 -7.83 27.27 27.27
C ASN A 146 -8.58 26.44 28.31
N GLY A 147 -7.85 25.54 28.98
CA GLY A 147 -8.44 24.69 30.00
C GLY A 147 -9.24 23.52 29.49
N GLN A 148 -9.43 23.39 28.17
CA GLN A 148 -10.21 22.31 27.59
C GLN A 148 -9.29 21.28 26.95
N ILE A 149 -9.70 20.01 27.02
CA ILE A 149 -8.92 18.93 26.45
C ILE A 149 -8.99 19.02 24.93
N ALA A 150 -7.86 19.33 24.32
CA ALA A 150 -7.77 19.32 22.87
C ALA A 150 -7.57 17.90 22.35
N PHE A 151 -6.73 17.13 23.02
CA PHE A 151 -6.52 15.73 22.66
C PHE A 151 -5.77 15.05 23.79
N THR A 152 -5.85 13.71 23.80
CA THR A 152 -5.18 12.89 24.78
C THR A 152 -4.17 12.00 24.07
N GLY A 153 -3.02 11.76 24.71
CA GLY A 153 -2.02 10.90 24.14
C GLY A 153 -1.30 10.10 25.21
N THR A 154 -0.68 9.01 24.76
CA THR A 154 0.18 8.19 25.59
C THR A 154 1.60 8.32 25.08
N THR A 155 2.54 8.58 25.98
CA THR A 155 3.93 8.78 25.59
C THR A 155 4.84 8.42 26.76
N PHE A 156 6.12 8.69 26.59
CA PHE A 156 7.12 8.48 27.64
C PHE A 156 7.67 9.82 28.06
N ILE A 157 7.96 9.97 29.35
CA ILE A 157 8.55 11.22 29.82
C ILE A 157 9.81 11.50 29.02
N GLY A 158 9.90 12.72 28.49
CA GLY A 158 11.02 13.13 27.65
C GLY A 158 10.79 12.97 26.16
N TYR A 159 9.70 12.32 25.75
CA TYR A 159 9.38 12.08 24.35
C TYR A 159 8.23 13.02 23.96
N VAL A 160 8.42 13.83 22.92
CA VAL A 160 7.42 14.82 22.55
C VAL A 160 6.44 14.32 21.49
N GLY A 161 6.73 13.21 20.83
CA GLY A 161 5.79 12.63 19.88
C GLY A 161 4.77 11.75 20.59
N LEU A 162 3.77 11.32 19.82
CA LEU A 162 2.72 10.45 20.32
C LEU A 162 2.56 9.27 19.38
N TRP A 163 2.79 8.06 19.89
CA TRP A 163 2.48 6.85 19.15
C TRP A 163 1.03 6.45 19.29
N THR A 164 0.32 7.01 20.26
CA THR A 164 -1.05 6.65 20.56
C THR A 164 -1.78 7.90 21.03
N GLY A 165 -3.00 8.10 20.56
CA GLY A 165 -3.71 9.30 20.96
C GLY A 165 -5.14 9.30 20.48
N GLN A 166 -5.89 10.27 21.02
CA GLN A 166 -7.32 10.41 20.77
C GLN A 166 -7.69 11.89 20.69
N SER A 167 -8.48 12.25 19.68
CA SER A 167 -9.11 13.56 19.62
C SER A 167 -10.58 13.39 19.99
N PRO A 168 -11.03 13.89 21.14
CA PRO A 168 -12.36 13.50 21.64
C PRO A 168 -13.47 13.81 20.65
N HIS A 169 -14.33 12.81 20.43
CA HIS A 169 -15.48 12.94 19.55
C HIS A 169 -15.08 13.18 18.10
N LYS A 170 -13.85 12.83 17.73
CA LYS A 170 -13.40 13.01 16.36
C LYS A 170 -12.74 11.75 15.83
N PHE A 171 -11.62 11.32 16.41
CA PHE A 171 -10.91 10.15 15.91
C PHE A 171 -9.86 9.70 16.91
N THR A 172 -9.44 8.44 16.75
CA THR A 172 -8.34 7.84 17.51
C THR A 172 -7.24 7.40 16.54
N VAL A 173 -6.00 7.39 17.02
CA VAL A 173 -4.86 7.08 16.16
C VAL A 173 -3.85 6.24 16.92
N SER A 174 -3.29 5.25 16.23
CA SER A 174 -2.12 4.54 16.75
C SER A 174 -1.19 4.23 15.59
N GLY A 175 0.10 4.20 15.89
CA GLY A 175 1.11 3.97 14.88
C GLY A 175 1.91 2.71 15.17
N ASP A 176 2.24 1.98 14.12
CA ASP A 176 3.08 0.80 14.17
C ASP A 176 4.25 0.99 13.21
N GLU A 177 5.46 0.66 13.64
CA GLU A 177 6.62 0.87 12.79
C GLU A 177 6.56 -0.04 11.56
N ARG A 178 7.04 0.49 10.43
CA ARG A 178 7.20 -0.27 9.19
C ARG A 178 8.68 -0.29 8.84
N ASP A 179 9.36 -1.38 9.19
CA ASP A 179 10.82 -1.44 9.10
C ASP A 179 11.24 -1.85 7.69
N LYS A 180 11.86 -0.92 6.95
CA LYS A 180 12.41 -1.20 5.63
C LYS A 180 13.93 -0.98 5.58
N GLY A 181 14.58 -0.89 6.74
CA GLY A 181 16.03 -0.75 6.78
C GLY A 181 16.48 0.66 6.49
N TRP A 182 17.76 0.92 6.77
CA TRP A 182 18.39 2.20 6.48
C TRP A 182 17.68 3.37 7.15
N TRP A 183 17.19 3.11 8.36
CA TRP A 183 16.34 4.09 9.02
C TRP A 183 17.05 5.43 9.17
N TRP A 184 18.24 5.42 9.75
CA TRP A 184 18.94 6.65 10.06
C TRP A 184 19.39 7.37 8.79
N GLU A 185 19.87 6.61 7.81
CA GLU A 185 20.30 7.24 6.56
C GLU A 185 19.16 8.02 5.93
N ASN A 186 18.00 7.38 5.77
CA ASN A 186 16.88 8.06 5.12
C ASN A 186 16.24 9.09 6.02
N ALA A 187 16.26 8.87 7.34
CA ALA A 187 15.61 9.81 8.25
C ALA A 187 16.35 11.15 8.27
N ILE A 188 17.68 11.12 8.35
CA ILE A 188 18.44 12.36 8.40
C ILE A 188 18.22 13.15 7.12
N ALA A 189 18.32 12.49 5.96
CA ALA A 189 18.07 13.18 4.71
C ALA A 189 16.64 13.73 4.64
N ALA A 190 15.68 12.96 5.14
CA ALA A 190 14.29 13.40 5.11
C ALA A 190 14.07 14.59 6.04
N LEU A 191 14.72 14.58 7.21
CA LEU A 191 14.58 15.71 8.13
C LEU A 191 15.09 17.00 7.47
N PHE A 192 16.22 16.93 6.79
CA PHE A 192 16.73 18.12 6.11
C PHE A 192 15.86 18.55 4.96
N ARG A 193 14.96 17.70 4.50
CA ARG A 193 13.97 18.05 3.49
C ARG A 193 12.62 18.39 4.10
N ARG A 194 12.58 18.62 5.42
CA ARG A 194 11.39 19.05 6.17
C ARG A 194 10.32 17.97 6.29
N HIS A 195 10.67 16.72 6.09
CA HIS A 195 9.79 15.65 6.53
C HIS A 195 9.84 15.57 8.05
N ILE A 196 8.83 14.95 8.64
CA ILE A 196 8.70 14.96 10.10
C ILE A 196 8.65 13.53 10.60
N PRO A 197 9.00 13.32 11.86
CA PRO A 197 8.89 11.98 12.45
C PRO A 197 7.45 11.48 12.45
N VAL A 198 7.31 10.15 12.40
CA VAL A 198 5.99 9.55 12.26
C VAL A 198 5.14 9.79 13.51
N SER A 199 5.75 9.78 14.69
CA SER A 199 5.00 10.05 15.92
C SER A 199 4.69 11.53 16.08
N TRP A 200 5.46 12.41 15.46
CA TRP A 200 5.14 13.82 15.50
C TRP A 200 3.95 14.14 14.60
N LEU A 201 3.83 13.43 13.47
CA LEU A 201 2.68 13.64 12.61
C LEU A 201 1.39 13.20 13.30
N ILE A 202 1.43 12.10 14.04
CA ILE A 202 0.25 11.69 14.81
C ILE A 202 -0.20 12.82 15.71
N ARG A 203 0.74 13.41 16.46
CA ARG A 203 0.39 14.48 17.39
C ARG A 203 -0.14 15.70 16.64
N ALA A 204 0.52 16.08 15.55
CA ALA A 204 0.04 17.21 14.75
C ALA A 204 -1.35 16.95 14.20
N THR A 205 -1.66 15.70 13.87
CA THR A 205 -3.00 15.38 13.38
C THR A 205 -4.03 15.49 14.51
N LEU A 206 -3.71 14.90 15.67
CA LEU A 206 -4.60 15.03 16.81
C LEU A 206 -4.87 16.48 17.16
N SER A 207 -3.90 17.37 16.91
CA SER A 207 -4.04 18.77 17.28
C SER A 207 -4.85 19.56 16.27
N GLU A 208 -4.70 19.25 14.98
CA GLU A 208 -5.22 20.10 13.92
C GLU A 208 -6.47 19.56 13.23
N SER A 209 -6.57 18.26 12.98
CA SER A 209 -7.61 17.75 12.10
C SER A 209 -9.00 17.83 12.75
N GLU A 210 -9.97 18.29 11.96
CA GLU A 210 -11.33 18.55 12.44
C GLU A 210 -12.20 17.30 12.50
N ASN A 211 -11.88 16.25 11.74
CA ASN A 211 -12.71 15.06 11.76
C ASN A 211 -11.90 13.88 11.23
N PHE A 212 -12.50 12.69 11.35
CA PHE A 212 -11.86 11.45 10.93
C PHE A 212 -11.38 11.54 9.48
N GLU A 213 -12.25 11.99 8.57
CA GLU A 213 -11.87 12.06 7.17
C GLU A 213 -10.65 12.95 6.97
N ALA A 214 -10.60 14.09 7.67
CA ALA A 214 -9.46 14.99 7.52
C ALA A 214 -8.19 14.39 8.12
N ALA A 215 -8.33 13.68 9.24
CA ALA A 215 -7.18 13.02 9.85
C ALA A 215 -6.58 11.98 8.92
N VAL A 216 -7.43 11.15 8.30
CA VAL A 216 -6.93 10.14 7.37
C VAL A 216 -6.15 10.81 6.24
N GLY A 217 -6.68 11.90 5.70
CA GLY A 217 -5.99 12.60 4.62
C GLY A 217 -4.64 13.12 5.08
N LYS A 218 -4.59 13.78 6.23
CA LYS A 218 -3.33 14.32 6.72
C LYS A 218 -2.32 13.21 7.02
N LEU A 219 -2.78 12.13 7.65
CA LEU A 219 -1.88 11.02 7.99
C LEU A 219 -1.42 10.27 6.75
N ALA A 220 -2.22 10.31 5.69
CA ALA A 220 -1.88 9.56 4.48
C ALA A 220 -0.88 10.32 3.61
N LYS A 221 -0.91 11.65 3.65
CA LYS A 221 -0.17 12.44 2.67
C LYS A 221 1.01 13.25 3.19
N THR A 222 1.13 13.48 4.48
CA THR A 222 2.18 14.39 4.94
C THR A 222 3.54 13.71 4.86
N PRO A 223 4.55 14.34 4.24
CA PRO A 223 5.85 13.68 4.07
C PRO A 223 6.45 13.26 5.41
N LEU A 224 6.97 12.04 5.45
CA LEU A 224 7.52 11.44 6.66
C LEU A 224 8.98 11.10 6.46
N ILE A 225 9.68 10.91 7.59
CA ILE A 225 11.08 10.51 7.54
C ILE A 225 11.27 9.01 7.51
N ALA A 226 10.21 8.23 7.64
CA ALA A 226 10.30 6.77 7.63
C ALA A 226 8.94 6.20 7.30
N ASP A 227 8.94 4.91 6.96
CA ASP A 227 7.69 4.19 6.73
C ASP A 227 7.01 3.88 8.06
N VAL A 228 5.71 3.66 8.00
CA VAL A 228 4.91 3.44 9.20
C VAL A 228 3.54 2.92 8.79
N TYR A 229 2.84 2.29 9.73
CA TYR A 229 1.41 2.01 9.62
C TYR A 229 0.65 2.92 10.57
N TYR A 230 -0.35 3.62 10.06
CA TYR A 230 -1.26 4.41 10.88
C TYR A 230 -2.61 3.71 10.94
N ILE A 231 -3.11 3.48 12.15
CA ILE A 231 -4.42 2.90 12.37
C ILE A 231 -5.29 4.00 12.94
N VAL A 232 -6.41 4.28 12.28
CA VAL A 232 -7.28 5.41 12.61
C VAL A 232 -8.70 4.89 12.81
N GLY A 233 -9.34 5.33 13.88
CA GLY A 233 -10.74 5.04 14.12
C GLY A 233 -11.53 6.33 14.25
N GLY A 234 -12.78 6.29 13.81
CA GLY A 234 -13.61 7.48 13.83
C GLY A 234 -14.74 7.41 14.83
N THR A 235 -15.86 8.07 14.53
CA THR A 235 -17.03 8.11 15.40
C THR A 235 -18.30 7.60 14.74
N SER A 236 -18.32 7.43 13.42
CA SER A 236 -19.47 6.91 12.71
C SER A 236 -19.19 5.51 12.18
N PRO A 237 -20.23 4.76 11.81
CA PRO A 237 -20.01 3.40 11.31
C PRO A 237 -19.07 3.40 10.10
N ARG A 238 -18.21 2.38 10.05
CA ARG A 238 -17.26 2.11 8.97
C ARG A 238 -16.06 3.05 9.00
N GLU A 239 -15.94 3.93 10.00
CA GLU A 239 -14.81 4.85 10.08
C GLU A 239 -13.67 4.16 10.82
N GLY A 240 -12.95 3.33 10.06
CA GLY A 240 -11.75 2.65 10.53
C GLY A 240 -10.88 2.29 9.36
N VAL A 241 -9.56 2.46 9.47
CA VAL A 241 -8.68 2.29 8.32
C VAL A 241 -7.27 1.98 8.79
N VAL A 242 -6.54 1.21 8.00
CA VAL A 242 -5.11 1.02 8.14
C VAL A 242 -4.44 1.71 6.95
N ILE A 243 -3.57 2.68 7.25
CA ILE A 243 -2.80 3.40 6.25
C ILE A 243 -1.38 2.85 6.29
N THR A 244 -0.97 2.19 5.21
CA THR A 244 0.43 1.76 5.04
C THR A 244 1.18 2.88 4.34
N ARG A 245 2.18 3.45 5.01
CA ARG A 245 2.86 4.63 4.53
C ARG A 245 4.27 4.33 4.05
N ASN A 246 4.67 5.06 3.03
CA ASN A 246 6.07 5.31 2.75
C ASN A 246 6.30 6.80 2.98
N ARG A 247 7.56 7.22 2.85
CA ARG A 247 7.93 8.56 3.27
C ARG A 247 7.17 9.64 2.50
N ASP A 248 6.78 9.36 1.26
CA ASP A 248 6.16 10.38 0.42
C ASP A 248 4.65 10.33 0.39
N GLY A 249 4.04 9.19 0.68
CA GLY A 249 2.61 9.05 0.61
C GLY A 249 2.15 7.66 0.96
N PRO A 250 0.88 7.36 0.67
CA PRO A 250 0.31 6.06 1.07
C PRO A 250 0.56 4.98 0.03
N ALA A 251 1.08 3.84 0.48
CA ALA A 251 1.20 2.67 -0.38
C ALA A 251 -0.10 1.88 -0.45
N ASP A 252 -0.91 1.97 0.59
CA ASP A 252 -2.13 1.18 0.68
C ASP A 252 -3.06 1.79 1.72
N ILE A 253 -4.34 1.81 1.41
CA ILE A 253 -5.39 2.29 2.32
C ILE A 253 -6.36 1.13 2.49
N TRP A 254 -6.51 0.67 3.73
CA TRP A 254 -7.22 -0.58 4.03
C TRP A 254 -8.35 -0.26 5.02
N PRO A 255 -9.54 0.06 4.55
CA PRO A 255 -10.63 0.44 5.45
C PRO A 255 -11.42 -0.75 5.96
N LEU A 256 -12.20 -0.49 7.03
CA LEU A 256 -13.23 -1.43 7.43
C LEU A 256 -14.19 -1.63 6.27
N ASP A 257 -14.72 -2.84 6.13
CA ASP A 257 -15.61 -3.20 5.02
C ASP A 257 -16.69 -4.15 5.52
N PRO A 258 -17.59 -3.64 6.37
CA PRO A 258 -18.63 -4.52 6.93
C PRO A 258 -19.53 -5.16 5.88
N LEU A 259 -19.81 -4.46 4.77
CA LEU A 259 -20.62 -5.06 3.71
C LEU A 259 -20.03 -6.38 3.23
N ASN A 260 -18.72 -6.55 3.37
CA ASN A 260 -18.03 -7.77 3.00
C ASN A 260 -17.61 -8.59 4.20
N GLY A 261 -18.20 -8.34 5.37
CA GLY A 261 -17.92 -9.12 6.55
C GLY A 261 -16.69 -8.69 7.34
N ALA A 262 -16.00 -7.63 6.91
CA ALA A 262 -14.76 -7.20 7.54
C ALA A 262 -15.08 -6.12 8.56
N TRP A 263 -15.43 -6.55 9.78
CA TRP A 263 -15.74 -5.63 10.86
C TRP A 263 -14.53 -5.31 11.73
N PHE A 264 -13.34 -5.80 11.39
CA PHE A 264 -12.12 -5.39 12.08
C PHE A 264 -10.98 -5.40 11.08
N ARG A 265 -9.93 -4.64 11.42
CA ARG A 265 -8.66 -4.68 10.73
C ARG A 265 -7.56 -4.84 11.77
N VAL A 266 -6.67 -5.80 11.55
CA VAL A 266 -5.52 -6.05 12.42
C VAL A 266 -4.27 -5.59 11.69
N GLU A 267 -3.37 -4.93 12.42
CA GLU A 267 -2.06 -4.55 11.91
C GLU A 267 -1.04 -4.75 13.00
N THR A 268 0.06 -5.44 12.68
CA THR A 268 1.18 -5.55 13.60
C THR A 268 2.30 -4.70 13.01
N ASN A 269 3.30 -5.28 12.35
CA ASN A 269 4.40 -4.49 11.80
C ASN A 269 4.74 -4.93 10.38
N TYR A 270 3.77 -5.49 9.65
CA TYR A 270 4.01 -6.03 8.33
C TYR A 270 2.87 -5.66 7.39
N ASP A 271 3.16 -5.71 6.10
CA ASP A 271 2.16 -5.35 5.09
C ASP A 271 1.06 -6.40 5.06
N HIS A 272 -0.20 -5.94 5.13
CA HIS A 272 -1.31 -6.86 5.32
C HIS A 272 -1.54 -7.75 4.11
N TRP A 273 -1.11 -7.33 2.92
CA TRP A 273 -1.30 -8.12 1.72
C TRP A 273 -0.25 -9.23 1.57
N LYS A 274 0.69 -9.33 2.49
CA LYS A 274 1.67 -10.40 2.53
C LYS A 274 1.50 -11.19 3.82
N PRO A 275 1.97 -12.43 3.86
CA PRO A 275 1.88 -13.20 5.10
C PRO A 275 2.76 -12.62 6.19
N ALA A 276 2.30 -12.77 7.43
CA ALA A 276 3.18 -12.42 8.53
C ALA A 276 4.34 -13.41 8.59
N PRO A 277 5.53 -12.94 8.97
CA PRO A 277 6.67 -13.86 9.09
C PRO A 277 6.45 -14.92 10.16
N LYS A 278 6.91 -16.13 9.85
CA LYS A 278 6.73 -17.27 10.75
C LYS A 278 7.36 -16.97 12.10
N GLU A 279 8.51 -16.27 12.06
CA GLU A 279 9.27 -15.88 13.25
C GLU A 279 8.48 -14.95 14.16
N ASP A 280 7.49 -14.24 13.64
CA ASP A 280 6.80 -13.22 14.41
C ASP A 280 5.40 -13.05 13.84
N ASP A 281 4.52 -14.00 14.12
CA ASP A 281 3.16 -13.99 13.61
C ASP A 281 2.14 -13.63 14.69
N ARG A 282 2.25 -12.42 15.23
CA ARG A 282 1.25 -11.91 16.15
C ARG A 282 -0.07 -11.61 15.44
N ARG A 283 -0.05 -11.41 14.13
CA ARG A 283 -1.25 -11.12 13.38
C ARG A 283 -2.26 -12.25 13.50
N THR A 284 -1.81 -13.48 13.25
CA THR A 284 -2.72 -14.62 13.23
C THR A 284 -3.43 -14.79 14.56
N SER A 285 -2.70 -14.64 15.66
CA SER A 285 -3.29 -14.81 16.98
C SER A 285 -4.36 -13.76 17.24
N ALA A 286 -4.10 -12.50 16.84
CA ALA A 286 -5.08 -11.46 17.05
C ALA A 286 -6.36 -11.73 16.26
N ILE A 287 -6.23 -12.15 15.00
CA ILE A 287 -7.40 -12.40 14.18
C ILE A 287 -8.25 -13.51 14.79
N LYS A 288 -7.62 -14.58 15.25
CA LYS A 288 -8.39 -15.67 15.85
C LYS A 288 -9.14 -15.20 17.08
N ALA A 289 -8.49 -14.40 17.94
CA ALA A 289 -9.15 -13.92 19.14
C ALA A 289 -10.34 -13.03 18.80
N LEU A 290 -10.19 -12.16 17.80
CA LEU A 290 -11.32 -11.35 17.35
C LEU A 290 -12.43 -12.24 16.79
N ASN A 291 -12.05 -13.25 16.01
CA ASN A 291 -13.03 -14.20 15.50
C ASN A 291 -13.78 -14.88 16.63
N ALA A 292 -13.05 -15.28 17.67
CA ALA A 292 -13.67 -15.97 18.80
C ALA A 292 -14.55 -15.02 19.60
N THR A 293 -14.10 -13.77 19.77
CA THR A 293 -14.91 -12.81 20.52
C THR A 293 -16.23 -12.54 19.82
N GLY A 294 -16.19 -12.33 18.51
CA GLY A 294 -17.40 -12.04 17.77
C GLY A 294 -17.78 -10.57 17.81
N GLN A 295 -18.38 -10.08 16.73
CA GLN A 295 -18.77 -8.68 16.65
C GLN A 295 -19.80 -8.33 17.71
N ALA A 296 -20.68 -9.28 18.05
CA ALA A 296 -21.75 -8.98 19.01
C ALA A 296 -21.20 -8.70 20.40
N ASN A 297 -20.04 -9.26 20.74
CA ASN A 297 -19.45 -9.10 22.06
C ASN A 297 -18.29 -8.10 22.08
N LEU A 298 -18.14 -7.30 21.03
CA LEU A 298 -17.01 -6.38 20.97
C LEU A 298 -17.19 -5.24 21.98
N SER A 299 -16.13 -4.98 22.73
CA SER A 299 -16.10 -3.86 23.67
C SER A 299 -14.64 -3.50 23.89
N LEU A 300 -14.43 -2.38 24.60
CA LEU A 300 -13.06 -2.02 24.93
C LEU A 300 -12.43 -3.06 25.85
N GLU A 301 -13.20 -3.59 26.79
CA GLU A 301 -12.69 -4.64 27.66
C GLU A 301 -12.36 -5.89 26.86
N ALA A 302 -13.22 -6.25 25.91
CA ALA A 302 -12.92 -7.40 25.06
C ALA A 302 -11.66 -7.17 24.23
N LEU A 303 -11.44 -5.94 23.77
CA LEU A 303 -10.21 -5.65 23.05
C LEU A 303 -9.00 -5.79 23.96
N PHE A 304 -9.12 -5.31 25.20
CA PHE A 304 -8.02 -5.46 26.16
C PHE A 304 -7.69 -6.94 26.37
N GLN A 305 -8.71 -7.78 26.44
CA GLN A 305 -8.46 -9.22 26.60
C GLN A 305 -7.81 -9.80 25.37
N ILE A 306 -8.25 -9.39 24.18
CA ILE A 306 -7.58 -9.82 22.95
C ILE A 306 -6.12 -9.40 22.96
N LEU A 307 -5.85 -8.16 23.38
CA LEU A 307 -4.49 -7.65 23.42
C LEU A 307 -3.69 -8.22 24.57
N SER A 308 -4.28 -9.09 25.40
CA SER A 308 -3.56 -9.80 26.45
C SER A 308 -3.27 -11.24 26.08
N VAL A 309 -3.58 -11.66 24.85
CA VAL A 309 -3.32 -13.02 24.41
C VAL A 309 -1.88 -13.11 23.90
N VAL A 310 -1.18 -14.16 24.33
CA VAL A 310 0.16 -14.43 23.85
C VAL A 310 0.06 -14.98 22.43
N PRO A 311 0.96 -14.54 21.52
CA PRO A 311 2.08 -13.60 21.67
C PRO A 311 1.74 -12.15 21.30
N VAL A 312 0.47 -11.85 21.03
CA VAL A 312 0.08 -10.44 20.87
C VAL A 312 0.53 -9.66 22.10
N TYR A 313 0.29 -10.23 23.28
CA TYR A 313 0.89 -9.79 24.52
C TYR A 313 2.13 -10.65 24.75
N ASN A 314 3.29 -10.01 24.93
CA ASN A 314 4.56 -10.73 24.98
C ASN A 314 5.48 -10.09 26.03
N ASN A 315 6.66 -10.67 26.18
CA ASN A 315 7.62 -10.18 27.17
C ASN A 315 8.07 -8.74 26.91
N PHE A 316 7.87 -8.22 25.71
CA PHE A 316 8.33 -6.87 25.39
C PHE A 316 7.22 -5.84 25.45
N THR A 317 5.99 -6.25 25.74
CA THR A 317 4.89 -5.31 25.74
C THR A 317 5.06 -4.30 26.86
N ILE A 318 5.01 -3.02 26.50
CA ILE A 318 5.15 -1.93 27.45
C ILE A 318 3.81 -1.51 28.02
N TYR A 319 2.84 -1.23 27.14
CA TYR A 319 1.53 -0.80 27.60
C TYR A 319 0.46 -1.21 26.60
N THR A 320 -0.77 -1.24 27.08
CA THR A 320 -1.94 -1.54 26.27
C THR A 320 -2.92 -0.37 26.39
N THR A 321 -3.38 0.15 25.25
CA THR A 321 -4.31 1.26 25.22
C THR A 321 -5.58 0.83 24.49
N VAL A 322 -6.72 1.14 25.09
CA VAL A 322 -8.02 0.96 24.47
C VAL A 322 -8.72 2.32 24.47
N MET A 323 -9.45 2.60 23.40
CA MET A 323 -10.02 3.93 23.23
C MET A 323 -11.13 3.90 22.21
N SER A 324 -12.00 4.90 22.29
CA SER A 324 -13.10 5.07 21.35
C SER A 324 -13.43 6.54 21.29
N ALA A 325 -13.22 7.17 20.13
CA ALA A 325 -13.40 8.61 20.03
C ALA A 325 -14.82 9.03 20.41
N GLY A 326 -15.81 8.17 20.14
CA GLY A 326 -17.18 8.48 20.50
C GLY A 326 -17.44 8.46 21.99
N SER A 327 -16.60 7.76 22.75
CA SER A 327 -16.71 7.69 24.21
C SER A 327 -15.36 8.10 24.79
N PRO A 328 -14.99 9.37 24.65
CA PRO A 328 -13.61 9.77 24.97
C PRO A 328 -13.21 9.51 26.40
N ASP A 329 -14.15 9.49 27.35
CA ASP A 329 -13.80 9.28 28.74
C ASP A 329 -13.25 7.88 29.01
N LYS A 330 -13.39 6.94 28.08
CA LYS A 330 -12.92 5.59 28.32
C LYS A 330 -11.47 5.35 27.91
N TYR A 331 -10.79 6.35 27.37
CA TYR A 331 -9.38 6.19 27.03
C TYR A 331 -8.63 5.66 28.23
N MET A 332 -7.96 4.53 28.06
CA MET A 332 -7.32 3.86 29.19
C MET A 332 -6.05 3.18 28.71
N THR A 333 -4.93 3.55 29.32
CA THR A 333 -3.66 2.90 29.07
C THR A 333 -3.23 2.14 30.33
N ARG A 334 -2.85 0.89 30.16
CA ARG A 334 -2.39 0.07 31.28
C ARG A 334 -0.97 -0.43 31.01
N ILE A 335 -0.11 -0.28 32.01
CA ILE A 335 1.27 -0.75 31.90
C ILE A 335 1.28 -2.26 32.02
N ARG A 336 2.01 -2.92 31.15
CA ARG A 336 2.09 -4.37 31.15
C ARG A 336 3.43 -4.81 31.69
N ASN A 337 3.43 -5.98 32.35
CA ASN A 337 4.64 -6.56 32.89
C ASN A 337 5.31 -5.64 33.91
N PRO A 338 4.53 -4.94 34.77
CA PRO A 338 5.22 -4.01 35.67
C PRO A 338 5.82 -4.72 36.89
N SER B 11 -62.01 9.03 5.59
CA SER B 11 -62.48 7.68 5.86
C SER B 11 -61.82 6.68 4.92
N PRO B 12 -60.59 6.30 5.23
CA PRO B 12 -59.87 5.34 4.37
C PRO B 12 -60.59 4.00 4.37
N PRO B 13 -60.69 3.35 3.21
CA PRO B 13 -61.42 2.08 3.15
C PRO B 13 -60.64 0.95 3.78
N ALA B 14 -61.39 0.00 4.35
CA ALA B 14 -60.77 -1.21 4.90
C ALA B 14 -60.26 -2.10 3.77
N ALA B 15 -59.14 -2.77 4.05
CA ALA B 15 -58.61 -3.69 3.05
C ALA B 15 -59.54 -4.89 2.89
N PRO B 16 -59.62 -5.45 1.70
CA PRO B 16 -60.42 -6.68 1.54
C PRO B 16 -59.87 -7.76 2.47
N ARG B 17 -60.78 -8.58 2.99
CA ARG B 17 -60.41 -9.63 3.93
C ARG B 17 -60.71 -10.99 3.30
N PHE B 18 -59.75 -11.90 3.41
CA PHE B 18 -59.90 -13.24 2.86
C PHE B 18 -59.31 -14.26 3.82
N ASN B 19 -59.66 -15.50 3.58
CA ASN B 19 -59.13 -16.62 4.34
C ASN B 19 -58.21 -17.45 3.46
N VAL B 20 -57.21 -18.04 4.10
CA VAL B 20 -56.31 -18.99 3.47
C VAL B 20 -56.17 -20.18 4.40
N SER B 21 -56.44 -21.37 3.90
CA SER B 21 -56.40 -22.56 4.73
C SER B 21 -55.02 -23.22 4.65
N LEU B 22 -54.40 -23.41 5.81
CA LEU B 22 -53.12 -24.09 5.85
C LEU B 22 -53.28 -25.60 5.81
N ASP B 23 -54.53 -26.09 5.84
CA ASP B 23 -54.78 -27.51 5.64
C ASP B 23 -54.76 -27.89 4.18
N SER B 24 -54.97 -26.92 3.28
CA SER B 24 -54.75 -27.15 1.86
C SER B 24 -53.26 -27.12 1.58
N VAL B 25 -52.84 -27.82 0.54
CA VAL B 25 -51.41 -27.92 0.23
C VAL B 25 -50.88 -26.55 -0.19
N PRO B 26 -49.58 -26.24 -0.03
CA PRO B 26 -49.11 -24.88 -0.40
C PRO B 26 -49.40 -24.50 -1.84
N GLU B 27 -49.27 -25.44 -2.77
CA GLU B 27 -49.42 -25.09 -4.18
C GLU B 27 -50.85 -24.72 -4.56
N LEU B 28 -51.83 -24.95 -3.67
CA LEU B 28 -53.23 -24.65 -3.96
C LEU B 28 -53.88 -23.71 -2.95
N ARG B 29 -53.20 -23.37 -1.86
CA ARG B 29 -53.82 -22.56 -0.79
C ARG B 29 -54.41 -21.26 -1.30
N TRP B 30 -53.71 -20.59 -2.20
CA TRP B 30 -54.08 -19.23 -2.56
C TRP B 30 -55.12 -19.15 -3.66
N LEU B 31 -55.50 -20.28 -4.26
CA LEU B 31 -56.45 -20.23 -5.38
C LEU B 31 -57.75 -19.54 -4.99
N PRO B 32 -58.44 -19.91 -3.92
CA PRO B 32 -59.70 -19.23 -3.60
C PRO B 32 -59.56 -17.72 -3.51
N VAL B 33 -58.41 -17.23 -3.05
CA VAL B 33 -58.21 -15.78 -2.96
C VAL B 33 -57.94 -15.19 -4.32
N LEU B 34 -57.10 -15.85 -5.12
CA LEU B 34 -56.70 -15.28 -6.40
C LEU B 34 -57.89 -15.12 -7.33
N ARG B 35 -58.87 -16.02 -7.23
CA ARG B 35 -60.01 -16.01 -8.13
C ARG B 35 -60.89 -14.78 -7.98
N HIS B 36 -60.73 -14.01 -6.90
CA HIS B 36 -61.46 -12.75 -6.75
C HIS B 36 -60.79 -11.59 -7.48
N TYR B 37 -59.68 -11.83 -8.17
CA TYR B 37 -58.92 -10.76 -8.80
C TYR B 37 -58.75 -11.02 -10.29
N ASP B 38 -58.63 -9.94 -11.04
CA ASP B 38 -58.32 -10.03 -12.47
C ASP B 38 -56.85 -10.37 -12.58
N LEU B 39 -56.55 -11.65 -12.84
CA LEU B 39 -55.17 -12.10 -12.89
C LEU B 39 -54.41 -11.49 -14.06
N ASP B 40 -55.10 -10.99 -15.08
CA ASP B 40 -54.41 -10.26 -16.14
C ASP B 40 -53.80 -8.98 -15.57
N LEU B 41 -54.55 -8.29 -14.72
CA LEU B 41 -54.01 -7.10 -14.06
C LEU B 41 -52.88 -7.50 -13.11
N VAL B 42 -53.07 -8.59 -12.36
CA VAL B 42 -52.06 -8.99 -11.38
C VAL B 42 -50.76 -9.37 -12.10
N ARG B 43 -50.85 -10.21 -13.12
CA ARG B 43 -49.65 -10.63 -13.83
C ARG B 43 -48.96 -9.43 -14.47
N ALA B 44 -49.73 -8.54 -15.09
CA ALA B 44 -49.14 -7.32 -15.64
C ALA B 44 -48.39 -6.54 -14.57
N ALA B 45 -48.97 -6.45 -13.37
CA ALA B 45 -48.32 -5.69 -12.29
C ALA B 45 -47.07 -6.41 -11.80
N MET B 46 -47.12 -7.74 -11.69
CA MET B 46 -45.94 -8.51 -11.31
C MET B 46 -44.85 -8.37 -12.36
N ALA B 47 -45.22 -8.40 -13.65
CA ALA B 47 -44.23 -8.22 -14.70
C ALA B 47 -43.58 -6.85 -14.60
N GLN B 48 -44.35 -5.83 -14.23
CA GLN B 48 -43.80 -4.47 -14.16
C GLN B 48 -42.77 -4.33 -13.05
N VAL B 49 -43.05 -4.88 -11.87
CA VAL B 49 -42.12 -4.71 -10.76
C VAL B 49 -40.79 -5.41 -11.07
N ILE B 50 -40.84 -6.58 -11.70
CA ILE B 50 -39.61 -7.27 -12.07
C ILE B 50 -38.78 -6.39 -12.99
N GLY B 51 -39.39 -5.90 -14.06
CA GLY B 51 -38.66 -5.11 -15.03
C GLY B 51 -38.21 -3.76 -14.51
N ASP B 52 -38.97 -3.17 -13.59
CA ASP B 52 -38.68 -1.82 -13.12
C ASP B 52 -37.90 -1.79 -11.81
N ARG B 53 -38.16 -2.71 -10.88
CA ARG B 53 -37.57 -2.65 -9.55
C ARG B 53 -36.43 -3.64 -9.35
N VAL B 54 -36.39 -4.73 -10.10
CA VAL B 54 -35.36 -5.75 -9.93
C VAL B 54 -34.22 -5.45 -10.88
N PRO B 55 -32.97 -5.37 -10.39
CA PRO B 55 -31.86 -5.09 -11.31
C PRO B 55 -31.73 -6.15 -12.39
N LYS B 56 -31.37 -5.70 -13.59
CA LYS B 56 -31.30 -6.62 -14.72
C LYS B 56 -30.36 -7.78 -14.43
N TRP B 57 -29.21 -7.51 -13.78
CA TRP B 57 -28.26 -8.58 -13.51
C TRP B 57 -28.85 -9.64 -12.59
N VAL B 58 -29.70 -9.24 -11.64
CA VAL B 58 -30.40 -10.21 -10.81
C VAL B 58 -31.34 -11.06 -11.65
N HIS B 59 -32.12 -10.42 -12.52
CA HIS B 59 -33.04 -11.15 -13.37
C HIS B 59 -32.30 -12.16 -14.23
N VAL B 60 -31.18 -11.76 -14.83
CA VAL B 60 -30.38 -12.70 -15.62
C VAL B 60 -29.85 -13.81 -14.72
N LEU B 61 -29.23 -13.45 -13.60
CA LEU B 61 -28.57 -14.43 -12.75
C LEU B 61 -29.56 -15.45 -12.22
N ILE B 62 -30.62 -14.98 -11.54
CA ILE B 62 -31.57 -15.90 -10.93
C ILE B 62 -32.26 -16.73 -12.00
N GLY B 63 -32.52 -16.15 -13.16
CA GLY B 63 -33.06 -16.92 -14.27
C GLY B 63 -32.23 -18.16 -14.59
N LYS B 64 -30.91 -18.06 -14.38
CA LYS B 64 -29.97 -19.13 -14.74
C LYS B 64 -29.74 -20.12 -13.60
N VAL B 65 -29.80 -19.68 -12.35
CA VAL B 65 -29.43 -20.51 -11.22
C VAL B 65 -30.61 -20.83 -10.32
N VAL B 66 -31.83 -20.49 -10.75
CA VAL B 66 -33.00 -20.64 -9.88
C VAL B 66 -33.12 -22.07 -9.37
N LEU B 67 -32.84 -23.05 -10.23
CA LEU B 67 -32.99 -24.45 -9.83
C LEU B 67 -31.99 -24.83 -8.75
N GLU B 68 -30.75 -24.34 -8.86
CA GLU B 68 -29.77 -24.58 -7.80
C GLU B 68 -30.13 -23.82 -6.52
N LEU B 69 -30.71 -22.63 -6.65
CA LEU B 69 -31.08 -21.85 -5.48
C LEU B 69 -32.28 -22.46 -4.75
N GLU B 70 -33.21 -23.08 -5.49
CA GLU B 70 -34.44 -23.59 -4.91
C GLU B 70 -34.19 -24.56 -3.77
N ARG B 71 -33.14 -25.40 -3.87
CA ARG B 71 -32.85 -26.36 -2.83
C ARG B 71 -32.70 -25.70 -1.47
N PHE B 72 -32.16 -24.49 -1.45
CA PHE B 72 -31.80 -23.80 -0.23
C PHE B 72 -32.94 -22.99 0.34
N LEU B 73 -34.09 -22.96 -0.33
CA LEU B 73 -35.21 -22.18 0.17
C LEU B 73 -36.16 -23.06 0.96
N PRO B 74 -36.90 -22.48 1.93
CA PRO B 74 -37.79 -23.30 2.75
C PRO B 74 -39.23 -23.36 2.29
N GLN B 75 -39.87 -24.39 2.82
CA GLN B 75 -41.29 -24.56 2.75
C GLN B 75 -41.93 -23.87 3.96
N PRO B 76 -43.18 -23.46 3.80
CA PRO B 76 -44.00 -23.65 2.59
C PRO B 76 -43.93 -22.51 1.54
N PHE B 77 -42.99 -21.58 1.70
CA PHE B 77 -42.98 -20.41 0.82
C PHE B 77 -42.68 -20.82 -0.61
N THR B 78 -41.75 -21.77 -0.81
CA THR B 78 -41.44 -22.24 -2.16
C THR B 78 -42.66 -22.85 -2.82
N GLY B 79 -43.36 -23.72 -2.11
CA GLY B 79 -44.56 -24.34 -2.69
C GLY B 79 -45.64 -23.33 -3.03
N GLU B 80 -45.85 -22.35 -2.14
CA GLU B 80 -46.85 -21.33 -2.43
C GLU B 80 -46.46 -20.50 -3.63
N ILE B 81 -45.17 -20.17 -3.77
CA ILE B 81 -44.72 -19.44 -4.95
C ILE B 81 -44.94 -20.28 -6.19
N ARG B 82 -44.62 -21.58 -6.12
CA ARG B 82 -44.86 -22.47 -7.25
C ARG B 82 -46.32 -22.43 -7.65
N GLY B 83 -47.22 -22.35 -6.67
CA GLY B 83 -48.63 -22.18 -6.99
C GLY B 83 -48.90 -20.90 -7.75
N MET B 84 -48.22 -19.82 -7.37
CA MET B 84 -48.39 -18.55 -8.07
C MET B 84 -47.93 -18.65 -9.52
N CYS B 85 -46.91 -19.47 -9.78
CA CYS B 85 -46.43 -19.64 -11.16
C CYS B 85 -47.55 -20.13 -12.05
N ASP B 86 -48.21 -21.21 -11.64
CA ASP B 86 -49.28 -21.79 -12.46
C ASP B 86 -50.40 -20.80 -12.68
N PHE B 87 -50.83 -20.10 -11.62
CA PHE B 87 -52.06 -19.32 -11.67
C PHE B 87 -51.85 -17.99 -12.38
N MET B 88 -50.63 -17.46 -12.40
CA MET B 88 -50.31 -16.25 -13.14
C MET B 88 -49.42 -16.53 -14.36
N ASN B 89 -49.22 -17.80 -14.71
CA ASN B 89 -48.41 -18.16 -15.87
C ASN B 89 -47.06 -17.45 -15.82
N LEU B 90 -46.34 -17.69 -14.73
CA LEU B 90 -45.04 -17.08 -14.49
C LEU B 90 -43.96 -18.15 -14.29
N SER B 91 -42.75 -17.81 -14.73
CA SER B 91 -41.60 -18.66 -14.48
C SER B 91 -41.30 -18.69 -12.98
N LEU B 92 -40.71 -19.79 -12.53
CA LEU B 92 -40.35 -19.90 -11.12
C LEU B 92 -39.39 -18.78 -10.71
N ALA B 93 -38.44 -18.44 -11.58
CA ALA B 93 -37.51 -17.35 -11.27
C ALA B 93 -38.26 -16.03 -11.10
N ASP B 94 -39.20 -15.75 -12.01
CA ASP B 94 -39.94 -14.49 -11.94
C ASP B 94 -40.85 -14.46 -10.72
N ALA B 95 -41.54 -15.56 -10.42
CA ALA B 95 -42.40 -15.58 -9.24
C ALA B 95 -41.59 -15.38 -7.97
N LEU B 96 -40.38 -15.94 -7.92
CA LEU B 96 -39.52 -15.70 -6.76
C LEU B 96 -39.06 -14.25 -6.69
N LEU B 97 -38.71 -13.65 -7.83
CA LEU B 97 -38.18 -12.29 -7.83
C LEU B 97 -39.22 -11.27 -7.36
N VAL B 98 -40.47 -11.39 -7.80
CA VAL B 98 -41.50 -10.49 -7.29
C VAL B 98 -41.67 -10.64 -5.78
N ASN B 99 -41.63 -11.88 -5.28
CA ASN B 99 -41.74 -12.06 -3.84
C ASN B 99 -40.55 -11.47 -3.09
N LEU B 100 -39.45 -11.23 -3.78
CA LEU B 100 -38.30 -10.55 -3.18
C LEU B 100 -38.26 -9.06 -3.48
N ALA B 101 -38.94 -8.59 -4.53
CA ALA B 101 -38.82 -7.19 -4.92
C ALA B 101 -39.34 -6.23 -3.85
N TYR B 102 -40.37 -6.62 -3.13
CA TYR B 102 -40.97 -5.76 -2.11
C TYR B 102 -40.32 -5.92 -0.74
N GLU B 103 -39.22 -6.69 -0.64
CA GLU B 103 -38.47 -6.76 0.61
C GLU B 103 -37.56 -5.55 0.81
N SER B 104 -37.41 -4.69 -0.19
CA SER B 104 -36.53 -3.53 -0.11
C SER B 104 -37.24 -2.33 -0.73
N SER B 105 -36.67 -1.15 -0.49
CA SER B 105 -37.19 0.13 -0.99
C SER B 105 -38.56 0.48 -0.42
N VAL B 106 -38.94 -0.09 0.71
CA VAL B 106 -40.20 0.18 1.38
C VAL B 106 -39.92 0.92 2.69
N PHE B 107 -40.53 2.09 2.86
CA PHE B 107 -40.39 2.81 4.12
C PHE B 107 -41.59 2.54 5.02
N ALA B 108 -41.43 2.82 6.30
CA ALA B 108 -42.45 2.43 7.27
C ALA B 108 -42.29 3.22 8.56
N THR B 109 -43.38 3.27 9.32
CA THR B 109 -43.38 3.71 10.71
C THR B 109 -44.11 2.65 11.53
N SER B 110 -43.50 2.20 12.62
CA SER B 110 -44.11 1.25 13.53
C SER B 110 -44.11 1.83 14.94
N ILE B 111 -45.21 1.61 15.67
CA ILE B 111 -45.38 2.11 17.02
C ILE B 111 -45.94 0.99 17.88
N VAL B 112 -45.29 0.74 19.01
CA VAL B 112 -45.81 -0.16 20.04
C VAL B 112 -45.91 0.64 21.33
N ALA B 113 -47.05 0.56 22.01
CA ALA B 113 -47.32 1.43 23.13
C ALA B 113 -48.19 0.73 24.16
N GLN B 114 -48.14 1.27 25.39
CA GLN B 114 -48.84 0.73 26.55
C GLN B 114 -49.70 1.82 27.17
N ASP B 115 -50.97 1.53 27.38
CA ASP B 115 -51.88 2.51 27.98
C ASP B 115 -51.83 2.41 29.51
N SER B 116 -52.63 3.25 30.17
CA SER B 116 -52.58 3.32 31.63
C SER B 116 -53.04 2.03 32.30
N ARG B 117 -53.77 1.17 31.59
CA ARG B 117 -54.21 -0.11 32.16
C ARG B 117 -53.21 -1.24 31.90
N GLY B 118 -52.12 -0.97 31.21
CA GLY B 118 -51.17 -2.01 30.85
C GLY B 118 -51.47 -2.75 29.56
N HIS B 119 -52.45 -2.31 28.79
CA HIS B 119 -52.76 -2.96 27.53
C HIS B 119 -51.79 -2.52 26.45
N ILE B 120 -51.47 -3.44 25.54
CA ILE B 120 -50.47 -3.21 24.50
C ILE B 120 -51.20 -2.88 23.20
N TYR B 121 -50.76 -1.81 22.54
CA TYR B 121 -51.29 -1.41 21.25
C TYR B 121 -50.15 -1.32 20.25
N HIS B 122 -50.49 -1.57 18.98
CA HIS B 122 -49.49 -1.72 17.94
C HIS B 122 -50.05 -1.19 16.62
N GLY B 123 -49.32 -0.28 15.98
CA GLY B 123 -49.74 0.28 14.71
C GLY B 123 -48.56 0.50 13.79
N ARG B 124 -48.84 0.51 12.49
CA ARG B 124 -47.78 0.70 11.51
C ARG B 124 -48.33 1.30 10.22
N ASN B 125 -47.48 2.10 9.57
CA ASN B 125 -47.69 2.56 8.21
C ASN B 125 -46.66 1.88 7.30
N LEU B 126 -47.05 1.61 6.06
CA LEU B 126 -46.16 1.09 5.04
C LEU B 126 -46.20 2.01 3.85
N ASP B 127 -45.02 2.48 3.42
CA ASP B 127 -44.87 3.45 2.37
C ASP B 127 -44.01 2.88 1.25
N TYR B 128 -44.39 3.19 0.02
CA TYR B 128 -43.63 2.78 -1.17
C TYR B 128 -43.48 4.01 -2.06
N PRO B 129 -42.26 4.53 -2.23
CA PRO B 129 -42.11 5.85 -2.87
C PRO B 129 -42.06 5.81 -4.39
N PHE B 130 -42.76 4.86 -4.98
CA PHE B 130 -42.83 4.72 -6.43
C PHE B 130 -44.28 4.53 -6.86
N GLY B 131 -44.56 4.87 -8.11
CA GLY B 131 -45.86 4.57 -8.69
C GLY B 131 -46.14 3.08 -8.59
N ASN B 132 -47.33 2.69 -8.15
CA ASN B 132 -47.62 1.29 -7.91
C ASN B 132 -49.12 1.09 -7.86
N VAL B 133 -49.53 -0.17 -7.93
CA VAL B 133 -50.92 -0.58 -7.76
C VAL B 133 -51.10 -1.43 -6.51
N LEU B 134 -50.19 -1.30 -5.54
CA LEU B 134 -50.26 -2.12 -4.34
C LEU B 134 -51.54 -1.83 -3.56
N ARG B 135 -52.04 -0.60 -3.62
CA ARG B 135 -53.25 -0.25 -2.90
C ARG B 135 -54.44 -1.08 -3.36
N LYS B 136 -54.50 -1.43 -4.64
CA LYS B 136 -55.57 -2.30 -5.11
C LYS B 136 -55.33 -3.74 -4.77
N LEU B 137 -54.10 -4.12 -4.40
CA LEU B 137 -53.76 -5.51 -4.13
C LEU B 137 -53.50 -5.79 -2.66
N THR B 138 -53.64 -4.80 -1.78
CA THR B 138 -53.45 -5.01 -0.35
C THR B 138 -54.64 -5.77 0.24
N VAL B 139 -54.36 -6.77 1.08
CA VAL B 139 -55.39 -7.62 1.67
C VAL B 139 -55.01 -7.99 3.10
N ASP B 140 -56.04 -8.13 3.94
CA ASP B 140 -55.90 -8.78 5.24
C ASP B 140 -56.27 -10.25 5.08
N VAL B 141 -55.37 -11.14 5.48
CA VAL B 141 -55.56 -12.58 5.29
C VAL B 141 -55.58 -13.25 6.66
N GLN B 142 -56.58 -14.10 6.88
CA GLN B 142 -56.64 -14.95 8.05
C GLN B 142 -56.19 -16.35 7.63
N PHE B 143 -55.11 -16.83 8.23
CA PHE B 143 -54.58 -18.15 7.92
C PHE B 143 -55.17 -19.14 8.92
N LEU B 144 -55.88 -20.14 8.40
CA LEU B 144 -56.65 -21.05 9.24
C LEU B 144 -56.01 -22.42 9.33
N LYS B 145 -56.03 -23.00 10.52
CA LYS B 145 -55.71 -24.39 10.77
C LYS B 145 -56.86 -25.00 11.56
N ASN B 146 -57.42 -26.10 11.06
CA ASN B 146 -58.51 -26.77 11.76
C ASN B 146 -59.70 -25.83 11.95
N GLY B 147 -59.96 -24.99 10.94
CA GLY B 147 -61.08 -24.07 11.03
C GLY B 147 -60.88 -22.88 11.93
N GLN B 148 -59.75 -22.79 12.65
CA GLN B 148 -59.48 -21.72 13.58
C GLN B 148 -58.44 -20.77 13.01
N ILE B 149 -58.59 -19.50 13.34
CA ILE B 149 -57.64 -18.47 12.88
C ILE B 149 -56.31 -18.72 13.58
N ALA B 150 -55.30 -19.15 12.84
CA ALA B 150 -53.98 -19.34 13.44
C ALA B 150 -53.27 -18.01 13.59
N PHE B 151 -53.35 -17.16 12.56
CA PHE B 151 -52.80 -15.83 12.62
C PHE B 151 -53.36 -15.03 11.45
N THR B 152 -53.28 -13.71 11.60
CA THR B 152 -53.74 -12.76 10.60
C THR B 152 -52.54 -11.97 10.11
N GLY B 153 -52.55 -11.63 8.83
CA GLY B 153 -51.48 -10.86 8.25
C GLY B 153 -52.01 -9.93 7.18
N THR B 154 -51.22 -8.90 6.89
CA THR B 154 -51.49 -7.98 5.80
C THR B 154 -50.40 -8.15 4.76
N THR B 155 -50.80 -8.31 3.50
CA THR B 155 -49.83 -8.54 2.44
C THR B 155 -50.44 -8.07 1.12
N PHE B 156 -49.76 -8.38 0.02
CA PHE B 156 -50.24 -8.08 -1.32
C PHE B 156 -50.53 -9.39 -2.04
N ILE B 157 -51.56 -9.38 -2.89
CA ILE B 157 -51.91 -10.56 -3.67
C ILE B 157 -50.69 -11.03 -4.46
N GLY B 158 -50.40 -12.32 -4.36
CA GLY B 158 -49.22 -12.90 -4.99
C GLY B 158 -47.98 -12.92 -4.12
N TYR B 159 -48.01 -12.27 -2.98
CA TYR B 159 -46.87 -12.17 -2.08
C TYR B 159 -47.10 -13.12 -0.90
N VAL B 160 -46.15 -14.01 -0.64
CA VAL B 160 -46.33 -15.04 0.38
C VAL B 160 -45.77 -14.65 1.75
N GLY B 161 -44.94 -13.62 1.83
CA GLY B 161 -44.46 -13.18 3.12
C GLY B 161 -45.45 -12.22 3.77
N LEU B 162 -45.17 -11.90 5.04
CA LEU B 162 -46.00 -10.98 5.81
C LEU B 162 -45.10 -9.93 6.46
N TRP B 163 -45.29 -8.67 6.09
CA TRP B 163 -44.63 -7.56 6.76
C TRP B 163 -45.38 -7.09 8.00
N THR B 164 -46.63 -7.52 8.16
CA THR B 164 -47.49 -7.10 9.26
C THR B 164 -48.39 -8.29 9.60
N GLY B 165 -48.55 -8.55 10.90
CA GLY B 165 -49.36 -9.70 11.27
C GLY B 165 -49.62 -9.77 12.76
N GLN B 166 -50.52 -10.69 13.11
CA GLN B 166 -50.98 -10.87 14.47
C GLN B 166 -51.20 -12.35 14.74
N SER B 167 -50.70 -12.82 15.88
CA SER B 167 -51.05 -14.13 16.39
C SER B 167 -52.03 -13.91 17.54
N PRO B 168 -53.31 -14.25 17.38
CA PRO B 168 -54.32 -13.80 18.36
C PRO B 168 -53.97 -14.25 19.78
N HIS B 169 -54.08 -13.31 20.72
CA HIS B 169 -53.83 -13.55 22.14
C HIS B 169 -52.37 -13.97 22.42
N LYS B 170 -51.45 -13.64 21.52
CA LYS B 170 -50.05 -13.99 21.71
C LYS B 170 -49.14 -12.80 21.45
N PHE B 171 -49.12 -12.30 20.22
CA PHE B 171 -48.24 -11.19 19.90
C PHE B 171 -48.59 -10.60 18.54
N THR B 172 -48.15 -9.36 18.32
CA THR B 172 -48.26 -8.68 17.04
C THR B 172 -46.87 -8.32 16.54
N VAL B 173 -46.71 -8.26 15.22
CA VAL B 173 -45.41 -8.04 14.60
C VAL B 173 -45.55 -7.10 13.41
N SER B 174 -44.58 -6.19 13.26
CA SER B 174 -44.42 -5.43 12.03
C SER B 174 -42.94 -5.26 11.77
N GLY B 175 -42.58 -5.18 10.50
CA GLY B 175 -41.19 -5.04 10.09
C GLY B 175 -40.93 -3.76 9.33
N ASP B 176 -39.79 -3.13 9.62
CA ASP B 176 -39.34 -1.91 8.95
C ASP B 176 -37.95 -2.16 8.37
N GLU B 177 -37.73 -1.75 7.12
CA GLU B 177 -36.42 -2.00 6.52
C GLU B 177 -35.32 -1.17 7.17
N ARG B 178 -34.16 -1.80 7.29
CA ARG B 178 -32.91 -1.19 7.76
C ARG B 178 -31.94 -1.25 6.59
N ASP B 179 -31.82 -0.15 5.86
CA ASP B 179 -31.09 -0.14 4.60
C ASP B 179 -29.60 0.08 4.87
N LYS B 180 -28.80 -0.93 4.54
CA LYS B 180 -27.35 -0.84 4.63
C LYS B 180 -26.66 -0.76 3.27
N GLY B 181 -27.41 -0.89 2.19
CA GLY B 181 -26.83 -0.99 0.87
C GLY B 181 -26.57 -2.44 0.47
N TRP B 182 -26.40 -2.63 -0.85
CA TRP B 182 -26.07 -3.95 -1.40
C TRP B 182 -27.13 -4.98 -1.07
N TRP B 183 -28.41 -4.59 -1.17
CA TRP B 183 -29.46 -5.51 -0.75
C TRP B 183 -29.43 -6.79 -1.58
N TRP B 184 -29.46 -6.67 -2.91
CA TRP B 184 -29.53 -7.87 -3.74
C TRP B 184 -28.25 -8.68 -3.66
N GLU B 185 -27.09 -8.00 -3.63
CA GLU B 185 -25.81 -8.69 -3.58
C GLU B 185 -25.73 -9.61 -2.37
N ASN B 186 -25.95 -9.06 -1.17
CA ASN B 186 -25.84 -9.85 0.05
C ASN B 186 -27.06 -10.73 0.26
N ALA B 187 -28.22 -10.36 -0.26
CA ALA B 187 -29.40 -11.19 -0.11
C ALA B 187 -29.25 -12.50 -0.87
N ILE B 188 -28.75 -12.43 -2.10
CA ILE B 188 -28.57 -13.64 -2.90
C ILE B 188 -27.61 -14.59 -2.20
N ALA B 189 -26.47 -14.06 -1.75
CA ALA B 189 -25.50 -14.88 -1.04
C ALA B 189 -26.11 -15.45 0.24
N ALA B 190 -26.93 -14.67 0.93
CA ALA B 190 -27.57 -15.15 2.15
C ALA B 190 -28.57 -16.27 1.86
N LEU B 191 -29.31 -16.16 0.75
CA LEU B 191 -30.24 -17.23 0.40
C LEU B 191 -29.51 -18.54 0.15
N PHE B 192 -28.37 -18.49 -0.54
CA PHE B 192 -27.58 -19.70 -0.76
C PHE B 192 -26.99 -20.24 0.54
N ARG B 193 -26.98 -19.45 1.60
CA ARG B 193 -26.54 -19.91 2.91
C ARG B 193 -27.73 -20.25 3.80
N ARG B 194 -28.93 -20.34 3.23
CA ARG B 194 -30.15 -20.76 3.90
C ARG B 194 -30.68 -19.72 4.89
N HIS B 195 -30.27 -18.46 4.76
CA HIS B 195 -31.01 -17.39 5.41
C HIS B 195 -32.33 -17.16 4.68
N ILE B 196 -33.27 -16.52 5.34
CA ILE B 196 -34.62 -16.41 4.79
C ILE B 196 -34.99 -14.93 4.72
N PRO B 197 -35.92 -14.57 3.83
CA PRO B 197 -36.40 -13.18 3.78
C PRO B 197 -37.01 -12.75 5.11
N VAL B 198 -36.92 -11.45 5.38
CA VAL B 198 -37.37 -10.93 6.67
C VAL B 198 -38.87 -11.10 6.82
N SER B 199 -39.63 -10.93 5.74
CA SER B 199 -41.07 -11.08 5.80
C SER B 199 -41.49 -12.54 5.91
N TRP B 200 -40.64 -13.48 5.47
CA TRP B 200 -40.93 -14.89 5.66
C TRP B 200 -40.69 -15.30 7.11
N LEU B 201 -39.69 -14.70 7.76
CA LEU B 201 -39.48 -14.99 9.18
C LEU B 201 -40.64 -14.47 10.02
N ILE B 202 -41.17 -13.30 9.67
CA ILE B 202 -42.35 -12.77 10.36
C ILE B 202 -43.48 -13.78 10.29
N ARG B 203 -43.77 -14.28 9.09
CA ARG B 203 -44.86 -15.26 8.95
C ARG B 203 -44.53 -16.55 9.69
N ALA B 204 -43.30 -17.03 9.55
CA ALA B 204 -42.91 -18.25 10.27
C ALA B 204 -43.02 -18.06 11.78
N THR B 205 -42.74 -16.85 12.27
CA THR B 205 -42.90 -16.58 13.70
C THR B 205 -44.37 -16.57 14.08
N LEU B 206 -45.19 -15.87 13.30
CA LEU B 206 -46.63 -15.87 13.55
C LEU B 206 -47.19 -17.27 13.55
N SER B 207 -46.60 -18.16 12.76
CA SER B 207 -47.14 -19.51 12.61
C SER B 207 -46.71 -20.43 13.74
N GLU B 208 -45.48 -20.27 14.25
CA GLU B 208 -44.88 -21.25 15.14
C GLU B 208 -44.80 -20.80 16.60
N SER B 209 -44.47 -19.54 16.86
CA SER B 209 -44.11 -19.13 18.22
C SER B 209 -45.32 -19.13 19.14
N GLU B 210 -45.11 -19.69 20.35
CA GLU B 210 -46.17 -19.93 21.30
C GLU B 210 -46.52 -18.72 22.15
N ASN B 211 -45.62 -17.75 22.28
CA ASN B 211 -45.87 -16.59 23.13
C ASN B 211 -44.96 -15.45 22.71
N PHE B 212 -45.23 -14.27 23.30
CA PHE B 212 -44.46 -13.07 22.98
C PHE B 212 -42.96 -13.30 23.15
N GLU B 213 -42.56 -13.91 24.26
CA GLU B 213 -41.13 -14.10 24.51
C GLU B 213 -40.51 -15.03 23.47
N ALA B 214 -41.20 -16.11 23.10
CA ALA B 214 -40.69 -17.00 22.09
C ALA B 214 -40.60 -16.30 20.74
N ALA B 215 -41.59 -15.45 20.44
CA ALA B 215 -41.56 -14.70 19.18
C ALA B 215 -40.35 -13.77 19.14
N VAL B 216 -40.08 -13.06 20.23
CA VAL B 216 -38.94 -12.16 20.29
C VAL B 216 -37.64 -12.94 20.04
N GLY B 217 -37.50 -14.11 20.68
CA GLY B 217 -36.31 -14.90 20.48
C GLY B 217 -36.14 -15.34 19.04
N LYS B 218 -37.21 -15.86 18.44
CA LYS B 218 -37.14 -16.33 17.06
C LYS B 218 -36.86 -15.19 16.10
N LEU B 219 -37.48 -14.03 16.32
CA LEU B 219 -37.28 -12.88 15.44
C LEU B 219 -35.90 -12.27 15.60
N ALA B 220 -35.27 -12.44 16.76
CA ALA B 220 -33.96 -11.86 17.02
C ALA B 220 -32.81 -12.71 16.50
N LYS B 221 -32.96 -14.03 16.44
CA LYS B 221 -31.84 -14.91 16.22
C LYS B 221 -31.82 -15.63 14.87
N THR B 222 -32.95 -15.73 14.18
CA THR B 222 -33.01 -16.54 12.96
C THR B 222 -32.25 -15.84 11.84
N PRO B 223 -31.33 -16.53 11.14
CA PRO B 223 -30.56 -15.85 10.09
C PRO B 223 -31.44 -15.26 9.01
N LEU B 224 -31.12 -14.03 8.61
CA LEU B 224 -31.89 -13.27 7.64
C LEU B 224 -31.02 -12.91 6.44
N ILE B 225 -31.69 -12.54 5.34
CA ILE B 225 -30.98 -12.13 4.12
C ILE B 225 -30.71 -10.64 4.08
N ALA B 226 -31.20 -9.88 5.06
CA ALA B 226 -30.99 -8.44 5.10
C ALA B 226 -31.23 -7.96 6.53
N ASP B 227 -30.82 -6.73 6.79
CA ASP B 227 -31.12 -6.06 8.04
C ASP B 227 -32.57 -5.60 8.07
N VAL B 228 -33.11 -5.41 9.27
CA VAL B 228 -34.51 -5.03 9.44
C VAL B 228 -34.72 -4.58 10.87
N TYR B 229 -35.80 -3.83 11.11
CA TYR B 229 -36.32 -3.59 12.45
C TYR B 229 -37.60 -4.39 12.62
N TYR B 230 -37.67 -5.18 13.68
CA TYR B 230 -38.88 -5.89 14.07
C TYR B 230 -39.48 -5.21 15.28
N ILE B 231 -40.75 -4.84 15.17
CA ILE B 231 -41.51 -4.27 16.27
C ILE B 231 -42.51 -5.34 16.71
N VAL B 232 -42.47 -5.70 17.99
CA VAL B 232 -43.27 -6.79 18.53
C VAL B 232 -44.07 -6.28 19.71
N GLY B 233 -45.35 -6.65 19.75
CA GLY B 233 -46.19 -6.35 20.88
C GLY B 233 -46.75 -7.63 21.47
N GLY B 234 -46.94 -7.63 22.79
CA GLY B 234 -47.43 -8.80 23.47
C GLY B 234 -48.84 -8.60 23.98
N THR B 235 -49.16 -9.27 25.09
CA THR B 235 -50.48 -9.18 25.70
C THR B 235 -50.45 -8.67 27.12
N SER B 236 -49.29 -8.63 27.77
CA SER B 236 -49.15 -8.21 29.16
C SER B 236 -48.43 -6.86 29.23
N PRO B 237 -48.48 -6.16 30.37
CA PRO B 237 -47.80 -4.87 30.45
C PRO B 237 -46.32 -5.01 30.15
N ARG B 238 -45.75 -3.98 29.51
CA ARG B 238 -44.35 -3.84 29.16
C ARG B 238 -43.93 -4.79 28.05
N GLU B 239 -44.85 -5.58 27.48
CA GLU B 239 -44.52 -6.49 26.39
C GLU B 239 -44.57 -5.72 25.07
N GLY B 240 -43.50 -4.97 24.82
CA GLY B 240 -43.32 -4.27 23.57
C GLY B 240 -41.84 -4.01 23.37
N VAL B 241 -41.34 -4.20 22.14
CA VAL B 241 -39.90 -4.15 21.93
C VAL B 241 -39.64 -3.82 20.47
N VAL B 242 -38.52 -3.14 20.22
CA VAL B 242 -37.98 -2.93 18.88
C VAL B 242 -36.68 -3.73 18.78
N ILE B 243 -36.63 -4.66 17.84
CA ILE B 243 -35.44 -5.47 17.59
C ILE B 243 -34.74 -4.92 16.36
N THR B 244 -33.55 -4.39 16.55
CA THR B 244 -32.71 -3.97 15.44
C THR B 244 -31.86 -5.14 15.00
N ARG B 245 -32.05 -5.56 13.76
CA ARG B 245 -31.46 -6.79 13.22
C ARG B 245 -30.35 -6.51 12.22
N ASN B 246 -29.37 -7.39 12.21
CA ASN B 246 -28.54 -7.60 11.04
C ASN B 246 -28.75 -9.06 10.62
N ARG B 247 -28.12 -9.46 9.52
CA ARG B 247 -28.41 -10.77 8.95
C ARG B 247 -28.12 -11.92 9.90
N ASP B 248 -27.15 -11.77 10.81
CA ASP B 248 -26.74 -12.88 11.65
C ASP B 248 -27.39 -12.89 13.03
N GLY B 249 -27.85 -11.76 13.52
CA GLY B 249 -28.42 -11.69 14.85
C GLY B 249 -28.86 -10.29 15.21
N PRO B 250 -29.16 -10.08 16.50
CA PRO B 250 -29.67 -8.78 16.93
C PRO B 250 -28.57 -7.78 17.23
N ALA B 251 -28.70 -6.57 16.70
CA ALA B 251 -27.78 -5.49 17.07
C ALA B 251 -28.24 -4.77 18.33
N ASP B 252 -29.54 -4.71 18.57
CA ASP B 252 -30.08 -3.94 19.69
C ASP B 252 -31.51 -4.39 19.97
N ILE B 253 -31.86 -4.47 21.24
CA ILE B 253 -33.21 -4.80 21.68
C ILE B 253 -33.69 -3.70 22.60
N TRP B 254 -34.79 -3.03 22.22
CA TRP B 254 -35.23 -1.78 22.83
C TRP B 254 -36.64 -1.95 23.37
N PRO B 255 -36.79 -2.30 24.65
CA PRO B 255 -38.13 -2.57 25.20
C PRO B 255 -38.84 -1.33 25.70
N LEU B 256 -40.15 -1.48 25.90
CA LEU B 256 -40.91 -0.50 26.65
C LEU B 256 -40.35 -0.42 28.07
N ASP B 257 -40.38 0.79 28.65
CA ASP B 257 -39.85 1.02 29.99
C ASP B 257 -40.69 2.06 30.70
N PRO B 258 -41.94 1.72 31.06
CA PRO B 258 -42.81 2.71 31.70
C PRO B 258 -42.25 3.26 33.00
N LEU B 259 -41.52 2.46 33.77
CA LEU B 259 -40.94 2.94 35.02
C LEU B 259 -40.10 4.19 34.79
N ASN B 260 -39.50 4.31 33.61
CA ASN B 260 -38.63 5.42 33.26
C ASN B 260 -39.30 6.39 32.29
N GLY B 261 -40.64 6.35 32.21
CA GLY B 261 -41.41 7.25 31.37
C GLY B 261 -41.60 6.82 29.93
N ALA B 262 -41.08 5.66 29.52
CA ALA B 262 -41.15 5.21 28.13
C ALA B 262 -42.35 4.28 27.96
N TRP B 263 -43.53 4.86 27.71
CA TRP B 263 -44.72 4.07 27.47
C TRP B 263 -44.96 3.77 25.99
N PHE B 264 -44.04 4.20 25.12
CA PHE B 264 -44.12 3.85 23.70
C PHE B 264 -42.70 3.75 23.15
N ARG B 265 -42.57 3.05 22.03
CA ARG B 265 -41.36 3.04 21.23
C ARG B 265 -41.75 3.31 19.78
N VAL B 266 -41.06 4.26 19.16
CA VAL B 266 -41.28 4.60 17.77
C VAL B 266 -40.09 4.09 16.95
N GLU B 267 -40.38 3.51 15.80
CA GLU B 267 -39.36 3.11 14.84
C GLU B 267 -39.85 3.44 13.44
N THR B 268 -39.00 4.13 12.67
CA THR B 268 -39.27 4.34 11.26
C THR B 268 -38.30 3.44 10.50
N ASN B 269 -37.19 3.95 9.97
CA ASN B 269 -36.24 3.12 9.24
C ASN B 269 -34.80 3.42 9.65
N TYR B 270 -34.59 3.90 10.87
CA TYR B 270 -33.26 4.33 11.31
C TYR B 270 -33.02 3.84 12.73
N ASP B 271 -31.74 3.76 13.09
CA ASP B 271 -31.35 3.28 14.41
C ASP B 271 -31.77 4.28 15.47
N HIS B 272 -32.43 3.78 16.52
CA HIS B 272 -33.06 4.67 17.49
C HIS B 272 -32.05 5.44 18.34
N TRP B 273 -30.83 4.93 18.48
CA TRP B 273 -29.84 5.62 19.30
C TRP B 273 -29.16 6.78 18.59
N LYS B 274 -29.44 6.98 17.31
CA LYS B 274 -28.95 8.12 16.56
C LYS B 274 -30.14 8.96 16.09
N PRO B 275 -29.91 10.25 15.80
CA PRO B 275 -31.01 11.06 15.25
C PRO B 275 -31.42 10.55 13.87
N ALA B 276 -32.70 10.74 13.57
CA ALA B 276 -33.18 10.47 12.23
C ALA B 276 -32.57 11.47 11.24
N PRO B 277 -32.38 11.09 9.99
CA PRO B 277 -31.86 12.05 9.00
C PRO B 277 -32.83 13.21 8.86
N LYS B 278 -32.26 14.41 8.72
CA LYS B 278 -33.08 15.62 8.67
C LYS B 278 -34.01 15.61 7.47
N GLU B 279 -33.61 14.94 6.39
CA GLU B 279 -34.44 14.86 5.19
C GLU B 279 -35.71 14.04 5.43
N ASP B 280 -35.61 12.99 6.24
CA ASP B 280 -36.71 12.04 6.46
C ASP B 280 -36.91 11.88 7.96
N ASP B 281 -37.53 12.88 8.60
CA ASP B 281 -37.73 12.83 10.03
C ASP B 281 -39.19 12.57 10.38
N ARG B 282 -39.71 11.41 9.95
CA ARG B 282 -41.04 10.97 10.38
C ARG B 282 -41.06 10.58 11.85
N ARG B 283 -39.91 10.23 12.42
CA ARG B 283 -39.85 9.81 13.82
C ARG B 283 -40.31 10.94 14.75
N THR B 284 -39.78 12.14 14.55
CA THR B 284 -40.10 13.25 15.44
C THR B 284 -41.59 13.55 15.42
N SER B 285 -42.20 13.53 14.23
CA SER B 285 -43.63 13.82 14.13
C SER B 285 -44.45 12.79 14.91
N ALA B 286 -44.07 11.52 14.81
CA ALA B 286 -44.78 10.48 15.55
C ALA B 286 -44.65 10.68 17.05
N ILE B 287 -43.42 10.98 17.51
CA ILE B 287 -43.20 11.16 18.95
C ILE B 287 -44.05 12.31 19.47
N LYS B 288 -44.08 13.42 18.73
CA LYS B 288 -44.86 14.57 19.17
C LYS B 288 -46.34 14.22 19.25
N ALA B 289 -46.84 13.50 18.25
CA ALA B 289 -48.25 13.10 18.27
C ALA B 289 -48.55 12.17 19.42
N LEU B 290 -47.64 11.23 19.71
CA LEU B 290 -47.81 10.38 20.87
C LEU B 290 -47.73 11.20 22.16
N ASN B 291 -46.77 12.12 22.25
CA ASN B 291 -46.69 12.98 23.43
C ASN B 291 -47.96 13.80 23.60
N ALA B 292 -48.50 14.32 22.50
CA ALA B 292 -49.71 15.13 22.57
C ALA B 292 -50.92 14.29 22.94
N THR B 293 -51.00 13.07 22.42
CA THR B 293 -52.12 12.19 22.76
C THR B 293 -52.12 11.86 24.24
N GLY B 294 -50.95 11.50 24.78
CA GLY B 294 -50.84 11.13 26.17
C GLY B 294 -51.16 9.68 26.44
N GLN B 295 -50.50 9.08 27.44
CA GLN B 295 -50.72 7.68 27.74
C GLN B 295 -52.15 7.41 28.15
N ALA B 296 -52.79 8.36 28.83
CA ALA B 296 -54.14 8.15 29.34
C ALA B 296 -55.16 8.03 28.21
N ASN B 297 -54.89 8.63 27.05
CA ASN B 297 -55.82 8.62 25.94
C ASN B 297 -55.45 7.62 24.85
N LEU B 298 -54.53 6.71 25.14
CA LEU B 298 -54.09 5.76 24.12
C LEU B 298 -55.17 4.74 23.80
N SER B 299 -55.43 4.55 22.51
CA SER B 299 -56.35 3.53 22.03
C SER B 299 -55.97 3.22 20.60
N LEU B 300 -56.60 2.20 20.02
CA LEU B 300 -56.36 1.90 18.62
C LEU B 300 -56.81 3.05 17.72
N GLU B 301 -57.95 3.66 18.05
CA GLU B 301 -58.39 4.81 17.27
C GLU B 301 -57.41 5.98 17.41
N ALA B 302 -56.97 6.26 18.63
CA ALA B 302 -55.97 7.31 18.82
C ALA B 302 -54.66 6.95 18.11
N LEU B 303 -54.32 5.67 18.11
CA LEU B 303 -53.11 5.24 17.41
C LEU B 303 -53.26 5.45 15.90
N PHE B 304 -54.45 5.16 15.35
CA PHE B 304 -54.70 5.42 13.94
C PHE B 304 -54.55 6.90 13.62
N GLN B 305 -55.00 7.77 14.53
CA GLN B 305 -54.87 9.21 14.27
C GLN B 305 -53.41 9.65 14.27
N ILE B 306 -52.61 9.09 15.18
CA ILE B 306 -51.18 9.39 15.19
C ILE B 306 -50.56 9.00 13.86
N LEU B 307 -50.92 7.83 13.35
CA LEU B 307 -50.38 7.37 12.06
C LEU B 307 -51.01 8.09 10.88
N SER B 308 -51.93 9.01 11.12
CA SER B 308 -52.50 9.84 10.07
C SER B 308 -51.92 11.25 10.06
N VAL B 309 -50.92 11.52 10.89
CA VAL B 309 -50.28 12.82 10.94
C VAL B 309 -49.21 12.88 9.86
N VAL B 310 -49.20 13.97 9.11
CA VAL B 310 -48.17 14.19 8.10
C VAL B 310 -46.89 14.60 8.84
N PRO B 311 -45.72 14.08 8.40
CA PRO B 311 -45.46 13.17 7.28
C PRO B 311 -45.39 11.69 7.65
N VAL B 312 -45.74 11.33 8.88
CA VAL B 312 -45.87 9.91 9.22
C VAL B 312 -46.80 9.25 8.23
N TYR B 313 -47.94 9.88 7.97
CA TYR B 313 -48.79 9.59 6.84
C TYR B 313 -48.43 10.55 5.71
N ASN B 314 -48.11 10.00 4.54
CA ASN B 314 -47.63 10.81 3.43
C ASN B 314 -48.24 10.31 2.12
N ASN B 315 -47.93 11.01 1.03
CA ASN B 315 -48.47 10.67 -0.28
C ASN B 315 -48.06 9.29 -0.77
N PHE B 316 -47.05 8.68 -0.17
CA PHE B 316 -46.58 7.37 -0.58
C PHE B 316 -47.07 6.25 0.34
N THR B 317 -47.84 6.59 1.37
CA THR B 317 -48.33 5.59 2.30
C THR B 317 -49.30 4.66 1.57
N ILE B 318 -49.07 3.36 1.70
CA ILE B 318 -49.92 2.36 1.08
C ILE B 318 -51.07 1.96 2.01
N TYR B 319 -50.75 1.59 3.25
CA TYR B 319 -51.79 1.20 4.19
C TYR B 319 -51.36 1.48 5.61
N THR B 320 -52.35 1.54 6.50
CA THR B 320 -52.15 1.71 7.94
C THR B 320 -52.85 0.57 8.66
N THR B 321 -52.12 -0.10 9.55
CA THR B 321 -52.67 -1.19 10.33
C THR B 321 -52.54 -0.86 11.81
N VAL B 322 -53.62 -1.08 12.56
CA VAL B 322 -53.61 -1.01 14.01
C VAL B 322 -54.09 -2.34 14.55
N MET B 323 -53.51 -2.80 15.65
CA MET B 323 -53.78 -4.13 16.15
C MET B 323 -53.37 -4.23 17.61
N SER B 324 -53.95 -5.20 18.29
CA SER B 324 -53.62 -5.49 19.68
C SER B 324 -53.86 -6.96 19.93
N ALA B 325 -52.78 -7.71 20.24
CA ALA B 325 -52.89 -9.15 20.37
C ALA B 325 -53.91 -9.55 21.41
N GLY B 326 -54.07 -8.74 22.47
CA GLY B 326 -55.05 -9.03 23.50
C GLY B 326 -56.49 -8.86 23.04
N SER B 327 -56.71 -8.09 21.97
CA SER B 327 -58.03 -7.88 21.39
C SER B 327 -57.96 -8.20 19.90
N PRO B 328 -57.79 -9.47 19.55
CA PRO B 328 -57.48 -9.81 18.15
C PRO B 328 -58.53 -9.39 17.16
N ASP B 329 -59.81 -9.31 17.56
CA ASP B 329 -60.87 -8.92 16.63
C ASP B 329 -60.79 -7.48 16.18
N LYS B 330 -59.93 -6.66 16.77
CA LYS B 330 -59.81 -5.26 16.39
C LYS B 330 -58.83 -5.03 15.26
N TYR B 331 -58.15 -6.07 14.78
CA TYR B 331 -57.18 -5.92 13.70
C TYR B 331 -57.85 -5.24 12.52
N MET B 332 -57.28 -4.13 12.07
CA MET B 332 -57.86 -3.37 10.98
C MET B 332 -56.76 -2.78 10.11
N THR B 333 -56.86 -3.06 8.82
CA THR B 333 -56.03 -2.41 7.80
C THR B 333 -56.92 -1.48 6.99
N ARG B 334 -56.48 -0.24 6.81
CA ARG B 334 -57.17 0.78 6.03
C ARG B 334 -56.25 1.18 4.88
N ILE B 335 -56.78 1.20 3.67
CA ILE B 335 -56.00 1.57 2.50
C ILE B 335 -55.88 3.08 2.45
N ARG B 336 -54.65 3.58 2.30
CA ARG B 336 -54.42 5.03 2.26
C ARG B 336 -54.16 5.51 0.85
N ASN B 337 -54.61 6.73 0.58
CA ASN B 337 -54.40 7.46 -0.67
C ASN B 337 -55.00 6.74 -1.86
N PRO B 338 -56.18 6.12 -1.74
CA PRO B 338 -56.67 5.37 -2.90
C PRO B 338 -57.34 6.24 -3.95
N SER C 11 17.72 1.91 -13.53
CA SER C 11 17.20 1.22 -14.71
C SER C 11 16.19 0.15 -14.29
N PRO C 12 14.91 0.34 -14.62
CA PRO C 12 13.90 -0.65 -14.24
C PRO C 12 14.20 -1.99 -14.87
N PRO C 13 14.07 -3.08 -14.11
CA PRO C 13 14.44 -4.40 -14.66
C PRO C 13 13.42 -4.91 -15.65
N ALA C 14 13.91 -5.68 -16.61
CA ALA C 14 13.05 -6.33 -17.58
C ALA C 14 12.26 -7.45 -16.90
N ALA C 15 11.03 -7.64 -17.35
CA ALA C 15 10.20 -8.69 -16.82
C ALA C 15 10.77 -10.06 -17.22
N PRO C 16 10.61 -11.07 -16.38
CA PRO C 16 11.03 -12.42 -16.78
C PRO C 16 10.28 -12.85 -18.04
N ARG C 17 10.97 -13.64 -18.87
CA ARG C 17 10.43 -14.09 -20.13
C ARG C 17 10.28 -15.61 -20.14
N PHE C 18 9.13 -16.07 -20.58
CA PHE C 18 8.87 -17.50 -20.65
C PHE C 18 8.11 -17.81 -21.93
N ASN C 19 8.15 -19.10 -22.28
CA ASN C 19 7.43 -19.64 -23.42
C ASN C 19 6.26 -20.46 -22.92
N VAL C 20 5.16 -20.42 -23.66
CA VAL C 20 4.01 -21.27 -23.39
C VAL C 20 3.62 -21.87 -24.73
N SER C 21 3.52 -23.19 -24.76
CA SER C 21 3.19 -23.89 -26.00
C SER C 21 1.68 -24.11 -26.06
N LEU C 22 1.07 -23.62 -27.13
CA LEU C 22 -0.34 -23.84 -27.37
C LEU C 22 -0.60 -25.20 -27.97
N ASP C 23 0.45 -25.95 -28.30
CA ASP C 23 0.34 -27.34 -28.74
C ASP C 23 0.18 -28.28 -27.55
N SER C 24 0.58 -27.84 -26.35
CA SER C 24 0.25 -28.60 -25.16
C SER C 24 -1.21 -28.38 -24.85
N VAL C 25 -1.84 -29.36 -24.20
CA VAL C 25 -3.26 -29.23 -23.90
C VAL C 25 -3.45 -28.11 -22.89
N PRO C 26 -4.63 -27.48 -22.83
CA PRO C 26 -4.80 -26.33 -21.91
C PRO C 26 -4.41 -26.62 -20.48
N GLU C 27 -4.80 -27.78 -19.93
CA GLU C 27 -4.59 -28.04 -18.51
C GLU C 27 -3.12 -28.24 -18.13
N LEU C 28 -2.19 -28.28 -19.11
CA LEU C 28 -0.79 -28.49 -18.81
C LEU C 28 0.10 -27.38 -19.33
N ARG C 29 -0.48 -26.42 -20.05
CA ARG C 29 0.27 -25.37 -20.70
C ARG C 29 1.20 -24.61 -19.78
N TRP C 30 0.74 -24.29 -18.59
CA TRP C 30 1.46 -23.36 -17.75
C TRP C 30 2.43 -24.02 -16.79
N LEU C 31 2.42 -25.35 -16.69
CA LEU C 31 3.31 -26.01 -15.73
C LEU C 31 4.76 -25.62 -15.92
N PRO C 32 5.33 -25.65 -17.13
CA PRO C 32 6.73 -25.23 -17.27
C PRO C 32 6.99 -23.84 -16.72
N VAL C 33 6.02 -22.93 -16.81
CA VAL C 33 6.21 -21.59 -16.27
C VAL C 33 6.05 -21.58 -14.76
N LEU C 34 5.04 -22.28 -14.24
CA LEU C 34 4.74 -22.22 -12.82
C LEU C 34 5.88 -22.78 -11.97
N ARG C 35 6.59 -23.77 -12.48
CA ARG C 35 7.66 -24.42 -11.71
C ARG C 35 8.83 -23.49 -11.41
N HIS C 36 8.92 -22.36 -12.11
CA HIS C 36 9.98 -21.40 -11.82
C HIS C 36 9.65 -20.51 -10.63
N TYR C 37 8.51 -20.71 -9.97
CA TYR C 37 8.05 -19.82 -8.92
C TYR C 37 7.78 -20.61 -7.65
N ASP C 38 7.93 -19.93 -6.51
CA ASP C 38 7.58 -20.49 -5.21
C ASP C 38 6.06 -20.51 -5.09
N LEU C 39 5.47 -21.68 -5.29
CA LEU C 39 4.01 -21.79 -5.31
C LEU C 39 3.37 -21.51 -3.96
N ASP C 40 4.10 -21.65 -2.84
CA ASP C 40 3.49 -21.28 -1.57
C ASP C 40 3.20 -19.79 -1.56
N LEU C 41 4.16 -19.00 -2.04
CA LEU C 41 3.96 -17.56 -2.13
C LEU C 41 2.86 -17.22 -3.13
N VAL C 42 2.86 -17.87 -4.29
CA VAL C 42 1.84 -17.55 -5.29
C VAL C 42 0.47 -17.90 -4.75
N ARG C 43 0.33 -19.04 -4.10
CA ARG C 43 -0.95 -19.40 -3.52
C ARG C 43 -1.34 -18.41 -2.41
N ALA C 44 -0.38 -18.03 -1.58
CA ALA C 44 -0.66 -17.00 -0.57
C ALA C 44 -1.15 -15.71 -1.22
N ALA C 45 -0.55 -15.33 -2.35
CA ALA C 45 -0.96 -14.10 -3.02
C ALA C 45 -2.35 -14.25 -3.63
N MET C 46 -2.63 -15.40 -4.26
CA MET C 46 -3.95 -15.62 -4.82
C MET C 46 -5.01 -15.65 -3.71
N ALA C 47 -4.70 -16.30 -2.59
CA ALA C 47 -5.65 -16.34 -1.48
C ALA C 47 -5.92 -14.94 -0.96
N GLN C 48 -4.90 -14.08 -0.94
CA GLN C 48 -5.07 -12.75 -0.38
C GLN C 48 -6.00 -11.88 -1.23
N VAL C 49 -5.85 -11.89 -2.56
CA VAL C 49 -6.69 -11.02 -3.38
C VAL C 49 -8.14 -11.48 -3.33
N ILE C 50 -8.37 -12.80 -3.31
CA ILE C 50 -9.74 -13.30 -3.20
C ILE C 50 -10.39 -12.77 -1.93
N GLY C 51 -9.71 -12.92 -0.80
CA GLY C 51 -10.27 -12.49 0.46
C GLY C 51 -10.40 -10.98 0.57
N ASP C 52 -9.50 -10.24 -0.07
CA ASP C 52 -9.49 -8.78 0.09
C ASP C 52 -10.20 -8.04 -1.03
N ARG C 53 -10.10 -8.51 -2.28
CA ARG C 53 -10.61 -7.75 -3.42
C ARG C 53 -11.88 -8.33 -4.04
N VAL C 54 -12.18 -9.60 -3.81
CA VAL C 54 -13.42 -10.18 -4.32
C VAL C 54 -14.51 -9.99 -3.26
N PRO C 55 -15.65 -9.42 -3.60
CA PRO C 55 -16.69 -9.26 -2.58
C PRO C 55 -17.12 -10.61 -2.02
N LYS C 56 -17.51 -10.60 -0.74
CA LYS C 56 -17.87 -11.84 -0.08
C LYS C 56 -19.06 -12.51 -0.78
N TRP C 57 -20.04 -11.72 -1.19
CA TRP C 57 -21.22 -12.32 -1.83
C TRP C 57 -20.86 -13.00 -3.15
N VAL C 58 -19.88 -12.47 -3.87
CA VAL C 58 -19.40 -13.13 -5.08
C VAL C 58 -18.77 -14.47 -4.74
N HIS C 59 -17.93 -14.49 -3.71
CA HIS C 59 -17.28 -15.73 -3.30
C HIS C 59 -18.32 -16.80 -2.96
N VAL C 60 -19.34 -16.42 -2.19
CA VAL C 60 -20.41 -17.37 -1.84
C VAL C 60 -21.12 -17.82 -3.11
N LEU C 61 -21.54 -16.86 -3.94
CA LEU C 61 -22.35 -17.19 -5.10
C LEU C 61 -21.60 -18.10 -6.07
N ILE C 62 -20.42 -17.66 -6.51
CA ILE C 62 -19.66 -18.43 -7.49
C ILE C 62 -19.28 -19.78 -6.90
N GLY C 63 -18.98 -19.83 -5.61
CA GLY C 63 -18.74 -21.09 -4.96
C GLY C 63 -19.87 -22.07 -5.16
N LYS C 64 -21.10 -21.57 -5.30
CA LYS C 64 -22.29 -22.41 -5.41
C LYS C 64 -22.64 -22.78 -6.84
N VAL C 65 -22.37 -21.90 -7.81
CA VAL C 65 -22.84 -22.09 -9.18
C VAL C 65 -21.71 -22.27 -10.18
N VAL C 66 -20.46 -22.43 -9.71
CA VAL C 66 -19.32 -22.44 -10.62
C VAL C 66 -19.49 -23.50 -11.70
N LEU C 67 -20.01 -24.67 -11.32
CA LEU C 67 -20.16 -25.73 -12.31
C LEU C 67 -21.20 -25.35 -13.36
N GLU C 68 -22.29 -24.70 -12.93
CA GLU C 68 -23.27 -24.20 -13.88
C GLU C 68 -22.70 -23.03 -14.69
N LEU C 69 -21.86 -22.20 -14.07
CA LEU C 69 -21.28 -21.09 -14.80
C LEU C 69 -20.25 -21.56 -15.82
N GLU C 70 -19.49 -22.61 -15.49
CA GLU C 70 -18.46 -23.09 -16.39
C GLU C 70 -19.02 -23.42 -17.76
N ARG C 71 -20.28 -23.87 -17.83
CA ARG C 71 -20.89 -24.20 -19.12
C ARG C 71 -20.78 -23.05 -20.12
N PHE C 72 -20.85 -21.82 -19.64
CA PHE C 72 -20.89 -20.64 -20.49
C PHE C 72 -19.52 -20.04 -20.76
N LEU C 73 -18.43 -20.62 -20.19
CA LEU C 73 -17.09 -20.09 -20.39
C LEU C 73 -16.37 -20.82 -21.51
N PRO C 74 -15.45 -20.17 -22.23
CA PRO C 74 -14.82 -20.80 -23.39
C PRO C 74 -13.46 -21.43 -23.13
N GLN C 75 -13.04 -22.32 -24.03
CA GLN C 75 -11.69 -22.87 -24.05
C GLN C 75 -10.84 -21.86 -24.83
N PRO C 76 -9.52 -21.82 -24.58
CA PRO C 76 -8.79 -22.71 -23.68
C PRO C 76 -8.74 -22.17 -22.26
N PHE C 77 -9.47 -21.09 -22.02
CA PHE C 77 -9.36 -20.40 -20.74
C PHE C 77 -9.82 -21.27 -19.58
N THR C 78 -10.95 -21.97 -19.74
CA THR C 78 -11.42 -22.84 -18.67
C THR C 78 -10.41 -23.94 -18.38
N GLY C 79 -9.88 -24.58 -19.43
CA GLY C 79 -8.90 -25.64 -19.23
C GLY C 79 -7.63 -25.15 -18.56
N GLU C 80 -7.14 -23.97 -18.96
CA GLU C 80 -5.93 -23.44 -18.35
C GLU C 80 -6.16 -23.10 -16.88
N ILE C 81 -7.33 -22.54 -16.56
CA ILE C 81 -7.63 -22.25 -15.16
C ILE C 81 -7.72 -23.55 -14.36
N ARG C 82 -8.34 -24.58 -14.93
CA ARG C 82 -8.41 -25.87 -14.26
C ARG C 82 -7.02 -26.39 -13.95
N GLY C 83 -6.07 -26.17 -14.85
CA GLY C 83 -4.70 -26.55 -14.56
C GLY C 83 -4.11 -25.80 -13.38
N MET C 84 -4.46 -24.51 -13.23
CA MET C 84 -3.95 -23.75 -12.11
C MET C 84 -4.47 -24.31 -10.79
N CYS C 85 -5.70 -24.84 -10.79
CA CYS C 85 -6.27 -25.43 -9.59
C CYS C 85 -5.38 -26.55 -9.07
N ASP C 86 -5.10 -27.52 -9.95
CA ASP C 86 -4.34 -28.69 -9.53
C ASP C 86 -2.96 -28.32 -9.02
N PHE C 87 -2.36 -27.27 -9.58
CA PHE C 87 -0.97 -26.93 -9.28
C PHE C 87 -0.84 -26.02 -8.06
N MET C 88 -1.83 -25.19 -7.78
CA MET C 88 -1.85 -24.36 -6.58
C MET C 88 -2.88 -24.83 -5.56
N ASN C 89 -3.44 -26.02 -5.73
CA ASN C 89 -4.40 -26.57 -4.77
C ASN C 89 -5.50 -25.56 -4.45
N LEU C 90 -6.08 -24.99 -5.50
CA LEU C 90 -7.19 -24.07 -5.36
C LEU C 90 -8.46 -24.66 -5.97
N SER C 91 -9.59 -24.35 -5.36
CA SER C 91 -10.87 -24.75 -5.92
C SER C 91 -11.09 -24.06 -7.26
N LEU C 92 -11.89 -24.70 -8.11
CA LEU C 92 -12.18 -24.09 -9.40
C LEU C 92 -12.83 -22.72 -9.23
N ALA C 93 -13.70 -22.58 -8.24
CA ALA C 93 -14.34 -21.30 -8.00
C ALA C 93 -13.31 -20.24 -7.66
N ASP C 94 -12.35 -20.56 -6.78
CA ASP C 94 -11.34 -19.59 -6.39
C ASP C 94 -10.39 -19.28 -7.53
N ALA C 95 -9.97 -20.31 -8.28
CA ALA C 95 -9.08 -20.08 -9.42
C ALA C 95 -9.75 -19.19 -10.46
N LEU C 96 -11.06 -19.37 -10.66
CA LEU C 96 -11.77 -18.49 -11.58
C LEU C 96 -11.85 -17.07 -11.03
N LEU C 97 -12.14 -16.94 -9.73
CA LEU C 97 -12.28 -15.61 -9.15
C LEU C 97 -10.97 -14.85 -9.22
N VAL C 98 -9.85 -15.52 -9.00
CA VAL C 98 -8.54 -14.87 -9.11
C VAL C 98 -8.36 -14.33 -10.52
N ASN C 99 -8.74 -15.09 -11.53
CA ASN C 99 -8.58 -14.68 -12.91
C ASN C 99 -9.51 -13.53 -13.30
N LEU C 100 -10.56 -13.28 -12.52
CA LEU C 100 -11.43 -12.14 -12.74
C LEU C 100 -11.09 -10.93 -11.87
N ALA C 101 -10.40 -11.14 -10.75
CA ALA C 101 -10.18 -10.06 -9.78
C ALA C 101 -9.36 -8.91 -10.36
N TYR C 102 -8.41 -9.22 -11.24
CA TYR C 102 -7.57 -8.19 -11.84
C TYR C 102 -8.17 -7.58 -13.10
N GLU C 103 -9.43 -7.91 -13.43
CA GLU C 103 -10.13 -7.26 -14.52
C GLU C 103 -10.71 -5.90 -14.14
N SER C 104 -10.66 -5.53 -12.87
CA SER C 104 -11.23 -4.27 -12.40
C SER C 104 -10.29 -3.64 -11.38
N SER C 105 -10.54 -2.36 -11.08
CA SER C 105 -9.75 -1.56 -10.14
C SER C 105 -8.31 -1.37 -10.57
N VAL C 106 -8.02 -1.52 -11.86
CA VAL C 106 -6.68 -1.32 -12.43
C VAL C 106 -6.70 -0.07 -13.29
N PHE C 107 -5.77 0.85 -13.03
CA PHE C 107 -5.63 2.04 -13.85
C PHE C 107 -4.49 1.85 -14.85
N ALA C 108 -4.49 2.69 -15.89
CA ALA C 108 -3.55 2.49 -16.98
C ALA C 108 -3.43 3.78 -17.80
N THR C 109 -2.30 3.88 -18.50
CA THR C 109 -2.12 4.85 -19.57
C THR C 109 -1.64 4.10 -20.80
N SER C 110 -2.32 4.29 -21.92
CA SER C 110 -1.96 3.68 -23.19
C SER C 110 -1.76 4.76 -24.24
N ILE C 111 -0.72 4.59 -25.05
CA ILE C 111 -0.36 5.57 -26.08
C ILE C 111 -0.05 4.83 -27.37
N VAL C 112 -0.67 5.27 -28.46
CA VAL C 112 -0.32 4.82 -29.80
C VAL C 112 0.07 6.06 -30.60
N ALA C 113 1.19 5.98 -31.30
CA ALA C 113 1.73 7.17 -31.95
C ALA C 113 2.48 6.79 -33.23
N GLN C 114 2.64 7.76 -34.10
CA GLN C 114 3.29 7.57 -35.39
C GLN C 114 4.41 8.60 -35.52
N ASP C 115 5.61 8.13 -35.85
CA ASP C 115 6.73 9.06 -35.95
C ASP C 115 6.73 9.71 -37.33
N SER C 116 7.70 10.60 -37.54
CA SER C 116 7.74 11.38 -38.77
C SER C 116 8.00 10.52 -40.00
N ARG C 117 8.67 9.37 -39.85
CA ARG C 117 8.89 8.47 -40.97
C ARG C 117 7.72 7.54 -41.25
N GLY C 118 6.71 7.50 -40.38
CA GLY C 118 5.54 6.67 -40.61
C GLY C 118 5.46 5.40 -39.79
N HIS C 119 6.37 5.19 -38.84
CA HIS C 119 6.36 3.99 -38.00
C HIS C 119 5.34 4.15 -36.87
N ILE C 120 4.73 3.03 -36.50
CA ILE C 120 3.71 3.00 -35.44
C ILE C 120 4.37 2.49 -34.16
N TYR C 121 4.16 3.22 -33.06
CA TYR C 121 4.67 2.85 -31.75
C TYR C 121 3.51 2.77 -30.76
N HIS C 122 3.68 1.91 -29.75
CA HIS C 122 2.62 1.60 -28.79
C HIS C 122 3.27 1.35 -27.43
N GLY C 123 2.78 2.06 -26.42
CA GLY C 123 3.29 1.92 -25.07
C GLY C 123 2.18 2.04 -24.06
N ARG C 124 2.39 1.43 -22.89
CA ARG C 124 1.37 1.46 -21.87
C ARG C 124 1.99 1.31 -20.48
N ASN C 125 1.34 1.93 -19.50
CA ASN C 125 1.61 1.69 -18.09
C ASN C 125 0.40 0.98 -17.49
N LEU C 126 0.64 0.11 -16.52
CA LEU C 126 -0.43 -0.53 -15.79
C LEU C 126 -0.24 -0.23 -14.31
N ASP C 127 -1.27 0.31 -13.68
CA ASP C 127 -1.20 0.76 -12.30
C ASP C 127 -2.24 0.03 -11.47
N TYR C 128 -1.85 -0.32 -10.24
CA TYR C 128 -2.75 -0.99 -9.30
C TYR C 128 -2.69 -0.22 -7.99
N PRO C 129 -3.77 0.43 -7.58
CA PRO C 129 -3.68 1.41 -6.48
C PRO C 129 -3.84 0.78 -5.11
N PHE C 130 -3.36 -0.45 -4.97
CA PHE C 130 -3.42 -1.16 -3.69
C PHE C 130 -2.07 -1.83 -3.45
N GLY C 131 -1.77 -2.09 -2.18
CA GLY C 131 -0.61 -2.90 -1.85
C GLY C 131 -0.69 -4.26 -2.53
N ASN C 132 0.38 -4.71 -3.16
CA ASN C 132 0.34 -5.94 -3.96
C ASN C 132 1.74 -6.48 -4.19
N VAL C 133 1.79 -7.74 -4.64
CA VAL C 133 3.05 -8.37 -5.04
C VAL C 133 3.05 -8.67 -6.54
N LEU C 134 2.26 -7.91 -7.31
CA LEU C 134 2.17 -8.15 -8.75
C LEU C 134 3.50 -7.92 -9.45
N ARG C 135 4.32 -7.00 -8.93
CA ARG C 135 5.62 -6.73 -9.56
C ARG C 135 6.49 -7.97 -9.60
N LYS C 136 6.39 -8.83 -8.59
CA LYS C 136 7.14 -10.06 -8.58
C LYS C 136 6.55 -11.13 -9.49
N LEU C 137 5.30 -10.97 -9.90
CA LEU C 137 4.62 -11.98 -10.70
C LEU C 137 4.41 -11.59 -12.15
N THR C 138 4.88 -10.40 -12.56
CA THR C 138 4.71 -9.97 -13.94
C THR C 138 5.69 -10.70 -14.85
N VAL C 139 5.18 -11.15 -15.99
CA VAL C 139 5.98 -11.93 -16.94
C VAL C 139 5.59 -11.58 -18.37
N ASP C 140 6.59 -11.62 -19.26
CA ASP C 140 6.37 -11.61 -20.69
C ASP C 140 6.33 -13.05 -21.18
N VAL C 141 5.25 -13.41 -21.85
CA VAL C 141 5.02 -14.79 -22.30
C VAL C 141 4.94 -14.78 -23.81
N GLN C 142 5.69 -15.68 -24.44
CA GLN C 142 5.60 -15.93 -25.87
C GLN C 142 4.77 -17.20 -26.06
N PHE C 143 3.65 -17.08 -26.77
CA PHE C 143 2.76 -18.20 -27.03
C PHE C 143 3.14 -18.82 -28.36
N LEU C 144 3.47 -20.11 -28.36
CA LEU C 144 4.01 -20.78 -29.52
C LEU C 144 2.98 -21.67 -30.19
N LYS C 145 2.98 -21.65 -31.52
CA LYS C 145 2.21 -22.56 -32.35
C LYS C 145 3.19 -23.22 -33.31
N ASN C 146 3.29 -24.55 -33.22
CA ASN C 146 4.20 -25.31 -34.06
C ASN C 146 5.63 -24.79 -33.90
N GLY C 147 6.00 -24.47 -32.66
CA GLY C 147 7.33 -24.00 -32.38
C GLY C 147 7.60 -22.56 -32.75
N GLN C 148 6.64 -21.88 -33.37
CA GLN C 148 6.80 -20.50 -33.81
C GLN C 148 6.06 -19.56 -32.87
N ILE C 149 6.61 -18.36 -32.69
CA ILE C 149 5.98 -17.36 -31.83
C ILE C 149 4.70 -16.89 -32.51
N ALA C 150 3.54 -17.27 -31.93
CA ALA C 150 2.27 -16.80 -32.46
C ALA C 150 1.95 -15.40 -31.96
N PHE C 151 2.19 -15.12 -30.69
CA PHE C 151 2.00 -13.79 -30.14
C PHE C 151 2.69 -13.71 -28.78
N THR C 152 2.95 -12.49 -28.36
CA THR C 152 3.58 -12.22 -27.08
C THR C 152 2.62 -11.41 -26.22
N GLY C 153 2.65 -11.68 -24.91
CA GLY C 153 1.78 -10.96 -23.99
C GLY C 153 2.47 -10.73 -22.66
N THR C 154 1.94 -9.76 -21.92
CA THR C 154 2.36 -9.46 -20.56
C THR C 154 1.21 -9.76 -19.62
N THR C 155 1.49 -10.51 -18.56
CA THR C 155 0.45 -10.93 -17.63
C THR C 155 1.09 -11.21 -16.28
N PHE C 156 0.30 -11.78 -15.37
CA PHE C 156 0.76 -12.21 -14.06
C PHE C 156 0.68 -13.73 -13.98
N ILE C 157 1.64 -14.33 -13.28
CA ILE C 157 1.63 -15.78 -13.10
C ILE C 157 0.30 -16.20 -12.49
N GLY C 158 -0.33 -17.19 -13.10
CA GLY C 158 -1.65 -17.65 -12.68
C GLY C 158 -2.80 -16.98 -13.38
N TYR C 159 -2.55 -15.95 -14.17
CA TYR C 159 -3.58 -15.20 -14.86
C TYR C 159 -3.53 -15.59 -16.33
N VAL C 160 -4.66 -16.04 -16.88
CA VAL C 160 -4.66 -16.56 -18.25
C VAL C 160 -5.02 -15.52 -19.29
N GLY C 161 -5.57 -14.38 -18.90
CA GLY C 161 -5.85 -13.33 -19.87
C GLY C 161 -4.63 -12.46 -20.12
N LEU C 162 -4.76 -11.58 -21.11
CA LEU C 162 -3.69 -10.67 -21.48
C LEU C 162 -4.26 -9.26 -21.58
N TRP C 163 -3.76 -8.37 -20.74
CA TRP C 163 -4.08 -6.95 -20.84
C TRP C 163 -3.16 -6.21 -21.81
N THR C 164 -2.07 -6.84 -22.22
CA THR C 164 -1.09 -6.23 -23.12
C THR C 164 -0.49 -7.35 -23.97
N GLY C 165 -0.34 -7.09 -25.26
CA GLY C 165 0.18 -8.13 -26.14
C GLY C 165 0.46 -7.63 -27.54
N GLN C 166 1.09 -8.51 -28.31
CA GLN C 166 1.55 -8.20 -29.66
C GLN C 166 1.37 -9.40 -30.56
N SER C 167 0.84 -9.17 -31.75
CA SER C 167 0.84 -10.16 -32.81
C SER C 167 1.91 -9.76 -33.81
N PRO C 168 3.04 -10.46 -33.92
CA PRO C 168 4.18 -9.92 -34.67
C PRO C 168 3.81 -9.62 -36.12
N HIS C 169 4.21 -8.42 -36.57
CA HIS C 169 3.98 -7.95 -37.94
C HIS C 169 2.49 -7.81 -38.25
N LYS C 170 1.65 -7.68 -37.24
CA LYS C 170 0.21 -7.51 -37.45
C LYS C 170 -0.35 -6.37 -36.61
N PHE C 171 -0.30 -6.47 -35.29
CA PHE C 171 -0.88 -5.42 -34.46
C PHE C 171 -0.43 -5.60 -33.01
N THR C 172 -0.56 -4.52 -32.25
CA THR C 172 -0.32 -4.51 -30.82
C THR C 172 -1.61 -4.08 -30.11
N VAL C 173 -1.80 -4.55 -28.88
CA VAL C 173 -3.04 -4.31 -28.14
C VAL C 173 -2.72 -4.02 -26.68
N SER C 174 -3.44 -3.06 -26.10
CA SER C 174 -3.46 -2.85 -24.67
C SER C 174 -4.88 -2.44 -24.27
N GLY C 175 -5.25 -2.80 -23.05
CA GLY C 175 -6.57 -2.50 -22.52
C GLY C 175 -6.51 -1.61 -21.31
N ASP C 176 -7.44 -0.65 -21.25
CA ASP C 176 -7.60 0.28 -20.13
C ASP C 176 -9.03 0.18 -19.61
N GLU C 177 -9.19 0.09 -18.30
CA GLU C 177 -10.54 -0.06 -17.76
C GLU C 177 -11.37 1.20 -17.97
N ARG C 178 -12.65 0.99 -18.23
CA ARG C 178 -13.68 2.01 -18.31
C ARG C 178 -14.67 1.71 -17.20
N ASP C 179 -14.54 2.37 -16.06
CA ASP C 179 -15.31 2.02 -14.87
C ASP C 179 -16.67 2.71 -14.91
N LYS C 180 -17.74 1.90 -14.94
CA LYS C 180 -19.11 2.40 -14.86
C LYS C 180 -19.79 2.02 -13.55
N GLY C 181 -19.07 1.38 -12.62
CA GLY C 181 -19.67 0.83 -11.43
C GLY C 181 -20.35 -0.51 -11.69
N TRP C 182 -20.70 -1.19 -10.60
CA TRP C 182 -21.38 -2.47 -10.68
C TRP C 182 -20.60 -3.49 -11.50
N TRP C 183 -19.28 -3.54 -11.30
CA TRP C 183 -18.47 -4.44 -12.12
C TRP C 183 -18.87 -5.89 -11.92
N TRP C 184 -18.88 -6.35 -10.67
CA TRP C 184 -19.16 -7.75 -10.40
C TRP C 184 -20.60 -8.11 -10.74
N GLU C 185 -21.54 -7.21 -10.41
CA GLU C 185 -22.95 -7.48 -10.68
C GLU C 185 -23.19 -7.74 -12.16
N ASN C 186 -22.78 -6.80 -13.03
CA ASN C 186 -23.02 -6.95 -14.45
C ASN C 186 -22.10 -7.96 -15.10
N ALA C 187 -20.89 -8.14 -14.57
CA ALA C 187 -19.96 -9.10 -15.15
C ALA C 187 -20.47 -10.53 -15.00
N ILE C 188 -20.98 -10.89 -13.82
CA ILE C 188 -21.50 -12.23 -13.60
C ILE C 188 -22.68 -12.50 -14.53
N ALA C 189 -23.60 -11.55 -14.62
CA ALA C 189 -24.73 -11.72 -15.53
C ALA C 189 -24.26 -11.85 -16.98
N ALA C 190 -23.24 -11.09 -17.36
CA ALA C 190 -22.73 -11.16 -18.73
C ALA C 190 -22.06 -12.51 -18.99
N LEU C 191 -21.35 -13.05 -18.00
CA LEU C 191 -20.74 -14.35 -18.17
C LEU C 191 -21.80 -15.42 -18.45
N PHE C 192 -22.92 -15.38 -17.71
CA PHE C 192 -23.99 -16.33 -17.97
C PHE C 192 -24.63 -16.11 -19.34
N ARG C 193 -24.40 -14.96 -19.96
CA ARG C 193 -24.87 -14.71 -21.32
C ARG C 193 -23.76 -14.90 -22.34
N ARG C 194 -22.65 -15.53 -21.95
CA ARG C 194 -21.56 -15.92 -22.83
C ARG C 194 -20.75 -14.73 -23.33
N HIS C 195 -20.80 -13.60 -22.65
CA HIS C 195 -19.77 -12.59 -22.83
C HIS C 195 -18.49 -13.06 -22.13
N ILE C 196 -17.36 -12.48 -22.52
CA ILE C 196 -16.07 -12.96 -22.02
C ILE C 196 -15.34 -11.78 -21.37
N PRO C 197 -14.40 -12.07 -20.49
CA PRO C 197 -13.57 -11.00 -19.91
C PRO C 197 -12.79 -10.24 -20.96
N VAL C 198 -12.52 -8.97 -20.65
CA VAL C 198 -11.88 -8.11 -21.64
C VAL C 198 -10.47 -8.60 -21.94
N SER C 199 -9.76 -9.13 -20.93
CA SER C 199 -8.41 -9.63 -21.16
C SER C 199 -8.40 -10.96 -21.92
N TRP C 200 -9.50 -11.73 -21.85
CA TRP C 200 -9.58 -12.94 -22.66
C TRP C 200 -9.85 -12.60 -24.13
N LEU C 201 -10.63 -11.54 -24.38
CA LEU C 201 -10.84 -11.12 -25.76
C LEU C 201 -9.55 -10.61 -26.37
N ILE C 202 -8.75 -9.87 -25.61
CA ILE C 202 -7.46 -9.42 -26.14
C ILE C 202 -6.63 -10.63 -26.59
N ARG C 203 -6.53 -11.64 -25.73
CA ARG C 203 -5.73 -12.81 -26.07
C ARG C 203 -6.32 -13.53 -27.28
N ALA C 204 -7.65 -13.71 -27.30
CA ALA C 204 -8.28 -14.34 -28.45
C ALA C 204 -8.04 -13.55 -29.74
N THR C 205 -7.97 -12.22 -29.63
CA THR C 205 -7.69 -11.41 -30.81
C THR C 205 -6.24 -11.60 -31.26
N LEU C 206 -5.31 -11.55 -30.32
CA LEU C 206 -3.90 -11.80 -30.65
C LEU C 206 -3.71 -13.16 -31.30
N SER C 207 -4.52 -14.14 -30.92
CA SER C 207 -4.33 -15.50 -31.43
C SER C 207 -4.95 -15.68 -32.80
N GLU C 208 -6.09 -15.02 -33.07
CA GLU C 208 -6.91 -15.33 -34.22
C GLU C 208 -6.84 -14.29 -35.33
N SER C 209 -6.78 -13.00 -35.01
CA SER C 209 -6.96 -11.97 -36.03
C SER C 209 -5.76 -11.87 -36.96
N GLU C 210 -6.06 -11.77 -38.26
CA GLU C 210 -5.06 -11.83 -39.31
C GLU C 210 -4.38 -10.50 -39.58
N ASN C 211 -4.99 -9.38 -39.21
CA ASN C 211 -4.41 -8.07 -39.50
C ASN C 211 -5.01 -7.02 -38.59
N PHE C 212 -4.44 -5.82 -38.67
CA PHE C 212 -4.88 -4.71 -37.82
C PHE C 212 -6.38 -4.47 -37.96
N GLU C 213 -6.87 -4.35 -39.19
CA GLU C 213 -8.29 -4.03 -39.37
C GLU C 213 -9.18 -5.12 -38.79
N ALA C 214 -8.82 -6.38 -38.98
CA ALA C 214 -9.62 -7.47 -38.42
C ALA C 214 -9.58 -7.46 -36.90
N ALA C 215 -8.41 -7.15 -36.33
CA ALA C 215 -8.29 -7.06 -34.88
C ALA C 215 -9.19 -5.96 -34.32
N VAL C 216 -9.20 -4.80 -34.98
CA VAL C 216 -10.07 -3.70 -34.54
C VAL C 216 -11.53 -4.15 -34.58
N GLY C 217 -11.93 -4.84 -35.64
CA GLY C 217 -13.30 -5.31 -35.73
C GLY C 217 -13.66 -6.27 -34.60
N LYS C 218 -12.79 -7.26 -34.36
CA LYS C 218 -13.07 -8.23 -33.32
C LYS C 218 -13.08 -7.59 -31.94
N LEU C 219 -12.15 -6.67 -31.68
CA LEU C 219 -12.09 -6.02 -30.37
C LEU C 219 -13.26 -5.08 -30.15
N ALA C 220 -13.83 -4.55 -31.23
CA ALA C 220 -14.92 -3.58 -31.10
C ALA C 220 -16.29 -4.21 -30.92
N LYS C 221 -16.51 -5.41 -31.47
CA LYS C 221 -17.85 -5.97 -31.55
C LYS C 221 -18.11 -7.18 -30.68
N THR C 222 -17.07 -7.86 -30.19
CA THR C 222 -17.29 -9.11 -29.45
C THR C 222 -17.88 -8.79 -28.08
N PRO C 223 -18.98 -9.42 -27.68
CA PRO C 223 -19.61 -9.09 -26.39
C PRO C 223 -18.67 -9.30 -25.21
N LEU C 224 -18.66 -8.32 -24.31
CA LEU C 224 -17.78 -8.29 -23.14
C LEU C 224 -18.58 -8.25 -21.84
N ILE C 225 -17.89 -8.59 -20.74
CA ILE C 225 -18.51 -8.57 -19.43
C ILE C 225 -18.38 -7.21 -18.74
N ALA C 226 -17.68 -6.25 -19.34
CA ALA C 226 -17.50 -4.94 -18.77
C ALA C 226 -17.09 -3.96 -19.87
N ASP C 227 -17.17 -2.68 -19.56
CA ASP C 227 -16.66 -1.64 -20.45
C ASP C 227 -15.14 -1.62 -20.39
N VAL C 228 -14.53 -1.06 -21.44
CA VAL C 228 -13.08 -1.03 -21.55
C VAL C 228 -12.69 -0.07 -22.66
N TYR C 229 -11.44 0.38 -22.63
CA TYR C 229 -10.80 1.04 -23.78
C TYR C 229 -9.77 0.08 -24.35
N TYR C 230 -9.86 -0.18 -25.65
CA TYR C 230 -8.85 -0.94 -26.37
C TYR C 230 -8.04 0.02 -27.22
N ILE C 231 -6.73 -0.01 -27.05
CA ILE C 231 -5.80 0.76 -27.85
C ILE C 231 -5.08 -0.23 -28.76
N VAL C 232 -5.14 0.00 -30.07
CA VAL C 232 -4.61 -0.93 -31.06
C VAL C 232 -3.65 -0.17 -31.96
N GLY C 233 -2.49 -0.79 -32.22
CA GLY C 233 -1.53 -0.25 -33.16
C GLY C 233 -1.27 -1.26 -34.27
N GLY C 234 -1.03 -0.75 -35.47
CA GLY C 234 -0.80 -1.58 -36.62
C GLY C 234 0.64 -1.53 -37.11
N THR C 235 0.82 -1.70 -38.43
CA THR C 235 2.13 -1.69 -39.06
C THR C 235 2.27 -0.65 -40.17
N SER C 236 1.17 -0.09 -40.66
CA SER C 236 1.20 0.95 -41.68
C SER C 236 0.81 2.29 -41.08
N PRO C 237 1.11 3.39 -41.76
CA PRO C 237 0.76 4.71 -41.22
C PRO C 237 -0.73 4.83 -40.94
N ARG C 238 -1.06 5.54 -39.87
CA ARG C 238 -2.41 5.84 -39.41
C ARG C 238 -3.07 4.64 -38.75
N GLU C 239 -2.41 3.49 -38.67
CA GLU C 239 -3.00 2.31 -38.02
C GLU C 239 -2.77 2.45 -36.52
N GLY C 240 -3.61 3.27 -35.90
CA GLY C 240 -3.64 3.43 -34.46
C GLY C 240 -5.01 3.95 -34.08
N VAL C 241 -5.61 3.40 -33.02
CA VAL C 241 -7.00 3.72 -32.70
C VAL C 241 -7.26 3.45 -31.24
N VAL C 242 -8.17 4.23 -30.66
CA VAL C 242 -8.72 3.97 -29.33
C VAL C 242 -10.16 3.54 -29.53
N ILE C 243 -10.50 2.35 -29.06
CA ILE C 243 -11.86 1.83 -29.13
C ILE C 243 -12.46 1.97 -27.74
N THR C 244 -13.48 2.82 -27.62
CA THR C 244 -14.24 2.92 -26.38
C THR C 244 -15.38 1.91 -26.44
N ARG C 245 -15.36 0.95 -25.51
CA ARG C 245 -16.27 -0.18 -25.53
C ARG C 245 -17.29 -0.12 -24.41
N ASN C 246 -18.49 -0.63 -24.70
CA ASN C 246 -19.42 -1.08 -23.67
C ASN C 246 -19.60 -2.57 -23.90
N ARG C 247 -20.40 -3.21 -23.04
CA ARG C 247 -20.47 -4.66 -23.08
C ARG C 247 -20.96 -5.20 -24.42
N ASP C 248 -21.78 -4.45 -25.14
CA ASP C 248 -22.41 -4.98 -26.34
C ASP C 248 -21.71 -4.57 -27.64
N GLY C 249 -20.98 -3.47 -27.64
CA GLY C 249 -20.35 -3.00 -28.85
C GLY C 249 -19.59 -1.71 -28.65
N PRO C 250 -19.19 -1.07 -29.76
CA PRO C 250 -18.37 0.14 -29.66
C PRO C 250 -19.16 1.41 -29.49
N ALA C 251 -18.78 2.24 -28.52
CA ALA C 251 -19.36 3.56 -28.40
C ALA C 251 -18.65 4.59 -29.27
N ASP C 252 -17.36 4.40 -29.52
CA ASP C 252 -16.58 5.39 -30.25
C ASP C 252 -15.28 4.76 -30.74
N ILE C 253 -14.88 5.12 -31.95
CA ILE C 253 -13.62 4.66 -32.54
C ILE C 253 -12.82 5.88 -32.95
N TRP C 254 -11.63 6.04 -32.37
CA TRP C 254 -10.85 7.28 -32.41
C TRP C 254 -9.49 7.00 -33.05
N PRO C 255 -9.35 7.21 -34.36
CA PRO C 255 -8.10 6.87 -35.03
C PRO C 255 -7.07 7.99 -35.03
N LEU C 256 -5.83 7.61 -35.32
CA LEU C 256 -4.79 8.58 -35.63
C LEU C 256 -5.16 9.39 -36.87
N ASP C 257 -4.71 10.65 -36.89
CA ASP C 257 -4.95 11.56 -38.01
C ASP C 257 -3.72 12.44 -38.18
N PRO C 258 -2.59 11.85 -38.58
CA PRO C 258 -1.34 12.64 -38.66
C PRO C 258 -1.42 13.81 -39.62
N LEU C 259 -2.11 13.66 -40.76
CA LEU C 259 -2.21 14.77 -41.70
C LEU C 259 -2.84 16.00 -41.05
N ASN C 260 -3.68 15.80 -40.03
CA ASN C 260 -4.30 16.90 -39.31
C ASN C 260 -3.60 17.19 -37.98
N GLY C 261 -2.36 16.74 -37.83
CA GLY C 261 -1.59 16.99 -36.64
C GLY C 261 -1.78 16.01 -35.50
N ALA C 262 -2.64 15.00 -35.66
CA ALA C 262 -2.88 14.02 -34.60
C ALA C 262 -2.02 12.80 -34.89
N TRP C 263 -0.75 12.89 -34.48
CA TRP C 263 0.20 11.80 -34.64
C TRP C 263 0.26 10.89 -33.42
N PHE C 264 -0.56 11.14 -32.41
CA PHE C 264 -0.68 10.23 -31.28
C PHE C 264 -2.10 10.28 -30.74
N ARG C 265 -2.48 9.21 -30.05
CA ARG C 265 -3.71 9.18 -29.28
C ARG C 265 -3.36 8.68 -27.87
N VAL C 266 -3.80 9.43 -26.87
CA VAL C 266 -3.58 9.07 -25.47
C VAL C 266 -4.90 8.62 -24.88
N GLU C 267 -4.86 7.56 -24.09
CA GLU C 267 -6.01 7.09 -23.34
C GLU C 267 -5.53 6.68 -21.96
N THR C 268 -6.21 7.18 -20.92
CA THR C 268 -5.97 6.73 -19.56
C THR C 268 -7.16 5.86 -19.19
N ASN C 269 -8.14 6.37 -18.44
CA ASN C 269 -9.30 5.58 -18.04
C ASN C 269 -10.59 6.36 -18.20
N TYR C 270 -10.62 7.35 -19.10
CA TYR C 270 -11.75 8.25 -19.23
C TYR C 270 -12.05 8.50 -20.70
N ASP C 271 -13.28 8.91 -20.98
CA ASP C 271 -13.72 9.14 -22.34
C ASP C 271 -13.02 10.37 -22.92
N HIS C 272 -12.41 10.20 -24.09
CA HIS C 272 -11.53 11.24 -24.64
C HIS C 272 -12.28 12.48 -25.08
N TRP C 273 -13.57 12.39 -25.38
CA TRP C 273 -14.33 13.55 -25.83
C TRP C 273 -14.78 14.46 -24.69
N LYS C 274 -14.49 14.08 -23.45
CA LYS C 274 -14.72 14.92 -22.28
C LYS C 274 -13.42 15.12 -21.52
N PRO C 275 -13.34 16.16 -20.70
CA PRO C 275 -12.10 16.37 -19.92
C PRO C 275 -11.89 15.26 -18.92
N ALA C 276 -10.61 14.98 -18.66
CA ALA C 276 -10.27 14.08 -17.59
C ALA C 276 -10.60 14.73 -16.24
N PRO C 277 -10.98 13.94 -15.24
CA PRO C 277 -11.26 14.53 -13.92
C PRO C 277 -10.00 15.20 -13.39
N LYS C 278 -10.21 16.34 -12.72
CA LYS C 278 -9.08 17.12 -12.20
C LYS C 278 -8.27 16.37 -11.15
N GLU C 279 -8.85 15.39 -10.45
CA GLU C 279 -8.09 14.66 -9.46
C GLU C 279 -7.13 13.66 -10.10
N ASP C 280 -7.49 13.11 -11.26
CA ASP C 280 -6.68 12.09 -11.94
C ASP C 280 -6.52 12.50 -13.40
N ASP C 281 -5.65 13.48 -13.64
CA ASP C 281 -5.42 13.98 -14.98
C ASP C 281 -4.05 13.53 -15.50
N ARG C 282 -3.85 12.22 -15.58
CA ARG C 282 -2.64 11.69 -16.21
C ARG C 282 -2.63 11.95 -17.72
N ARG C 283 -3.81 12.16 -18.32
CA ARG C 283 -3.87 12.41 -19.76
C ARG C 283 -3.08 13.65 -20.13
N THR C 284 -3.32 14.75 -19.42
CA THR C 284 -2.66 16.01 -19.77
C THR C 284 -1.14 15.88 -19.68
N SER C 285 -0.65 15.22 -18.64
CA SER C 285 0.80 15.06 -18.50
C SER C 285 1.38 14.28 -19.68
N ALA C 286 0.70 13.23 -20.11
CA ALA C 286 1.20 12.44 -21.23
C ALA C 286 1.22 13.28 -22.51
N ILE C 287 0.13 14.02 -22.76
CA ILE C 287 0.06 14.85 -23.96
C ILE C 287 1.18 15.87 -23.97
N LYS C 288 1.45 16.50 -22.82
CA LYS C 288 2.53 17.48 -22.76
C LYS C 288 3.87 16.83 -23.07
N ALA C 289 4.11 15.63 -22.53
CA ALA C 289 5.37 14.95 -22.79
C ALA C 289 5.49 14.57 -24.26
N LEU C 290 4.39 14.11 -24.87
CA LEU C 290 4.41 13.80 -26.29
C LEU C 290 4.63 15.07 -27.11
N ASN C 291 3.94 16.16 -26.74
CA ASN C 291 4.14 17.43 -27.43
C ASN C 291 5.59 17.89 -27.31
N ALA C 292 6.19 17.72 -26.14
CA ALA C 292 7.57 18.13 -25.92
C ALA C 292 8.55 17.22 -26.69
N THR C 293 8.27 15.92 -26.76
CA THR C 293 9.14 15.01 -27.48
C THR C 293 9.17 15.36 -28.97
N GLY C 294 8.00 15.58 -29.56
CA GLY C 294 7.90 15.86 -30.98
C GLY C 294 7.83 14.61 -31.82
N GLN C 295 7.09 14.70 -32.93
CA GLN C 295 6.91 13.55 -33.79
C GLN C 295 8.23 13.08 -34.40
N ALA C 296 9.16 14.02 -34.67
CA ALA C 296 10.42 13.65 -35.30
C ALA C 296 11.30 12.81 -34.39
N ASN C 297 11.15 12.97 -33.07
CA ASN C 297 11.98 12.28 -32.10
C ASN C 297 11.28 11.09 -31.47
N LEU C 298 10.15 10.67 -32.01
CA LEU C 298 9.41 9.56 -31.42
C LEU C 298 10.17 8.26 -31.67
N SER C 299 10.33 7.48 -30.62
CA SER C 299 10.94 6.16 -30.71
C SER C 299 10.44 5.34 -29.53
N LEU C 300 10.79 4.05 -29.52
CA LEU C 300 10.42 3.22 -28.39
C LEU C 300 11.07 3.73 -27.10
N GLU C 301 12.34 4.13 -27.18
CA GLU C 301 12.99 4.69 -26.01
C GLU C 301 12.35 6.00 -25.59
N ALA C 302 12.06 6.89 -26.55
CA ALA C 302 11.39 8.14 -26.22
C ALA C 302 10.00 7.88 -25.66
N LEU C 303 9.30 6.88 -26.21
CA LEU C 303 8.00 6.53 -25.66
C LEU C 303 8.11 6.01 -24.24
N PHE C 304 9.14 5.22 -23.96
CA PHE C 304 9.38 4.77 -22.59
C PHE C 304 9.59 5.95 -21.65
N GLN C 305 10.31 6.98 -22.11
CA GLN C 305 10.54 8.16 -21.28
C GLN C 305 9.25 8.92 -21.04
N ILE C 306 8.40 9.03 -22.06
CA ILE C 306 7.10 9.66 -21.87
C ILE C 306 6.32 8.93 -20.79
N LEU C 307 6.34 7.61 -20.81
CA LEU C 307 5.63 6.82 -19.81
C LEU C 307 6.34 6.80 -18.47
N SER C 308 7.49 7.46 -18.34
CA SER C 308 8.18 7.61 -17.08
C SER C 308 7.97 8.99 -16.46
N VAL C 309 7.13 9.82 -17.06
CA VAL C 309 6.87 11.15 -16.53
C VAL C 309 5.80 11.05 -15.46
N VAL C 310 6.06 11.67 -14.31
CA VAL C 310 5.08 11.70 -13.23
C VAL C 310 3.98 12.70 -13.61
N PRO C 311 2.71 12.35 -13.35
CA PRO C 311 2.16 11.15 -12.70
C PRO C 311 1.71 10.04 -13.66
N VAL C 312 2.00 10.16 -14.96
CA VAL C 312 1.74 9.04 -15.86
C VAL C 312 2.40 7.78 -15.31
N TYR C 313 3.66 7.93 -14.92
CA TYR C 313 4.35 6.97 -14.06
C TYR C 313 4.19 7.44 -12.62
N ASN C 314 3.67 6.55 -11.77
CA ASN C 314 3.34 6.93 -10.41
C ASN C 314 3.72 5.80 -9.47
N ASN C 315 3.52 6.05 -8.17
CA ASN C 315 3.90 5.11 -7.13
C ASN C 315 3.16 3.78 -7.24
N PHE C 316 2.05 3.72 -7.99
CA PHE C 316 1.27 2.50 -8.14
C PHE C 316 1.53 1.78 -9.45
N THR C 317 2.41 2.31 -10.30
CA THR C 317 2.67 1.68 -11.58
C THR C 317 3.34 0.33 -11.38
N ILE C 318 2.79 -0.70 -12.02
CA ILE C 318 3.32 -2.06 -11.91
C ILE C 318 4.36 -2.32 -12.99
N TYR C 319 4.05 -2.03 -14.24
CA TYR C 319 4.99 -2.26 -15.31
C TYR C 319 4.74 -1.27 -16.44
N THR C 320 5.76 -1.11 -17.27
CA THR C 320 5.72 -0.29 -18.47
C THR C 320 6.11 -1.17 -19.65
N THR C 321 5.28 -1.16 -20.70
CA THR C 321 5.53 -1.94 -21.90
C THR C 321 5.61 -1.01 -23.09
N VAL C 322 6.63 -1.19 -23.93
CA VAL C 322 6.73 -0.53 -25.22
C VAL C 322 6.83 -1.60 -26.29
N MET C 323 6.21 -1.35 -27.44
CA MET C 323 6.12 -2.37 -28.47
C MET C 323 5.80 -1.71 -29.80
N SER C 324 6.11 -2.44 -30.87
CA SER C 324 5.81 -2.00 -32.23
C SER C 324 5.64 -3.24 -33.09
N ALA C 325 4.44 -3.44 -33.64
CA ALA C 325 4.16 -4.64 -34.41
C ALA C 325 5.12 -4.79 -35.58
N GLY C 326 5.57 -3.69 -36.17
CA GLY C 326 6.53 -3.74 -37.27
C GLY C 326 7.91 -4.18 -36.84
N SER C 327 8.24 -4.03 -35.56
CA SER C 327 9.54 -4.45 -35.02
C SER C 327 9.29 -5.34 -33.81
N PRO C 328 8.74 -6.53 -34.04
CA PRO C 328 8.28 -7.36 -32.90
C PRO C 328 9.37 -7.75 -31.92
N ASP C 329 10.62 -7.85 -32.37
CA ASP C 329 11.68 -8.25 -31.44
C ASP C 329 11.94 -7.21 -30.36
N LYS C 330 11.44 -5.99 -30.51
CA LYS C 330 11.69 -4.93 -29.53
C LYS C 330 10.69 -4.88 -28.39
N TYR C 331 9.68 -5.76 -28.39
CA TYR C 331 8.73 -5.80 -27.30
C TYR C 331 9.45 -5.91 -25.96
N MET C 332 9.17 -4.98 -25.05
CA MET C 332 9.89 -4.93 -23.79
C MET C 332 8.95 -4.49 -22.68
N THR C 333 8.93 -5.27 -21.60
CA THR C 333 8.24 -4.90 -20.37
C THR C 333 9.27 -4.65 -19.27
N ARG C 334 9.10 -3.54 -18.57
CA ARG C 334 9.96 -3.16 -17.46
C ARG C 334 9.14 -3.08 -16.19
N ILE C 335 9.61 -3.74 -15.14
CA ILE C 335 8.93 -3.67 -13.85
C ILE C 335 9.26 -2.32 -13.21
N ARG C 336 8.24 -1.62 -12.72
CA ARG C 336 8.40 -0.31 -12.11
C ARG C 336 8.25 -0.41 -10.60
N ASN C 337 9.01 0.43 -9.88
CA ASN C 337 8.94 0.52 -8.43
C ASN C 337 9.24 -0.83 -7.79
N PRO C 338 10.23 -1.59 -8.27
CA PRO C 338 10.39 -2.94 -7.72
C PRO C 338 11.10 -3.00 -6.37
N SER D 11 51.10 0.10 -27.90
CA SER D 11 51.77 1.04 -27.02
C SER D 11 50.78 2.00 -26.37
N PRO D 12 50.50 1.83 -25.07
CA PRO D 12 49.58 2.74 -24.38
C PRO D 12 50.17 4.14 -24.28
N PRO D 13 49.38 5.18 -24.52
CA PRO D 13 49.94 6.54 -24.45
C PRO D 13 50.20 6.96 -23.01
N ALA D 14 51.26 7.74 -22.84
CA ALA D 14 51.58 8.29 -21.53
C ALA D 14 50.63 9.41 -21.17
N ALA D 15 50.32 9.51 -19.89
CA ALA D 15 49.45 10.57 -19.44
C ALA D 15 50.14 11.92 -19.58
N PRO D 16 49.36 12.97 -19.83
CA PRO D 16 49.87 14.34 -19.78
C PRO D 16 50.54 14.66 -18.45
N ARG D 17 51.52 15.54 -18.54
CA ARG D 17 52.29 15.98 -17.40
C ARG D 17 52.10 17.46 -17.19
N PHE D 18 51.97 17.87 -15.93
CA PHE D 18 51.81 19.28 -15.61
C PHE D 18 52.55 19.58 -14.33
N ASN D 19 52.69 20.88 -14.11
CA ASN D 19 53.30 21.39 -12.90
C ASN D 19 52.27 22.10 -12.06
N VAL D 20 52.44 22.01 -10.75
CA VAL D 20 51.65 22.74 -9.78
C VAL D 20 52.64 23.31 -8.78
N SER D 21 52.57 24.62 -8.55
CA SER D 21 53.47 25.28 -7.64
C SER D 21 52.85 25.37 -6.25
N LEU D 22 53.58 24.88 -5.25
CA LEU D 22 53.11 24.99 -3.88
C LEU D 22 53.37 26.35 -3.30
N ASP D 23 54.06 27.22 -4.05
CA ASP D 23 54.18 28.60 -3.67
C ASP D 23 52.94 29.39 -4.09
N SER D 24 52.20 28.89 -5.08
CA SER D 24 50.91 29.46 -5.42
C SER D 24 49.89 29.06 -4.36
N VAL D 25 48.91 29.92 -4.15
CA VAL D 25 47.91 29.65 -3.10
C VAL D 25 47.05 28.47 -3.53
N PRO D 26 46.46 27.69 -2.61
CA PRO D 26 45.65 26.56 -3.06
C PRO D 26 44.50 26.99 -3.96
N GLU D 27 43.95 28.18 -3.74
CA GLU D 27 42.78 28.63 -4.48
C GLU D 27 43.05 28.75 -5.98
N LEU D 28 44.32 28.74 -6.41
CA LEU D 28 44.69 29.03 -7.79
C LEU D 28 45.73 28.07 -8.35
N ARG D 29 46.29 27.20 -7.52
CA ARG D 29 47.38 26.32 -7.95
C ARG D 29 47.07 25.58 -9.23
N TRP D 30 45.83 25.16 -9.39
CA TRP D 30 45.39 24.31 -10.46
C TRP D 30 44.92 25.06 -11.70
N LEU D 31 44.80 26.38 -11.63
CA LEU D 31 44.29 27.12 -12.78
C LEU D 31 45.11 26.87 -14.04
N PRO D 32 46.45 27.00 -14.03
CA PRO D 32 47.20 26.75 -15.27
C PRO D 32 46.93 25.38 -15.87
N VAL D 33 46.67 24.38 -15.03
CA VAL D 33 46.35 23.05 -15.52
C VAL D 33 44.91 23.02 -16.04
N LEU D 34 44.01 23.72 -15.34
CA LEU D 34 42.59 23.67 -15.67
C LEU D 34 42.30 24.15 -17.09
N ARG D 35 43.04 25.16 -17.55
CA ARG D 35 42.74 25.78 -18.82
C ARG D 35 42.98 24.89 -20.03
N HIS D 36 43.69 23.79 -19.87
CA HIS D 36 43.93 22.90 -21.00
C HIS D 36 42.78 21.94 -21.25
N TYR D 37 41.71 22.03 -20.48
CA TYR D 37 40.66 21.03 -20.55
C TYR D 37 39.33 21.67 -20.92
N ASP D 38 38.57 20.89 -21.67
CA ASP D 38 37.22 21.25 -22.08
C ASP D 38 36.25 21.01 -20.93
N LEU D 39 35.83 22.08 -20.26
CA LEU D 39 34.95 21.89 -19.12
C LEU D 39 33.61 21.31 -19.52
N ASP D 40 33.25 21.39 -20.79
CA ASP D 40 31.97 20.83 -21.21
C ASP D 40 31.92 19.34 -20.93
N LEU D 41 32.96 18.62 -21.32
CA LEU D 41 33.03 17.19 -21.04
C LEU D 41 33.20 16.94 -19.54
N VAL D 42 33.98 17.80 -18.89
CA VAL D 42 34.34 17.68 -17.47
C VAL D 42 33.11 17.79 -16.57
N ARG D 43 32.47 18.97 -16.55
CA ARG D 43 31.35 19.13 -15.63
C ARG D 43 30.36 18.00 -15.81
N ALA D 44 30.08 17.66 -17.06
CA ALA D 44 29.28 16.51 -17.40
C ALA D 44 29.80 15.26 -16.70
N ALA D 45 31.13 15.16 -16.59
CA ALA D 45 31.76 14.00 -16.00
C ALA D 45 31.58 13.97 -14.49
N MET D 46 31.91 15.08 -13.81
CA MET D 46 31.79 15.10 -12.35
C MET D 46 30.33 14.97 -11.94
N ALA D 47 29.45 15.66 -12.66
CA ALA D 47 28.03 15.58 -12.34
C ALA D 47 27.51 14.15 -12.51
N GLN D 48 28.02 13.44 -13.51
CA GLN D 48 27.54 12.08 -13.75
C GLN D 48 27.91 11.15 -12.59
N VAL D 49 29.13 11.28 -12.05
CA VAL D 49 29.51 10.39 -10.95
C VAL D 49 28.70 10.70 -9.70
N ILE D 50 28.47 11.99 -9.40
CA ILE D 50 27.67 12.31 -8.22
C ILE D 50 26.32 11.63 -8.35
N GLY D 51 25.70 11.75 -9.52
CA GLY D 51 24.43 11.09 -9.74
C GLY D 51 24.60 9.59 -9.76
N ASP D 52 25.78 9.12 -10.20
CA ASP D 52 26.02 7.69 -10.35
C ASP D 52 26.50 7.05 -9.05
N ARG D 53 27.32 7.74 -8.27
CA ARG D 53 28.04 7.07 -7.20
C ARG D 53 27.73 7.57 -5.78
N VAL D 54 27.21 8.79 -5.63
CA VAL D 54 26.88 9.30 -4.30
C VAL D 54 25.46 8.89 -3.92
N PRO D 55 25.22 8.31 -2.76
CA PRO D 55 23.83 7.98 -2.40
C PRO D 55 23.04 9.26 -2.20
N LYS D 56 21.73 9.17 -2.41
CA LYS D 56 20.89 10.36 -2.31
C LYS D 56 20.95 10.99 -0.92
N TRP D 57 20.93 10.16 0.14
CA TRP D 57 20.88 10.73 1.47
C TRP D 57 22.14 11.53 1.77
N VAL D 58 23.29 11.09 1.26
CA VAL D 58 24.52 11.86 1.40
C VAL D 58 24.42 13.17 0.60
N HIS D 59 23.91 13.09 -0.63
CA HIS D 59 23.78 14.29 -1.45
C HIS D 59 22.95 15.36 -0.76
N VAL D 60 21.81 14.95 -0.17
CA VAL D 60 20.99 15.90 0.57
C VAL D 60 21.75 16.42 1.78
N LEU D 61 22.34 15.53 2.56
CA LEU D 61 22.97 15.91 3.81
C LEU D 61 24.11 16.89 3.59
N ILE D 62 25.09 16.51 2.75
CA ILE D 62 26.28 17.34 2.59
C ILE D 62 25.92 18.69 2.03
N GLY D 63 24.96 18.75 1.11
CA GLY D 63 24.50 20.03 0.60
C GLY D 63 24.08 20.98 1.70
N LYS D 64 23.55 20.45 2.79
CA LYS D 64 23.01 21.27 3.87
C LYS D 64 24.04 21.60 4.93
N VAL D 65 25.03 20.73 5.16
CA VAL D 65 25.98 20.90 6.25
C VAL D 65 27.39 21.15 5.74
N VAL D 66 27.57 21.37 4.43
CA VAL D 66 28.91 21.47 3.86
C VAL D 66 29.70 22.58 4.55
N LEU D 67 29.05 23.72 4.81
CA LEU D 67 29.76 24.84 5.42
C LEU D 67 30.16 24.52 6.85
N GLU D 68 29.31 23.79 7.58
CA GLU D 68 29.70 23.30 8.89
C GLU D 68 30.78 22.22 8.77
N LEU D 69 30.73 21.41 7.73
CA LEU D 69 31.74 20.38 7.52
C LEU D 69 33.08 20.96 7.10
N GLU D 70 33.07 22.04 6.32
CA GLU D 70 34.32 22.63 5.85
C GLU D 70 35.25 22.97 7.00
N ARG D 71 34.70 23.36 8.14
CA ARG D 71 35.51 23.72 9.29
C ARG D 71 36.46 22.60 9.68
N PHE D 72 36.04 21.35 9.50
CA PHE D 72 36.78 20.19 9.94
C PHE D 72 37.70 19.61 8.88
N LEU D 73 37.70 20.21 7.65
CA LEU D 73 38.58 19.72 6.61
C LEU D 73 39.86 20.54 6.59
N PRO D 74 40.98 19.96 6.16
CA PRO D 74 42.24 20.67 6.27
C PRO D 74 42.68 21.35 4.98
N GLN D 75 43.57 22.30 5.17
CA GLN D 75 44.24 22.98 4.08
C GLN D 75 45.41 22.05 3.69
N PRO D 76 45.84 22.11 2.42
CA PRO D 76 45.33 23.08 1.47
C PRO D 76 44.16 22.49 0.69
N PHE D 77 43.67 21.33 1.14
CA PHE D 77 42.66 20.62 0.35
C PHE D 77 41.38 21.44 0.21
N THR D 78 40.93 22.09 1.28
CA THR D 78 39.73 22.92 1.16
C THR D 78 39.97 24.05 0.17
N GLY D 79 41.11 24.74 0.29
CA GLY D 79 41.39 25.86 -0.61
C GLY D 79 41.48 25.42 -2.06
N GLU D 80 42.14 24.28 -2.31
CA GLU D 80 42.22 23.78 -3.68
C GLU D 80 40.84 23.39 -4.18
N ILE D 81 40.02 22.77 -3.33
CA ILE D 81 38.66 22.44 -3.75
C ILE D 81 37.90 23.71 -4.05
N ARG D 82 37.99 24.70 -3.17
CA ARG D 82 37.31 25.96 -3.41
C ARG D 82 37.79 26.57 -4.73
N GLY D 83 39.09 26.44 -4.99
CA GLY D 83 39.64 26.99 -6.22
C GLY D 83 39.05 26.36 -7.47
N MET D 84 38.76 25.06 -7.40
CA MET D 84 38.16 24.39 -8.56
C MET D 84 36.79 24.96 -8.84
N CYS D 85 36.05 25.30 -7.77
CA CYS D 85 34.74 25.92 -7.91
C CYS D 85 34.84 27.27 -8.58
N ASP D 86 35.68 28.15 -8.03
CA ASP D 86 35.76 29.53 -8.51
C ASP D 86 36.15 29.59 -9.98
N PHE D 87 37.02 28.68 -10.42
CA PHE D 87 37.30 28.60 -11.85
C PHE D 87 36.07 28.17 -12.64
N MET D 88 35.09 27.57 -11.97
CA MET D 88 33.96 26.95 -12.65
C MET D 88 32.60 27.24 -12.04
N ASN D 89 32.52 27.99 -10.94
CA ASN D 89 31.22 28.33 -10.37
C ASN D 89 30.43 27.06 -10.03
N LEU D 90 31.10 26.13 -9.34
CA LEU D 90 30.51 24.87 -8.93
C LEU D 90 30.30 24.90 -7.42
N SER D 91 29.29 24.17 -6.94
CA SER D 91 29.03 24.17 -5.52
C SER D 91 30.18 23.55 -4.74
N LEU D 92 30.43 24.09 -3.55
CA LEU D 92 31.45 23.51 -2.68
C LEU D 92 31.06 22.10 -2.27
N ALA D 93 29.78 21.88 -1.96
CA ALA D 93 29.32 20.55 -1.59
C ALA D 93 29.51 19.55 -2.72
N ASP D 94 29.17 19.95 -3.96
CA ASP D 94 29.33 19.03 -5.08
C ASP D 94 30.79 18.76 -5.37
N ALA D 95 31.62 19.80 -5.34
CA ALA D 95 33.06 19.61 -5.54
C ALA D 95 33.64 18.73 -4.44
N LEU D 96 33.17 18.89 -3.21
CA LEU D 96 33.62 18.04 -2.13
C LEU D 96 33.15 16.60 -2.32
N LEU D 97 31.88 16.41 -2.73
CA LEU D 97 31.34 15.07 -2.87
C LEU D 97 32.04 14.29 -3.97
N VAL D 98 32.32 14.92 -5.11
CA VAL D 98 33.01 14.23 -6.19
C VAL D 98 34.39 13.76 -5.72
N ASN D 99 35.09 14.60 -4.95
CA ASN D 99 36.41 14.21 -4.44
C ASN D 99 36.33 13.08 -3.42
N LEU D 100 35.18 12.88 -2.80
CA LEU D 100 35.01 11.75 -1.89
C LEU D 100 34.47 10.53 -2.60
N ALA D 101 33.77 10.72 -3.72
CA ALA D 101 33.22 9.59 -4.45
C ALA D 101 34.34 8.73 -5.03
N TYR D 102 35.47 9.33 -5.39
CA TYR D 102 36.52 8.51 -5.97
C TYR D 102 37.37 7.81 -4.92
N GLU D 103 37.08 8.00 -3.64
CA GLU D 103 37.78 7.28 -2.61
C GLU D 103 37.25 5.87 -2.38
N SER D 104 36.14 5.51 -3.01
CA SER D 104 35.53 4.21 -2.82
C SER D 104 35.14 3.65 -4.18
N SER D 105 34.86 2.35 -4.21
CA SER D 105 34.53 1.67 -5.44
C SER D 105 35.69 1.75 -6.43
N VAL D 106 36.90 1.94 -5.91
CA VAL D 106 38.11 2.00 -6.71
C VAL D 106 38.88 0.72 -6.47
N PHE D 107 39.09 -0.04 -7.53
CA PHE D 107 39.84 -1.28 -7.49
C PHE D 107 41.26 -1.05 -7.97
N ALA D 108 42.16 -1.94 -7.57
CA ALA D 108 43.58 -1.73 -7.85
C ALA D 108 44.33 -3.04 -7.66
N THR D 109 45.49 -3.12 -8.31
CA THR D 109 46.50 -4.12 -8.01
C THR D 109 47.81 -3.36 -7.82
N SER D 110 48.47 -3.61 -6.69
CA SER D 110 49.74 -2.97 -6.38
C SER D 110 50.81 -4.02 -6.11
N ILE D 111 52.01 -3.76 -6.61
CA ILE D 111 53.14 -4.66 -6.46
C ILE D 111 54.35 -3.84 -6.05
N VAL D 112 55.04 -4.28 -5.00
CA VAL D 112 56.34 -3.75 -4.61
C VAL D 112 57.29 -4.94 -4.62
N ALA D 113 58.45 -4.77 -5.25
CA ALA D 113 59.34 -5.89 -5.47
C ALA D 113 60.79 -5.45 -5.41
N GLN D 114 61.66 -6.42 -5.17
CA GLN D 114 63.10 -6.20 -5.01
C GLN D 114 63.83 -7.14 -5.96
N ASP D 115 64.76 -6.59 -6.74
CA ASP D 115 65.52 -7.39 -7.69
C ASP D 115 66.75 -8.02 -7.02
N SER D 116 67.53 -8.73 -7.83
CA SER D 116 68.68 -9.47 -7.30
C SER D 116 69.77 -8.57 -6.72
N ARG D 117 69.78 -7.29 -7.09
CA ARG D 117 70.76 -6.35 -6.55
C ARG D 117 70.24 -5.55 -5.36
N GLY D 118 69.02 -5.83 -4.90
CA GLY D 118 68.44 -5.10 -3.80
C GLY D 118 67.72 -3.84 -4.18
N HIS D 119 67.54 -3.56 -5.47
CA HIS D 119 66.83 -2.37 -5.91
C HIS D 119 65.32 -2.60 -5.85
N ILE D 120 64.60 -1.53 -5.52
CA ILE D 120 63.16 -1.60 -5.25
C ILE D 120 62.39 -1.12 -6.46
N TYR D 121 61.38 -1.87 -6.85
CA TYR D 121 60.48 -1.51 -7.94
C TYR D 121 59.05 -1.49 -7.43
N HIS D 122 58.22 -0.65 -8.04
CA HIS D 122 56.87 -0.42 -7.57
C HIS D 122 55.97 -0.16 -8.76
N GLY D 123 54.87 -0.91 -8.88
CA GLY D 123 53.93 -0.71 -9.97
C GLY D 123 52.49 -0.89 -9.55
N ARG D 124 51.56 -0.21 -10.21
CA ARG D 124 50.16 -0.32 -9.82
C ARG D 124 49.24 -0.11 -11.00
N ASN D 125 48.09 -0.76 -10.88
CA ASN D 125 46.93 -0.57 -11.73
C ASN D 125 45.85 0.11 -10.91
N LEU D 126 45.08 0.97 -11.55
CA LEU D 126 43.97 1.63 -10.91
C LEU D 126 42.71 1.38 -11.75
N ASP D 127 41.65 0.94 -11.10
CA ASP D 127 40.44 0.54 -11.80
C ASP D 127 39.19 1.26 -11.30
N TYR D 128 38.31 1.58 -12.26
CA TYR D 128 37.02 2.18 -12.00
C TYR D 128 36.02 1.38 -12.84
N PRO D 129 35.11 0.59 -12.25
CA PRO D 129 34.37 -0.34 -13.11
C PRO D 129 33.01 0.21 -13.47
N PHE D 130 32.84 1.51 -13.30
CA PHE D 130 31.60 2.16 -13.68
C PHE D 130 31.89 3.01 -14.92
N GLY D 131 30.84 3.21 -15.70
CA GLY D 131 31.01 3.97 -16.93
C GLY D 131 31.69 5.29 -16.62
N ASN D 132 32.71 5.63 -17.39
CA ASN D 132 33.49 6.80 -17.02
C ASN D 132 34.31 7.28 -18.20
N VAL D 133 34.79 8.51 -18.07
CA VAL D 133 35.72 9.13 -18.99
C VAL D 133 36.96 9.52 -18.19
N LEU D 134 37.24 8.76 -17.12
CA LEU D 134 38.40 9.08 -16.29
C LEU D 134 39.70 8.98 -17.07
N ARG D 135 39.76 8.06 -18.03
CA ARG D 135 40.99 7.88 -18.77
C ARG D 135 41.42 9.16 -19.45
N LYS D 136 40.47 9.95 -19.91
CA LYS D 136 40.77 11.22 -20.57
C LYS D 136 41.19 12.30 -19.59
N LEU D 137 41.01 12.10 -18.28
CA LEU D 137 41.42 13.08 -17.28
C LEU D 137 42.59 12.62 -16.44
N THR D 138 43.16 11.45 -16.74
CA THR D 138 44.29 10.94 -15.97
C THR D 138 45.54 11.76 -16.28
N VAL D 139 46.25 12.22 -15.26
CA VAL D 139 47.43 13.04 -15.55
C VAL D 139 48.50 12.80 -14.48
N ASP D 140 49.75 12.88 -14.91
CA ASP D 140 50.91 12.90 -14.01
C ASP D 140 51.26 14.35 -13.70
N VAL D 141 51.29 14.70 -12.42
CA VAL D 141 51.49 16.08 -11.98
C VAL D 141 52.74 16.15 -11.12
N GLN D 142 53.60 17.12 -11.41
CA GLN D 142 54.77 17.42 -10.60
C GLN D 142 54.51 18.62 -9.71
N PHE D 143 54.60 18.43 -8.40
CA PHE D 143 54.36 19.49 -7.43
C PHE D 143 55.67 20.17 -7.07
N LEU D 144 55.73 21.48 -7.28
CA LEU D 144 56.98 22.23 -7.20
C LEU D 144 57.07 23.08 -5.93
N LYS D 145 58.27 23.08 -5.33
CA LYS D 145 58.65 24.00 -4.26
C LYS D 145 59.94 24.68 -4.66
N ASN D 146 59.91 26.01 -4.76
CA ASN D 146 61.07 26.79 -5.18
C ASN D 146 61.59 26.31 -6.53
N GLY D 147 60.67 25.96 -7.44
CA GLY D 147 61.05 25.49 -8.74
C GLY D 147 61.51 24.05 -8.75
N GLN D 148 61.65 23.43 -7.57
CA GLN D 148 62.10 22.06 -7.41
C GLN D 148 60.90 21.12 -7.30
N ILE D 149 61.02 19.95 -7.91
CA ILE D 149 59.96 18.95 -7.78
C ILE D 149 59.97 18.41 -6.36
N ALA D 150 58.92 18.72 -5.61
CA ALA D 150 58.82 18.16 -4.27
C ALA D 150 58.36 16.72 -4.32
N PHE D 151 57.41 16.41 -5.21
CA PHE D 151 56.95 15.04 -5.39
C PHE D 151 56.11 15.00 -6.67
N THR D 152 55.93 13.79 -7.19
CA THR D 152 55.13 13.56 -8.38
C THR D 152 53.95 12.66 -8.02
N GLY D 153 52.80 12.92 -8.64
CA GLY D 153 51.61 12.13 -8.38
C GLY D 153 50.78 11.97 -9.64
N THR D 154 49.93 10.96 -9.61
CA THR D 154 48.95 10.69 -10.66
C THR D 154 47.56 10.93 -10.09
N THR D 155 46.75 11.69 -10.83
CA THR D 155 45.41 12.04 -10.35
C THR D 155 44.52 12.34 -11.55
N PHE D 156 43.32 12.82 -11.26
CA PHE D 156 42.36 13.27 -12.27
C PHE D 156 42.10 14.76 -12.07
N ILE D 157 41.94 15.49 -13.17
CA ILE D 157 41.61 16.91 -13.09
C ILE D 157 40.35 17.08 -12.27
N GLY D 158 40.39 18.00 -11.31
CA GLY D 158 39.32 18.19 -10.35
C GLY D 158 39.53 17.41 -9.08
N TYR D 159 40.54 16.53 -9.04
CA TYR D 159 40.84 15.71 -7.88
C TYR D 159 42.11 16.22 -7.21
N VAL D 160 42.02 16.52 -5.92
CA VAL D 160 43.14 17.09 -5.18
C VAL D 160 43.98 16.03 -4.47
N GLY D 161 43.44 14.82 -4.27
CA GLY D 161 44.20 13.75 -3.65
C GLY D 161 45.03 12.96 -4.66
N LEU D 162 45.85 12.06 -4.12
CA LEU D 162 46.72 11.22 -4.92
C LEU D 162 46.59 9.77 -4.49
N TRP D 163 46.15 8.90 -5.40
CA TRP D 163 46.19 7.48 -5.16
C TRP D 163 47.55 6.89 -5.51
N THR D 164 48.39 7.62 -6.24
CA THR D 164 49.67 7.12 -6.71
C THR D 164 50.65 8.29 -6.74
N GLY D 165 51.87 8.05 -6.27
CA GLY D 165 52.82 9.13 -6.22
C GLY D 165 54.21 8.65 -5.85
N GLN D 166 55.15 9.58 -5.98
CA GLN D 166 56.57 9.30 -5.76
C GLN D 166 57.21 10.52 -5.12
N SER D 167 58.00 10.28 -4.08
CA SER D 167 58.85 11.31 -3.50
C SER D 167 60.28 11.04 -3.94
N PRO D 168 60.87 11.89 -4.79
CA PRO D 168 62.14 11.51 -5.45
C PRO D 168 63.23 11.14 -4.44
N HIS D 169 63.87 10.00 -4.70
CA HIS D 169 64.97 9.49 -3.87
C HIS D 169 64.54 9.20 -2.44
N LYS D 170 63.25 8.98 -2.21
CA LYS D 170 62.76 8.71 -0.87
C LYS D 170 61.85 7.50 -0.82
N PHE D 171 60.71 7.56 -1.49
CA PHE D 171 59.75 6.46 -1.45
C PHE D 171 58.68 6.66 -2.51
N THR D 172 58.00 5.56 -2.83
CA THR D 172 56.85 5.56 -3.72
C THR D 172 55.64 5.02 -2.96
N VAL D 173 54.45 5.47 -3.35
CA VAL D 173 53.22 5.13 -2.65
C VAL D 173 52.11 4.82 -3.65
N SER D 174 51.33 3.80 -3.36
CA SER D 174 50.07 3.56 -4.06
C SER D 174 49.06 3.07 -3.04
N GLY D 175 47.79 3.39 -3.28
CA GLY D 175 46.72 3.04 -2.37
C GLY D 175 45.70 2.12 -3.04
N ASP D 176 45.23 1.14 -2.28
CA ASP D 176 44.19 0.22 -2.72
C ASP D 176 43.04 0.26 -1.71
N GLU D 177 41.82 0.32 -2.20
CA GLU D 177 40.67 0.41 -1.32
C GLU D 177 40.49 -0.87 -0.52
N ARG D 178 40.04 -0.72 0.72
CA ARG D 178 39.65 -1.84 1.59
C ARG D 178 38.18 -1.68 1.93
N ASP D 179 37.32 -2.37 1.20
CA ASP D 179 35.87 -2.16 1.31
C ASP D 179 35.34 -2.98 2.47
N LYS D 180 34.96 -2.30 3.55
CA LYS D 180 34.33 -2.92 4.71
C LYS D 180 32.86 -2.54 4.81
N GLY D 181 32.31 -1.85 3.80
CA GLY D 181 30.93 -1.45 3.83
C GLY D 181 30.74 -0.19 4.66
N TRP D 182 29.56 0.41 4.51
CA TRP D 182 29.21 1.59 5.30
C TRP D 182 30.17 2.74 5.07
N TRP D 183 30.65 2.87 3.83
CA TRP D 183 31.68 3.85 3.55
C TRP D 183 31.23 5.25 3.92
N TRP D 184 30.06 5.65 3.44
CA TRP D 184 29.61 7.02 3.65
C TRP D 184 29.25 7.29 5.09
N GLU D 185 28.61 6.33 5.76
CA GLU D 185 28.25 6.52 7.16
C GLU D 185 29.47 6.82 8.01
N ASN D 186 30.49 5.96 7.92
CA ASN D 186 31.69 6.13 8.75
C ASN D 186 32.59 7.24 8.24
N ALA D 187 32.60 7.50 6.94
CA ALA D 187 33.45 8.56 6.40
C ALA D 187 32.99 9.93 6.89
N ILE D 188 31.69 10.19 6.84
CA ILE D 188 31.15 11.48 7.27
C ILE D 188 31.46 11.72 8.74
N ALA D 189 31.18 10.72 9.59
CA ALA D 189 31.49 10.86 11.01
C ALA D 189 32.98 11.05 11.24
N ALA D 190 33.81 10.34 10.48
CA ALA D 190 35.25 10.46 10.66
C ALA D 190 35.74 11.84 10.26
N LEU D 191 35.18 12.42 9.19
CA LEU D 191 35.57 13.76 8.78
C LEU D 191 35.26 14.77 9.86
N PHE D 192 34.08 14.66 10.48
CA PHE D 192 33.72 15.56 11.57
C PHE D 192 34.59 15.35 12.80
N ARG D 193 35.33 14.25 12.87
CA ARG D 193 36.30 14.02 13.93
C ARG D 193 37.70 14.36 13.47
N ARG D 194 37.82 15.03 12.33
CA ARG D 194 39.08 15.51 11.77
C ARG D 194 39.97 14.40 11.24
N HIS D 195 39.42 13.23 10.94
CA HIS D 195 40.11 12.27 10.09
C HIS D 195 40.11 12.77 8.65
N ILE D 196 41.01 12.22 7.84
CA ILE D 196 41.23 12.75 6.50
C ILE D 196 41.05 11.62 5.49
N PRO D 197 40.74 11.97 4.24
CA PRO D 197 40.63 10.94 3.19
C PRO D 197 41.93 10.20 2.97
N VAL D 198 41.81 8.95 2.51
CA VAL D 198 42.97 8.08 2.36
C VAL D 198 43.91 8.62 1.28
N SER D 199 43.34 9.16 0.19
CA SER D 199 44.18 9.71 -0.88
C SER D 199 44.78 11.04 -0.50
N TRP D 200 44.16 11.77 0.43
CA TRP D 200 44.77 13.02 0.91
C TRP D 200 45.94 12.74 1.83
N LEU D 201 45.89 11.65 2.61
CA LEU D 201 47.01 11.28 3.46
C LEU D 201 48.23 10.90 2.62
N ILE D 202 48.02 10.20 1.51
CA ILE D 202 49.13 9.86 0.63
C ILE D 202 49.87 11.13 0.20
N ARG D 203 49.11 12.13 -0.28
CA ARG D 203 49.75 13.36 -0.73
C ARG D 203 50.44 14.08 0.44
N ALA D 204 49.77 14.15 1.59
CA ALA D 204 50.40 14.77 2.75
C ALA D 204 51.68 14.05 3.12
N THR D 205 51.73 12.73 2.91
CA THR D 205 52.95 11.96 3.17
C THR D 205 54.03 12.30 2.15
N LEU D 206 53.68 12.32 0.86
CA LEU D 206 54.64 12.69 -0.17
C LEU D 206 55.22 14.08 0.08
N SER D 207 54.45 14.98 0.70
CA SER D 207 54.90 16.35 0.88
C SER D 207 55.82 16.50 2.09
N GLU D 208 55.55 15.76 3.17
CA GLU D 208 56.20 16.01 4.46
C GLU D 208 57.25 14.99 4.85
N SER D 209 57.04 13.71 4.56
CA SER D 209 57.89 12.66 5.13
C SER D 209 59.27 12.67 4.49
N GLU D 210 60.29 12.55 5.34
CA GLU D 210 61.67 12.70 4.92
C GLU D 210 62.28 11.44 4.34
N ASN D 211 61.75 10.26 4.66
CA ASN D 211 62.32 9.01 4.18
C ASN D 211 61.30 7.90 4.27
N PHE D 212 61.65 6.74 3.70
CA PHE D 212 60.75 5.60 3.64
C PHE D 212 60.22 5.22 5.03
N GLU D 213 61.10 5.19 6.04
CA GLU D 213 60.67 4.79 7.36
C GLU D 213 59.66 5.76 7.93
N ALA D 214 59.88 7.07 7.74
CA ALA D 214 58.93 8.06 8.25
C ALA D 214 57.61 7.99 7.49
N ALA D 215 57.67 7.73 6.18
CA ALA D 215 56.45 7.61 5.39
C ALA D 215 55.61 6.43 5.89
N VAL D 216 56.24 5.29 6.14
CA VAL D 216 55.51 4.12 6.64
C VAL D 216 54.80 4.45 7.95
N GLY D 217 55.51 5.14 8.86
CA GLY D 217 54.89 5.51 10.13
C GLY D 217 53.69 6.42 9.94
N LYS D 218 53.86 7.46 9.12
CA LYS D 218 52.76 8.42 8.91
C LYS D 218 51.56 7.74 8.25
N LEU D 219 51.81 6.87 7.27
CA LEU D 219 50.72 6.19 6.58
C LEU D 219 50.04 5.16 7.47
N ALA D 220 50.76 4.63 8.46
CA ALA D 220 50.22 3.60 9.33
C ALA D 220 49.40 4.16 10.48
N LYS D 221 49.72 5.37 10.95
CA LYS D 221 49.17 5.86 12.22
C LYS D 221 48.19 7.03 12.06
N THR D 222 48.18 7.72 10.93
CA THR D 222 47.34 8.90 10.81
C THR D 222 45.87 8.52 10.74
N PRO D 223 45.00 9.12 11.55
CA PRO D 223 43.57 8.74 11.52
C PRO D 223 42.96 8.96 10.13
N LEU D 224 42.20 7.97 9.68
CA LEU D 224 41.61 7.98 8.35
C LEU D 224 40.09 7.90 8.44
N ILE D 225 39.43 8.27 7.33
CA ILE D 225 37.98 8.18 7.24
C ILE D 225 37.51 6.85 6.69
N ALA D 226 38.42 5.98 6.28
CA ALA D 226 38.04 4.68 5.72
C ALA D 226 39.23 3.75 5.82
N ASP D 227 38.96 2.46 5.64
CA ASP D 227 40.00 1.46 5.57
C ASP D 227 40.69 1.54 4.21
N VAL D 228 41.93 1.05 4.16
CA VAL D 228 42.73 1.14 2.93
C VAL D 228 43.96 0.25 3.08
N TYR D 229 44.55 -0.12 1.94
CA TYR D 229 45.88 -0.69 1.89
C TYR D 229 46.84 0.33 1.30
N TYR D 230 47.94 0.59 2.00
CA TYR D 230 49.03 1.42 1.50
C TYR D 230 50.21 0.53 1.13
N ILE D 231 50.67 0.66 -0.11
CA ILE D 231 51.87 -0.04 -0.57
C ILE D 231 52.97 1.01 -0.72
N VAL D 232 54.09 0.78 -0.04
CA VAL D 232 55.18 1.75 0.03
C VAL D 232 56.46 1.09 -0.44
N GLY D 233 57.21 1.79 -1.28
CA GLY D 233 58.53 1.34 -1.70
C GLY D 233 59.56 2.39 -1.35
N GLY D 234 60.75 1.92 -0.99
CA GLY D 234 61.84 2.80 -0.58
C GLY D 234 63.00 2.86 -1.55
N THR D 235 64.21 3.10 -1.01
CA THR D 235 65.41 3.19 -1.81
C THR D 235 66.49 2.19 -1.44
N SER D 236 66.40 1.56 -0.27
CA SER D 236 67.36 0.57 0.16
C SER D 236 66.74 -0.82 0.10
N PRO D 237 67.56 -1.86 0.08
CA PRO D 237 67.00 -3.23 -0.02
C PRO D 237 66.04 -3.52 1.11
N ARG D 238 64.98 -4.26 0.78
CA ARG D 238 63.94 -4.70 1.70
C ARG D 238 62.99 -3.58 2.10
N GLU D 239 63.16 -2.37 1.54
CA GLU D 239 62.24 -1.26 1.81
C GLU D 239 61.03 -1.40 0.88
N GLY D 240 60.12 -2.29 1.29
CA GLY D 240 58.86 -2.48 0.62
C GLY D 240 57.87 -3.07 1.61
N VAL D 241 56.64 -2.60 1.63
CA VAL D 241 55.70 -3.00 2.68
C VAL D 241 54.28 -2.79 2.19
N VAL D 242 53.38 -3.64 2.68
CA VAL D 242 51.94 -3.48 2.51
C VAL D 242 51.37 -3.16 3.89
N ILE D 243 50.75 -1.99 4.02
CA ILE D 243 50.13 -1.57 5.27
C ILE D 243 48.62 -1.75 5.11
N THR D 244 48.05 -2.67 5.90
CA THR D 244 46.61 -2.83 5.95
C THR D 244 46.06 -1.92 7.05
N ARG D 245 45.24 -0.97 6.66
CA ARG D 245 44.75 0.06 7.57
C ARG D 245 43.29 -0.13 7.90
N ASN D 246 42.94 0.20 9.13
CA ASN D 246 41.60 0.62 9.48
C ASN D 246 41.67 2.07 9.93
N ARG D 247 40.51 2.65 10.23
CA ARG D 247 40.43 4.09 10.41
C ARG D 247 41.33 4.59 11.54
N ASP D 248 41.56 3.79 12.57
CA ASP D 248 42.28 4.26 13.75
C ASP D 248 43.76 3.90 13.73
N GLY D 249 44.16 2.88 12.97
CA GLY D 249 45.53 2.47 12.93
C GLY D 249 45.75 1.28 12.02
N PRO D 250 46.93 0.67 12.10
CA PRO D 250 47.25 -0.44 11.21
C PRO D 250 46.79 -1.78 11.74
N ALA D 251 46.10 -2.55 10.91
CA ALA D 251 45.73 -3.91 11.27
C ALA D 251 46.86 -4.88 11.00
N ASP D 252 47.73 -4.57 10.04
CA ASP D 252 48.80 -5.49 9.66
C ASP D 252 49.84 -4.70 8.87
N ILE D 253 51.11 -5.04 9.11
CA ILE D 253 52.24 -4.46 8.38
C ILE D 253 53.03 -5.61 7.78
N TRP D 254 53.11 -5.63 6.44
CA TRP D 254 53.59 -6.79 5.69
C TRP D 254 54.77 -6.39 4.83
N PRO D 255 56.00 -6.54 5.32
CA PRO D 255 57.18 -6.10 4.57
C PRO D 255 57.73 -7.17 3.64
N LEU D 256 58.61 -6.73 2.74
CA LEU D 256 59.42 -7.66 1.97
C LEU D 256 60.26 -8.52 2.91
N ASP D 257 60.49 -9.75 2.51
CA ASP D 257 61.23 -10.72 3.33
C ASP D 257 62.08 -11.62 2.44
N PRO D 258 63.11 -11.06 1.81
CA PRO D 258 63.95 -11.89 0.91
C PRO D 258 64.61 -13.07 1.61
N LEU D 259 64.94 -12.96 2.89
CA LEU D 259 65.52 -14.09 3.60
C LEU D 259 64.61 -15.32 3.57
N ASN D 260 63.30 -15.10 3.48
CA ASN D 260 62.32 -16.18 3.39
C ASN D 260 61.78 -16.36 1.97
N GLY D 261 62.49 -15.84 0.96
CA GLY D 261 62.09 -16.02 -0.40
C GLY D 261 61.05 -15.04 -0.90
N ALA D 262 60.63 -14.08 -0.07
CA ALA D 262 59.58 -13.13 -0.44
C ALA D 262 60.24 -11.86 -0.96
N TRP D 263 60.55 -11.86 -2.26
CA TRP D 263 61.11 -10.70 -2.93
C TRP D 263 60.05 -9.81 -3.54
N PHE D 264 58.78 -10.12 -3.35
CA PHE D 264 57.68 -9.23 -3.77
C PHE D 264 56.52 -9.38 -2.80
N ARG D 265 55.67 -8.36 -2.78
CA ARG D 265 54.38 -8.42 -2.11
C ARG D 265 53.31 -7.93 -3.09
N VAL D 266 52.24 -8.70 -3.22
CA VAL D 266 51.12 -8.34 -4.08
C VAL D 266 49.94 -7.95 -3.19
N GLU D 267 49.24 -6.89 -3.59
CA GLU D 267 48.02 -6.48 -2.91
C GLU D 267 47.01 -6.05 -3.97
N THR D 268 45.79 -6.60 -3.90
CA THR D 268 44.71 -6.14 -4.74
C THR D 268 43.77 -5.35 -3.83
N ASN D 269 42.66 -5.93 -3.37
CA ASN D 269 41.72 -5.21 -2.52
C ASN D 269 41.26 -6.05 -1.33
N TYR D 270 42.06 -7.03 -0.91
CA TYR D 270 41.65 -7.94 0.15
C TYR D 270 42.80 -8.19 1.11
N ASP D 271 42.44 -8.62 2.32
CA ASP D 271 43.44 -8.85 3.35
C ASP D 271 44.29 -10.06 2.98
N HIS D 272 45.62 -9.89 3.04
CA HIS D 272 46.52 -10.89 2.50
C HIS D 272 46.50 -12.18 3.32
N TRP D 273 46.10 -12.12 4.59
CA TRP D 273 46.06 -13.33 5.40
C TRP D 273 44.79 -14.16 5.16
N LYS D 274 43.89 -13.67 4.31
CA LYS D 274 42.68 -14.39 3.91
C LYS D 274 42.74 -14.77 2.45
N PRO D 275 41.89 -15.69 2.01
CA PRO D 275 41.83 -16.00 0.58
C PRO D 275 41.19 -14.87 -0.19
N ALA D 276 41.66 -14.68 -1.42
CA ALA D 276 40.96 -13.77 -2.32
C ALA D 276 39.63 -14.41 -2.72
N PRO D 277 38.58 -13.61 -2.92
CA PRO D 277 37.31 -14.20 -3.35
C PRO D 277 37.45 -14.83 -4.73
N LYS D 278 36.77 -15.96 -4.93
CA LYS D 278 36.82 -16.61 -6.24
C LYS D 278 36.29 -15.68 -7.34
N GLU D 279 35.33 -14.81 -7.00
CA GLU D 279 34.75 -13.92 -7.99
C GLU D 279 35.76 -12.91 -8.52
N ASP D 280 36.79 -12.60 -7.73
CA ASP D 280 37.74 -11.52 -8.07
C ASP D 280 39.12 -11.91 -7.54
N ASP D 281 39.77 -12.84 -8.24
CA ASP D 281 41.08 -13.33 -7.82
C ASP D 281 42.18 -12.79 -8.72
N ARG D 282 42.35 -11.47 -8.74
CA ARG D 282 43.47 -10.86 -9.44
C ARG D 282 44.79 -11.14 -8.73
N ARG D 283 44.75 -11.47 -7.43
CA ARG D 283 45.97 -11.73 -6.69
C ARG D 283 46.74 -12.92 -7.26
N THR D 284 46.05 -14.04 -7.47
CA THR D 284 46.74 -15.25 -7.93
C THR D 284 47.42 -15.04 -9.27
N SER D 285 46.76 -14.37 -10.21
CA SER D 285 47.35 -14.15 -11.52
C SER D 285 48.61 -13.30 -11.40
N ALA D 286 48.59 -12.27 -10.55
CA ALA D 286 49.76 -11.43 -10.38
C ALA D 286 50.92 -12.21 -9.78
N ILE D 287 50.64 -13.00 -8.74
CA ILE D 287 51.69 -13.79 -8.10
C ILE D 287 52.30 -14.75 -9.09
N LYS D 288 51.46 -15.43 -9.88
CA LYS D 288 51.97 -16.37 -10.87
C LYS D 288 52.83 -15.66 -11.90
N ALA D 289 52.41 -14.48 -12.35
CA ALA D 289 53.20 -13.77 -13.35
C ALA D 289 54.56 -13.38 -12.77
N LEU D 290 54.59 -12.97 -11.49
CA LEU D 290 55.85 -12.66 -10.85
C LEU D 290 56.73 -13.89 -10.71
N ASN D 291 56.13 -15.03 -10.35
CA ASN D 291 56.89 -16.27 -10.25
C ASN D 291 57.53 -16.64 -11.58
N ALA D 292 56.78 -16.49 -12.68
CA ALA D 292 57.30 -16.84 -13.99
C ALA D 292 58.36 -15.85 -14.45
N THR D 293 58.17 -14.56 -14.16
CA THR D 293 59.15 -13.56 -14.54
C THR D 293 60.49 -13.83 -13.86
N GLY D 294 60.44 -14.11 -12.56
CA GLY D 294 61.65 -14.37 -11.81
C GLY D 294 62.31 -13.10 -11.31
N GLN D 295 62.97 -13.20 -10.16
CA GLN D 295 63.64 -12.04 -9.57
C GLN D 295 64.76 -11.53 -10.48
N ALA D 296 65.40 -12.43 -11.23
CA ALA D 296 66.53 -12.04 -12.07
C ALA D 296 66.10 -11.10 -13.20
N ASN D 297 64.87 -11.22 -13.67
CA ASN D 297 64.38 -10.44 -14.80
C ASN D 297 63.49 -9.27 -14.37
N LEU D 298 63.50 -8.91 -13.09
CA LEU D 298 62.63 -7.85 -12.61
C LEU D 298 63.10 -6.50 -13.13
N SER D 299 62.15 -5.73 -13.66
CA SER D 299 62.40 -4.35 -14.08
C SER D 299 61.06 -3.63 -14.08
N LEU D 300 61.11 -2.32 -14.29
CA LEU D 300 59.87 -1.57 -14.41
C LEU D 300 59.08 -2.04 -15.62
N GLU D 301 59.78 -2.32 -16.73
CA GLU D 301 59.11 -2.87 -17.91
C GLU D 301 58.50 -4.23 -17.62
N ALA D 302 59.22 -5.08 -16.90
CA ALA D 302 58.66 -6.38 -16.54
C ALA D 302 57.44 -6.23 -15.65
N LEU D 303 57.45 -5.25 -14.74
CA LEU D 303 56.28 -5.01 -13.92
C LEU D 303 55.09 -4.57 -14.76
N PHE D 304 55.35 -3.70 -15.75
CA PHE D 304 54.27 -3.27 -16.62
C PHE D 304 53.67 -4.46 -17.36
N GLN D 305 54.50 -5.41 -17.78
CA GLN D 305 53.98 -6.59 -18.45
C GLN D 305 53.14 -7.44 -17.51
N ILE D 306 53.58 -7.59 -16.26
CA ILE D 306 52.81 -8.31 -15.26
C ILE D 306 51.44 -7.65 -15.08
N LEU D 307 51.41 -6.33 -15.03
CA LEU D 307 50.19 -5.57 -14.85
C LEU D 307 49.34 -5.50 -16.11
N SER D 308 49.78 -6.08 -17.23
CA SER D 308 48.99 -6.13 -18.44
C SER D 308 48.37 -7.51 -18.67
N VAL D 309 48.55 -8.44 -17.75
CA VAL D 309 47.99 -9.78 -17.87
C VAL D 309 46.58 -9.80 -17.29
N VAL D 310 45.66 -10.42 -18.03
CA VAL D 310 44.29 -10.62 -17.59
C VAL D 310 44.27 -11.69 -16.50
N PRO D 311 43.45 -11.51 -15.45
CA PRO D 311 42.51 -10.42 -15.18
C PRO D 311 43.07 -9.29 -14.32
N VAL D 312 44.36 -9.32 -14.01
CA VAL D 312 44.99 -8.16 -13.36
C VAL D 312 44.76 -6.91 -14.20
N TYR D 313 44.92 -7.04 -15.51
CA TYR D 313 44.48 -6.03 -16.46
C TYR D 313 43.09 -6.45 -16.94
N ASN D 314 42.13 -5.54 -16.84
CA ASN D 314 40.73 -5.89 -17.08
C ASN D 314 40.03 -4.76 -17.82
N ASN D 315 38.75 -4.98 -18.15
CA ASN D 315 37.98 -3.98 -18.88
C ASN D 315 37.86 -2.67 -18.11
N PHE D 316 38.12 -2.69 -16.80
CA PHE D 316 37.93 -1.51 -15.97
C PHE D 316 39.24 -0.77 -15.68
N THR D 317 40.37 -1.27 -16.16
CA THR D 317 41.64 -0.64 -15.84
C THR D 317 41.72 0.75 -16.47
N ILE D 318 41.98 1.75 -15.64
CA ILE D 318 42.08 3.14 -16.09
C ILE D 318 43.52 3.50 -16.46
N TYR D 319 44.48 3.25 -15.56
CA TYR D 319 45.86 3.59 -15.87
C TYR D 319 46.80 2.66 -15.11
N THR D 320 48.03 2.57 -15.61
CA THR D 320 49.10 1.78 -15.01
C THR D 320 50.30 2.69 -14.75
N THR D 321 50.83 2.63 -13.54
CA THR D 321 51.99 3.44 -13.14
C THR D 321 53.10 2.50 -12.67
N VAL D 322 54.32 2.74 -13.16
CA VAL D 322 55.52 2.07 -12.67
C VAL D 322 56.49 3.14 -12.20
N MET D 323 57.20 2.86 -11.12
CA MET D 323 58.03 3.88 -10.49
C MET D 323 59.05 3.23 -9.59
N SER D 324 60.12 3.98 -9.30
CA SER D 324 61.18 3.55 -8.40
C SER D 324 61.81 4.79 -7.79
N ALA D 325 61.71 4.94 -6.47
CA ALA D 325 62.19 6.16 -5.82
C ALA D 325 63.67 6.41 -6.10
N GLY D 326 64.46 5.33 -6.26
CA GLY D 326 65.87 5.50 -6.58
C GLY D 326 66.14 6.02 -7.98
N SER D 327 65.21 5.79 -8.91
CA SER D 327 65.33 6.27 -10.29
C SER D 327 64.07 7.06 -10.64
N PRO D 328 63.87 8.21 -10.01
CA PRO D 328 62.57 8.90 -10.14
C PRO D 328 62.21 9.30 -11.55
N ASP D 329 63.19 9.57 -12.42
CA ASP D 329 62.88 9.99 -13.77
C ASP D 329 62.20 8.89 -14.57
N LYS D 330 62.16 7.65 -14.06
CA LYS D 330 61.52 6.56 -14.77
C LYS D 330 60.03 6.49 -14.45
N TYR D 331 59.53 7.36 -13.59
CA TYR D 331 58.11 7.41 -13.27
C TYR D 331 57.32 7.51 -14.56
N MET D 332 56.41 6.56 -14.79
CA MET D 332 55.67 6.53 -16.03
C MET D 332 54.28 5.99 -15.75
N THR D 333 53.27 6.80 -16.05
CA THR D 333 51.88 6.38 -16.01
C THR D 333 51.39 6.30 -17.45
N ARG D 334 50.78 5.18 -17.80
CA ARG D 334 50.23 4.99 -19.13
C ARG D 334 48.74 4.68 -19.01
N ILE D 335 47.94 5.43 -19.75
CA ILE D 335 46.48 5.25 -19.75
C ILE D 335 46.13 4.00 -20.54
N ARG D 336 45.26 3.17 -19.96
CA ARG D 336 44.89 1.89 -20.52
C ARG D 336 43.49 1.88 -21.10
N ASN D 337 43.31 1.07 -22.14
CA ASN D 337 42.05 0.82 -22.83
C ASN D 337 41.39 2.04 -23.45
N PRO D 338 42.13 3.02 -23.99
CA PRO D 338 41.36 4.13 -24.56
C PRO D 338 40.92 3.83 -25.99
C1 NAG E . -6.50 18.48 34.12
C2 NAG E . -6.80 18.90 35.55
C3 NAG E . -8.29 18.70 35.81
C4 NAG E . -9.10 19.45 34.77
C5 NAG E . -8.69 18.99 33.38
C6 NAG E . -9.38 19.73 32.26
C7 NAG E . -5.29 18.70 37.47
C8 NAG E . -4.49 17.75 38.33
N2 NAG E . -6.00 18.13 36.48
O3 NAG E . -8.61 19.19 37.12
O4 NAG E . -10.49 19.28 35.00
O5 NAG E . -7.29 19.23 33.23
O6 NAG E . -9.18 21.13 32.36
O7 NAG E . -5.26 19.91 37.63
H1 NAG E . -6.70 17.53 34.02
H2 NAG E . -6.58 19.84 35.65
H3 NAG E . -8.50 17.74 35.78
H4 NAG E . -8.89 20.40 34.85
H5 NAG E . -8.86 18.03 33.29
H61 NAG E . -10.33 19.54 32.29
H62 NAG E . -9.02 19.42 31.41
H81 NAG E . -3.86 17.27 37.79
H82 NAG E . -5.10 17.12 38.76
H83 NAG E . -4.02 18.27 39.01
HN2 NAG E . -5.98 17.22 36.40
HO3 NAG E . -8.72 20.07 37.07
HO6 NAG E . -8.54 21.37 31.81
C1 NAG E . -11.07 20.58 35.38
C2 NAG E . -12.54 20.46 35.20
C3 NAG E . -13.16 21.81 35.45
C4 NAG E . -12.92 22.17 36.90
C5 NAG E . -11.43 22.18 37.20
C6 NAG E . -11.13 22.32 38.68
C7 NAG E . -12.92 18.62 33.63
C8 NAG E . -13.33 18.22 32.25
N2 NAG E . -12.90 19.94 33.88
O3 NAG E . -14.55 21.84 35.10
O4 NAG E . -13.51 23.43 37.20
O5 NAG E . -10.80 20.96 36.76
O6 NAG E . -11.30 21.11 39.39
O7 NAG E . -12.63 17.80 34.48
H1 NAG E . -10.73 21.27 34.79
H2 NAG E . -12.88 19.85 35.88
H3 NAG E . -12.70 22.46 34.89
H4 NAG E . -13.35 21.49 37.46
H5 NAG E . -11.02 22.94 36.72
H61 NAG E . -11.73 23.00 39.05
H62 NAG E . -10.21 22.62 38.78
H81 NAG E . -12.69 18.61 31.61
H82 NAG E . -14.23 18.55 32.07
H83 NAG E . -13.31 17.25 32.17
HN2 NAG E . -13.13 20.52 33.22
HO3 NAG E . -14.71 22.55 34.59
HO4 NAG E . -14.39 23.34 37.25
HO6 NAG E . -11.65 21.28 40.18
C1 NAG F . -48.77 15.38 -0.47
C2 NAG F . -49.10 15.61 0.98
C3 NAG F . -49.83 16.94 1.11
C4 NAG F . -48.99 18.04 0.47
C5 NAG F . -48.64 17.68 -0.95
C6 NAG F . -47.65 18.65 -1.56
C7 NAG F . -49.55 13.74 2.49
C8 NAG F . -50.53 12.68 2.92
N2 NAG F . -49.94 14.54 1.49
O3 NAG F . -50.05 17.23 2.48
O4 NAG F . -49.65 19.29 0.52
O5 NAG F . -47.97 16.42 -0.94
O6 NAG F . -46.58 18.77 -0.63
O7 NAG F . -48.46 13.85 3.01
H1 NAG F . -49.59 15.35 -0.99
H2 NAG F . -48.28 15.65 1.50
H3 NAG F . -50.69 16.89 0.64
H4 NAG F . -48.16 18.12 0.98
H5 NAG F . -49.44 17.63 -1.51
H61 NAG F . -48.08 19.51 -1.69
H62 NAG F . -47.32 18.30 -2.41
H81 NAG F . -50.73 12.08 2.16
H82 NAG F . -51.37 13.10 3.22
H83 NAG F . -50.16 12.16 3.65
HN2 NAG F . -50.77 14.41 1.13
HO3 NAG F . -49.32 17.60 2.83
HO4 NAG F . -49.29 19.80 1.16
C1 FUC F . -45.37 19.20 -1.26
C2 FUC F . -44.78 20.07 -0.17
C3 FUC F . -44.59 19.21 1.10
C4 FUC F . -43.74 17.96 0.77
C5 FUC F . -44.30 17.22 -0.45
C6 FUC F . -43.32 16.18 -0.94
O2 FUC F . -45.59 21.20 0.10
O3 FUC F . -43.90 19.94 2.11
O4 FUC F . -42.40 18.35 0.49
O5 FUC F . -44.56 18.10 -1.56
H1 FUC F . -45.55 19.75 -2.18
H2 FUC F . -43.80 20.43 -0.50
H3 FUC F . -45.57 18.87 1.47
H4 FUC F . -43.78 17.27 1.63
H5 FUC F . -45.25 16.75 -0.14
H61 FUC F . -42.38 16.65 -1.22
H62 FUC F . -43.73 15.66 -1.81
H63 FUC F . -43.12 15.45 -0.15
HO2 FUC F . -45.50 21.37 1.05
HO3 FUC F . -43.00 20.08 1.77
HO4 FUC F . -41.87 17.92 1.18
C1 NAG G . 11.22 -19.98 -26.78
C2 NAG G . 12.58 -20.62 -26.56
C3 NAG G . 13.55 -20.18 -27.67
C4 NAG G . 12.91 -20.27 -29.05
C5 NAG G . 11.52 -19.65 -29.08
C6 NAG G . 10.78 -19.93 -30.37
C7 NAG G . 13.29 -21.04 -24.24
C8 NAG G . 13.80 -20.39 -22.98
N2 NAG G . 13.07 -20.20 -25.26
O3 NAG G . 14.72 -20.99 -27.65
O4 NAG G . 13.72 -19.63 -30.03
O5 NAG G . 10.76 -20.28 -28.04
O6 NAG G . 10.71 -21.31 -30.63
O7 NAG G . 13.06 -22.22 -24.31
H1 NAG G . 11.30 -19.01 -26.68
H2 NAG G . 12.48 -21.59 -26.59
H3 NAG G . 13.82 -19.25 -27.50
H4 NAG G . 12.84 -21.21 -29.29
H5 NAG G . 11.58 -18.69 -28.92
H61 NAG G . 11.23 -19.48 -31.10
H62 NAG G . 9.87 -19.57 -30.30
H81 NAG G . 13.16 -19.73 -22.67
H82 NAG G . 14.66 -19.96 -23.16
H83 NAG G . 13.92 -21.08 -22.29
HN2 NAG G . 13.27 -19.32 -25.14
HO3 NAG G . 15.20 -20.83 -28.37
HO6 NAG G . 10.32 -21.72 -29.95
C1 NAG G . 14.04 -20.65 -31.02
C2 NAG G . 14.50 -19.92 -32.26
C3 NAG G . 14.71 -20.94 -33.38
C4 NAG G . 15.67 -22.02 -32.91
C5 NAG G . 15.19 -22.60 -31.57
C6 NAG G . 16.09 -23.66 -30.97
C7 NAG G . 13.55 -17.67 -32.17
C8 NAG G . 12.46 -16.76 -32.64
N2 NAG G . 13.52 -18.92 -32.66
O3 NAG G . 15.20 -20.29 -34.56
O4 NAG G . 15.70 -23.09 -33.85
O5 NAG G . 15.06 -21.55 -30.60
O6 NAG G . 15.35 -24.85 -30.72
O7 NAG G . 14.42 -17.30 -31.39
H1 NAG G . 13.23 -21.15 -31.24
H2 NAG G . 15.34 -19.48 -32.08
H3 NAG G . 13.85 -21.35 -33.60
H4 NAG G . 16.56 -21.65 -32.81
H5 NAG G . 14.31 -22.99 -31.70
H61 NAG G . 16.47 -23.34 -30.13
H62 NAG G . 16.81 -23.85 -31.59
H81 NAG G . 11.59 -17.13 -32.39
H82 NAG G . 12.50 -16.67 -33.62
H83 NAG G . 12.57 -15.88 -32.23
HN2 NAG G . 12.84 -19.16 -33.22
HO3 NAG G . 14.52 -20.13 -35.11
HO4 NAG G . 16.53 -23.17 -34.17
HO6 NAG G . 14.54 -24.63 -30.44
C1 NAG H . 4.86 9.41 -5.26
C2 NAG H . 5.44 9.99 -6.52
C3 NAG H . 6.40 11.12 -6.13
C4 NAG H . 5.69 12.12 -5.24
C5 NAG H . 4.97 11.45 -4.08
C6 NAG H . 4.04 12.40 -3.36
C7 NAG H . 5.86 8.70 -8.56
C8 NAG H . 6.68 7.63 -9.22
N2 NAG H . 6.15 8.98 -7.29
O3 NAG H . 6.86 11.77 -7.31
O4 NAG H . 6.64 13.05 -4.70
O5 NAG H . 4.14 10.39 -4.58
O6 NAG H . 3.16 12.97 -4.33
O7 NAG H . 4.96 9.29 -9.14
H1 NAG H . 5.59 9.09 -4.69
H2 NAG H . 4.72 10.36 -7.06
H3 NAG H . 7.16 10.74 -5.66
H4 NAG H . 5.04 12.63 -5.77
H5 NAG H . 5.61 11.08 -3.45
H61 NAG H . 4.56 13.10 -2.93
H62 NAG H . 3.52 11.91 -2.70
H81 NAG H . 6.56 6.79 -8.74
H82 NAG H . 7.62 7.89 -9.21
H83 NAG H . 6.38 7.52 -10.15
HN2 NAG H . 6.82 8.51 -6.89
HO3 NAG H . 7.14 12.58 -7.10
C1 NAG H . 6.36 14.46 -5.00
C2 NAG H . 7.14 15.36 -4.09
C3 NAG H . 6.80 16.79 -4.38
C4 NAG H . 7.10 17.10 -5.84
C5 NAG H . 6.49 16.05 -6.79
C6 NAG H . 7.09 16.12 -8.18
C7 NAG H . 7.86 14.47 -1.93
C8 NAG H . 7.52 14.29 -0.47
N2 NAG H . 6.92 15.07 -2.68
O3 NAG H . 7.52 17.66 -3.51
O4 NAG H . 6.52 18.36 -6.15
O5 NAG H . 6.72 14.70 -6.32
O6 NAG H . 6.72 15.01 -8.98
O7 NAG H . 8.93 14.10 -2.39
H1 NAG H . 5.40 14.64 -4.89
H2 NAG H . 8.08 15.24 -4.28
H3 NAG H . 5.83 16.92 -4.23
H4 NAG H . 8.06 17.14 -5.97
H5 NAG H . 5.53 16.20 -6.85
H61 NAG H . 8.06 16.16 -8.10
H62 NAG H . 6.77 16.94 -8.61
H81 NAG H . 6.72 13.73 -0.39
H82 NAG H . 7.36 15.16 -0.07
H83 NAG H . 8.26 13.85 -0.02
HN2 NAG H . 6.15 15.34 -2.27
HO3 NAG H . 7.54 17.29 -2.70
HO4 NAG H . 7.17 18.91 -6.43
HO6 NAG H . 5.83 14.95 -9.02
C1 FUC H . 2.10 13.73 -3.72
C2 FUC H . 1.01 13.90 -4.78
C3 FUC H . 0.68 12.52 -5.36
C4 FUC H . 0.08 11.70 -4.22
C5 FUC H . 0.95 11.76 -2.91
C6 FUC H . 0.15 11.48 -1.67
O2 FUC H . 1.37 14.84 -5.79
O3 FUC H . -0.31 12.63 -6.38
O4 FUC H . -1.23 12.17 -3.96
O5 FUC H . 1.61 13.04 -2.62
H1 FUC H . 2.47 14.70 -3.35
H2 FUC H . 0.11 14.29 -4.29
H3 FUC H . 1.59 12.04 -5.73
H4 FUC H . 0.04 10.63 -4.54
H5 FUC H . 1.74 10.99 -3.03
H61 FUC H . 0.80 11.54 -0.78
H62 FUC H . -0.30 10.49 -1.72
H63 FUC H . -0.66 12.21 -1.57
HO2 FUC H . 1.94 15.48 -5.36
HO3 FUC H . -1.02 13.17 -5.99
HO4 FUC H . -1.63 11.51 -3.38
C1 NAG I . -11.54 -15.76 10.95
C2 NAG I . -10.64 -16.85 10.37
C3 NAG I . -10.87 -16.97 8.87
C4 NAG I . -12.35 -17.15 8.57
C5 NAG I . -13.15 -16.02 9.20
C6 NAG I . -14.63 -16.20 9.07
C7 NAG I . -8.59 -16.96 11.73
C8 NAG I . -7.12 -16.61 11.79
N2 NAG I . -9.24 -16.57 10.63
O3 NAG I . -10.14 -18.07 8.35
O4 NAG I . -12.58 -17.20 7.18
O5 NAG I . -12.88 -16.01 10.60
O6 NAG I . -15.14 -16.94 10.18
O7 NAG I . -9.14 -17.58 12.62
H1 NAG I . -11.27 -14.89 10.59
H2 NAG I . -10.88 -17.70 10.79
H3 NAG I . -10.56 -16.15 8.42
H4 NAG I . -12.64 -17.99 8.96
H5 NAG I . -12.88 -15.17 8.80
H61 NAG I . -14.83 -16.69 8.25
H62 NAG I . -15.07 -15.33 9.04
H81 NAG I . -6.66 -17.03 11.03
H82 NAG I . -6.75 -16.95 12.62
H83 NAG I . -7.02 -15.65 11.74
HN2 NAG I . -8.76 -16.13 9.99
HO3 NAG I . -9.31 -18.05 8.66
HO4 NAG I . -12.46 -18.03 6.89
HO6 NAG I . -14.57 -17.58 10.39
CL CL J . 0.66 -7.42 10.17
CL CL K . 0.53 20.18 19.70
CL CL L . -16.71 -0.50 25.80
CL CL M . -22.09 -0.66 8.80
CL CL N . 2.33 18.30 10.28
C1 NAG O . -63.20 -17.21 7.18
C2 NAG O . -64.65 -17.31 6.79
C3 NAG O . -65.50 -16.95 8.00
C4 NAG O . -65.15 -17.88 9.16
C5 NAG O . -63.67 -17.78 9.47
C6 NAG O . -63.24 -18.80 10.50
C7 NAG O . -65.56 -16.89 4.54
C8 NAG O . -65.94 -15.83 3.54
N2 NAG O . -65.01 -16.44 5.68
O3 NAG O . -66.88 -17.06 7.65
O4 NAG O . -65.94 -17.57 10.29
O5 NAG O . -62.94 -18.09 8.28
O6 NAG O . -63.35 -20.11 9.99
O7 NAG O . -65.72 -18.07 4.34
H1 NAG O . -63.00 -16.29 7.45
H2 NAG O . -64.85 -18.24 6.54
H3 NAG O . -65.31 -16.04 8.26
H4 NAG O . -65.35 -18.79 8.88
H5 NAG O . -63.45 -16.88 9.77
H61 NAG O . -63.79 -18.70 11.29
H62 NAG O . -62.30 -18.62 10.75
H81 NAG O . -65.15 -15.32 3.28
H82 NAG O . -66.60 -15.24 3.94
H83 NAG O . -66.33 -16.26 2.76
HN2 NAG O . -64.94 -15.54 5.80
HO3 NAG O . -67.13 -17.92 7.67
HO4 NAG O . -66.77 -17.41 10.04
HO6 NAG O . -62.81 -20.65 10.44
C1 NAG P . -41.94 13.67 25.02
C2 NAG P . -40.76 14.59 24.83
C3 NAG P . -39.59 14.07 25.66
C4 NAG P . -40.02 14.05 27.12
C5 NAG P . -41.28 13.23 27.34
C6 NAG P . -41.85 13.44 28.72
C7 NAG P . -41.14 15.34 22.51
C8 NAG P . -40.57 15.44 21.14
N2 NAG P . -40.37 14.74 23.43
O3 NAG P . -38.48 14.92 25.52
O4 NAG P . -38.96 13.55 27.92
O5 NAG P . -42.31 13.62 26.41
O6 NAG P . -42.75 14.54 28.72
O7 NAG P . -42.25 15.78 22.78
H1 NAG P . -41.70 12.76 24.72
H2 NAG P . -41.01 15.47 25.18
H3 NAG P . -39.36 13.17 25.38
H4 NAG P . -40.20 14.97 27.39
H5 NAG P . -41.08 12.28 27.21
H61 NAG P . -41.12 13.62 29.35
H62 NAG P . -42.33 12.64 28.99
H81 NAG P . -41.20 15.88 20.55
H82 NAG P . -40.38 14.55 20.80
H83 NAG P . -39.74 15.95 21.18
HN2 NAG P . -39.55 14.45 23.18
HO3 NAG P . -38.73 15.76 25.68
HO4 NAG P . -38.32 14.16 27.99
HO6 NAG P . -42.72 14.94 29.50
CL CL Q . -36.34 5.90 13.40
CL CL R . -47.45 -20.71 7.56
CL CL S . -58.92 0.23 21.49
CL CL T . -24.11 -5.18 5.94
CL CL U . -47.77 -6.84 35.60
CL CL V . -47.44 -25.58 5.47
CL CL W . -35.81 4.35 28.40
CL CL X . -25.14 -13.71 5.11
CL CL Y . -37.97 -19.83 10.05
CL CL Z . -30.90 -13.49 -20.15
CL CL AA . -41.87 7.82 3.26
CL CL BA . -29.57 4.19 10.97
C1 NAG CA . -0.33 19.71 -27.84
C2 NAG CA . -1.25 20.71 -27.13
C3 NAG CA . -2.47 20.99 -28.00
C4 NAG CA . -2.02 21.43 -29.38
C5 NAG CA . -1.08 20.42 -30.00
C6 NAG CA . -0.53 20.85 -31.34
C7 NAG CA . -0.87 20.25 -24.72
C8 NAG CA . -1.52 19.79 -23.45
N2 NAG CA . -1.66 20.25 -25.82
O3 NAG CA . -3.29 21.97 -27.39
O4 NAG CA . -3.16 21.59 -30.22
O5 NAG CA . 0.02 20.22 -29.12
O6 NAG CA . 0.38 21.93 -31.21
O7 NAG CA . 0.28 20.61 -24.77
H1 NAG CA . -0.80 18.87 -27.95
H2 NAG CA . -0.76 21.55 -27.02
H3 NAG CA . -2.98 20.16 -28.08
H4 NAG CA . -1.57 22.29 -29.31
H5 NAG CA . -1.57 19.57 -30.10
H61 NAG CA . -1.27 21.11 -31.92
H62 NAG CA . -0.07 20.10 -31.75
H81 NAG CA . -2.28 20.38 -23.24
H82 NAG CA . -0.87 19.84 -22.72
H83 NAG CA . -1.84 18.88 -23.55
HN2 NAG CA . -2.53 20.00 -25.71
HO3 NAG CA . -3.43 21.76 -26.54
HO4 NAG CA . -3.39 22.45 -30.26
HO6 NAG CA . 0.74 21.91 -30.41
CL CL DA . -8.29 9.64 -20.71
CL CL EA . 12.62 2.45 -31.73
CL CL FA . -0.06 9.63 -42.34
CL CL GA . -4.84 -18.70 -27.09
CL CL HA . -24.50 -8.22 -20.77
CL CL IA . -5.55 -22.47 -27.79
CL CL JA . -3.01 5.47 -11.25
C1 NAG KA . 58.08 21.80 -14.49
C2 NAG KA . 58.56 22.15 -15.89
C3 NAG KA . 59.98 21.67 -16.03
C4 NAG KA . 60.84 22.43 -15.06
C5 NAG KA . 60.41 22.06 -13.65
C6 NAG KA . 61.18 22.81 -12.57
C7 NAG KA . 57.14 22.37 -17.86
C8 NAG KA . 56.38 21.65 -18.94
N2 NAG KA . 57.73 21.60 -16.95
O3 NAG KA . 60.43 21.82 -17.38
O4 NAG KA . 62.22 22.13 -15.27
O5 NAG KA . 59.01 22.40 -13.50
O6 NAG KA . 60.35 23.74 -11.91
O7 NAG KA . 57.21 23.58 -17.82
H1 NAG KA . 58.08 20.83 -14.39
H2 NAG KA . 58.56 23.13 -15.98
H3 NAG KA . 60.02 20.72 -15.81
H4 NAG KA . 60.71 23.38 -15.19
H5 NAG KA . 60.53 21.10 -13.52
H61 NAG KA . 61.92 23.27 -12.98
H62 NAG KA . 61.52 22.17 -11.93
H81 NAG KA . 55.68 21.11 -18.54
H82 NAG KA . 56.99 21.07 -19.44
H83 NAG KA . 55.99 22.31 -19.56
HN2 NAG KA . 57.68 20.69 -17.03
HO3 NAG KA . 59.92 21.33 -17.91
HO6 NAG KA . 59.87 24.20 -12.51
CL CL LA . 44.80 -9.04 -2.25
CL CL MA . 39.38 -9.19 2.86
CL CL NA . 68.08 -8.34 0.72
CL CL OA . 17.52 18.58 -1.17
#